data_2CE9
#
_entry.id   2CE9
#
_cell.length_a   107.810
_cell.length_b   56.478
_cell.length_c   126.642
_cell.angle_alpha   90.00
_cell.angle_beta   112.68
_cell.angle_gamma   90.00
#
_symmetry.space_group_name_H-M   'P 1 21 1'
#
loop_
_entity.id
_entity.type
_entity.pdbx_description
1 polymer 'TRANSDUCIN-LIKE ENHANCER PROTEIN 1'
2 polymer 'WRPW PEPTIDE'
3 water water
#
loop_
_entity_poly.entity_id
_entity_poly.type
_entity_poly.pdbx_seq_one_letter_code
_entity_poly.pdbx_strand_id
1 'polypeptide(L)'
;DYFQGAMGSKPAYSFHVTADGQMQPVPFPPDALIGPGIPRHARQINTLNHGEVVCAVTISNPTRHVYTGGKGCVKVWDIS
HPGNKSPVSQLDCLNRDNYIRSCKLLPDGCTLIVGGEASTLSIWDLAAPTPRIKAELTSSAPACYALAISPDSKVCFSCC
SDGNIAVWDLHNQTLVRQFQGHTDGASCIDISNDGTKLWTGGLDNTVRSWDLREGRQLQQHDFTSQIFSLGYCPTGEWLA
VGMESSNVEVLHVNKPDKYQLHLHESCVLSLKFAYCGKWFVSTGKDNLLNAWRTPYGASIFQSKESSSVLSCDISVDDKY
IVTGSGDKKATVYEVIY
;
A,B,C,D
2 'polypeptide(L)' MWRPW X,Y
#
# COMPACT_ATOMS: atom_id res chain seq x y z
N ASP A 1 45.68 -15.32 13.43
CA ASP A 1 46.12 -15.14 12.02
C ASP A 1 45.65 -13.78 11.50
N TYR A 2 46.20 -13.34 10.36
CA TYR A 2 45.63 -12.22 9.65
C TYR A 2 44.27 -12.68 9.08
N PHE A 3 43.27 -11.83 9.25
CA PHE A 3 41.95 -11.96 8.63
C PHE A 3 41.82 -10.88 7.53
N GLN A 4 41.00 -11.18 6.51
CA GLN A 4 40.68 -10.24 5.44
C GLN A 4 39.17 -10.12 5.40
N GLY A 5 38.69 -8.92 5.10
CA GLY A 5 37.29 -8.68 4.74
C GLY A 5 36.77 -9.62 3.68
N ALA A 6 35.47 -9.90 3.73
CA ALA A 6 34.78 -10.72 2.72
C ALA A 6 33.35 -10.24 2.83
N MET A 7 32.79 -9.74 1.73
CA MET A 7 31.53 -9.04 1.82
C MET A 7 30.37 -10.05 1.84
N GLY A 8 29.33 -9.78 2.65
CA GLY A 8 28.11 -10.58 2.60
C GLY A 8 26.98 -9.65 2.33
N SER A 9 25.77 -10.20 2.31
CA SER A 9 24.60 -9.41 2.00
C SER A 9 23.40 -10.04 2.64
N LYS A 10 22.37 -9.23 2.86
CA LYS A 10 21.15 -9.75 3.48
C LYS A 10 19.98 -9.07 2.84
N PRO A 11 18.75 -9.66 2.99
CA PRO A 11 17.57 -8.83 2.67
C PRO A 11 17.68 -7.55 3.46
N ALA A 12 17.17 -6.45 2.92
CA ALA A 12 17.32 -5.17 3.54
C ALA A 12 16.91 -5.25 5.02
N TYR A 13 17.81 -4.77 5.91
CA TYR A 13 17.58 -4.78 7.37
C TYR A 13 17.61 -3.35 7.99
N SER A 14 18.06 -2.36 7.22
CA SER A 14 18.17 -1.03 7.73
C SER A 14 17.31 -0.04 6.91
N PHE A 15 16.47 0.70 7.61
CA PHE A 15 15.42 1.50 7.01
C PHE A 15 15.45 2.88 7.59
N HIS A 16 15.26 3.85 6.72
CA HIS A 16 15.13 5.22 7.11
C HIS A 16 13.65 5.59 7.06
N VAL A 17 13.15 6.15 8.17
CA VAL A 17 11.76 6.54 8.31
C VAL A 17 11.74 8.05 8.32
N THR A 18 11.02 8.66 7.38
CA THR A 18 10.89 10.13 7.32
C THR A 18 9.69 10.64 8.09
N ALA A 19 9.62 11.96 8.26
CA ALA A 19 8.46 12.64 8.85
C ALA A 19 7.09 12.01 8.45
N ASP A 20 6.94 11.63 7.15
CA ASP A 20 5.71 10.98 6.57
C ASP A 20 5.16 9.77 7.37
N GLY A 21 5.96 8.78 7.74
CA GLY A 21 7.04 8.20 6.93
C GLY A 21 6.60 6.75 6.72
N GLN A 22 6.68 6.21 5.51
CA GLN A 22 7.77 6.40 4.55
C GLN A 22 9.04 5.82 5.16
N MET A 23 9.22 4.52 4.90
CA MET A 23 10.37 3.69 5.24
C MET A 23 11.00 3.32 3.92
N GLN A 24 12.24 3.72 3.73
CA GLN A 24 12.99 3.27 2.58
C GLN A 24 14.23 2.55 3.09
N PRO A 25 14.61 1.44 2.41
CA PRO A 25 15.91 0.82 2.78
C PRO A 25 16.99 1.87 2.59
N VAL A 26 18.04 1.82 3.41
CA VAL A 26 19.12 2.78 3.33
C VAL A 26 20.11 2.42 2.22
N PRO A 27 20.41 3.40 1.33
CA PRO A 27 21.55 3.17 0.43
C PRO A 27 22.84 3.56 1.15
N PHE A 28 23.73 2.59 1.38
CA PHE A 28 24.85 2.84 2.27
C PHE A 28 25.88 3.69 1.55
N PRO A 29 26.37 4.75 2.19
CA PRO A 29 27.49 5.44 1.54
C PRO A 29 28.80 4.61 1.47
N PRO A 30 29.78 5.05 0.66
CA PRO A 30 31.01 4.28 0.51
C PRO A 30 31.75 3.92 1.81
N ASP A 31 31.55 4.72 2.86
CA ASP A 31 32.30 4.47 4.09
C ASP A 31 31.41 3.85 5.16
N ALA A 32 30.28 3.25 4.74
CA ALA A 32 29.37 2.50 5.64
C ALA A 32 30.04 1.28 6.32
N LEU A 33 30.78 0.48 5.54
CA LEU A 33 31.26 -0.80 6.07
C LEU A 33 32.73 -0.87 6.25
N ILE A 34 33.42 0.22 5.90
CA ILE A 34 34.87 0.22 5.88
C ILE A 34 35.39 1.66 5.96
N GLY A 35 36.49 1.88 6.66
CA GLY A 35 37.00 3.24 6.84
C GLY A 35 37.79 3.45 8.11
N PRO A 36 38.46 4.61 8.25
CA PRO A 36 39.28 4.86 9.48
C PRO A 36 38.42 4.80 10.75
N GLY A 37 38.83 4.03 11.74
CA GLY A 37 38.03 3.84 12.95
C GLY A 37 36.84 2.89 12.85
N ILE A 38 36.66 2.27 11.68
CA ILE A 38 35.60 1.30 11.46
C ILE A 38 36.27 -0.09 11.60
N PRO A 39 35.77 -0.92 12.54
CA PRO A 39 36.35 -2.23 12.79
C PRO A 39 36.28 -3.11 11.56
N ARG A 40 37.28 -3.96 11.38
CA ARG A 40 37.24 -4.98 10.32
C ARG A 40 36.60 -6.26 10.84
N HIS A 41 36.88 -6.59 12.11
CA HIS A 41 36.29 -7.74 12.72
C HIS A 41 36.62 -7.72 14.22
N ALA A 42 36.04 -8.66 14.96
CA ALA A 42 36.39 -8.76 16.36
C ALA A 42 36.79 -10.20 16.74
N ARG A 43 37.85 -10.33 17.54
CA ARG A 43 38.31 -11.66 17.91
C ARG A 43 38.22 -11.93 19.41
N GLN A 44 37.62 -13.08 19.73
CA GLN A 44 37.44 -13.45 21.11
C GLN A 44 38.83 -13.77 21.72
N ILE A 45 39.13 -13.17 22.85
CA ILE A 45 40.47 -13.32 23.41
C ILE A 45 40.45 -13.86 24.86
N ASN A 46 39.33 -13.75 25.56
CA ASN A 46 39.20 -14.34 26.92
C ASN A 46 37.75 -14.66 27.18
N THR A 47 37.58 -15.59 28.14
CA THR A 47 36.30 -16.02 28.68
C THR A 47 36.48 -15.92 30.19
N LEU A 48 35.59 -15.22 30.87
CA LEU A 48 35.71 -15.02 32.32
C LEU A 48 34.60 -15.87 33.00
N ASN A 49 34.99 -16.91 33.71
CA ASN A 49 34.00 -17.94 34.14
C ASN A 49 33.35 -17.54 35.47
N HIS A 50 32.48 -16.50 35.40
CA HIS A 50 31.80 -15.98 36.59
C HIS A 50 31.00 -17.05 37.35
N GLY A 51 30.30 -17.87 36.59
CA GLY A 51 29.55 -19.00 37.21
C GLY A 51 28.12 -18.61 37.56
N GLU A 52 27.77 -17.33 37.34
CA GLU A 52 26.37 -16.89 37.41
C GLU A 52 26.09 -16.04 36.18
N VAL A 53 24.83 -15.86 35.81
CA VAL A 53 24.56 -15.02 34.63
C VAL A 53 25.09 -13.62 34.87
N VAL A 54 25.72 -13.04 33.84
CA VAL A 54 26.48 -11.78 33.98
C VAL A 54 25.63 -10.64 33.45
N CYS A 55 24.97 -9.95 34.38
CA CYS A 55 24.02 -8.93 34.04
C CYS A 55 24.67 -7.60 33.78
N ALA A 56 25.91 -7.44 34.21
CA ALA A 56 26.61 -6.16 34.05
C ALA A 56 28.09 -6.45 33.82
N VAL A 57 28.71 -5.70 32.90
CA VAL A 57 30.15 -5.79 32.68
C VAL A 57 30.75 -4.37 32.53
N THR A 58 31.95 -4.15 33.05
CA THR A 58 32.71 -2.92 32.84
C THR A 58 34.19 -3.21 32.68
N ILE A 59 34.88 -2.44 31.87
CA ILE A 59 36.30 -2.64 31.67
C ILE A 59 36.98 -1.51 32.36
N SER A 60 38.09 -1.76 33.07
CA SER A 60 38.86 -0.66 33.71
C SER A 60 39.45 0.33 32.71
N ASN A 61 39.83 1.51 33.18
CA ASN A 61 40.70 2.43 32.41
C ASN A 61 41.94 2.86 33.24
N PRO A 62 43.17 2.50 32.81
CA PRO A 62 43.52 1.79 31.56
C PRO A 62 42.89 0.43 31.57
N THR A 63 42.75 -0.17 30.40
CA THR A 63 42.21 -1.53 30.30
C THR A 63 43.25 -2.43 30.96
N ARG A 64 42.79 -3.30 31.86
CA ARG A 64 43.66 -4.19 32.65
C ARG A 64 42.75 -5.22 33.38
N HIS A 65 41.70 -4.71 34.01
CA HIS A 65 40.72 -5.50 34.73
C HIS A 65 39.36 -5.37 34.05
N VAL A 66 38.57 -6.42 34.21
CA VAL A 66 37.15 -6.44 33.87
C VAL A 66 36.32 -6.74 35.14
N TYR A 67 35.20 -6.05 35.30
CA TYR A 67 34.29 -6.29 36.38
C TYR A 67 33.07 -6.94 35.80
N THR A 68 32.68 -8.09 36.39
CA THR A 68 31.50 -8.79 35.99
C THR A 68 30.54 -8.85 37.17
N GLY A 69 29.32 -8.39 36.92
CA GLY A 69 28.25 -8.46 37.90
C GLY A 69 27.37 -9.68 37.78
N GLY A 70 27.39 -10.53 38.77
CA GLY A 70 26.57 -11.77 38.75
C GLY A 70 25.59 -11.78 39.92
N LYS A 71 25.46 -12.92 40.59
CA LYS A 71 24.61 -13.03 41.77
C LYS A 71 25.42 -12.70 43.00
N GLY A 72 24.96 -11.72 43.76
CA GLY A 72 25.59 -11.36 45.06
C GLY A 72 26.81 -10.47 44.94
N CYS A 73 27.61 -10.68 43.89
CA CYS A 73 28.96 -10.08 43.83
C CYS A 73 29.40 -9.62 42.45
N VAL A 74 30.36 -8.70 42.47
CA VAL A 74 31.16 -8.37 41.34
C VAL A 74 32.53 -9.08 41.41
N LYS A 75 32.92 -9.73 40.32
CA LYS A 75 34.23 -10.37 40.27
C LYS A 75 35.16 -9.51 39.45
N VAL A 76 36.43 -9.44 39.84
CA VAL A 76 37.42 -8.61 39.21
C VAL A 76 38.42 -9.57 38.57
N TRP A 77 38.65 -9.42 37.26
CA TRP A 77 39.48 -10.31 36.48
C TRP A 77 40.60 -9.46 35.88
N ASP A 78 41.83 -9.92 36.03
CA ASP A 78 43.02 -9.31 35.43
C ASP A 78 43.23 -9.94 34.06
N ILE A 79 42.79 -9.25 33.01
CA ILE A 79 42.92 -9.74 31.66
C ILE A 79 44.32 -9.40 31.08
N SER A 80 45.16 -8.70 31.82
CA SER A 80 46.48 -8.36 31.35
C SER A 80 47.42 -9.57 31.58
N HIS A 81 47.03 -10.44 32.51
CA HIS A 81 47.68 -11.74 32.71
C HIS A 81 46.83 -12.83 32.08
N PRO A 82 47.29 -13.31 30.89
CA PRO A 82 46.70 -14.31 29.96
C PRO A 82 46.22 -15.64 30.60
N GLY A 83 47.07 -16.27 31.42
CA GLY A 83 46.72 -17.57 32.04
C GLY A 83 45.66 -17.64 33.15
N ASN A 84 45.32 -16.48 33.75
CA ASN A 84 44.42 -16.44 34.92
C ASN A 84 43.10 -17.10 34.54
N LYS A 85 42.65 -18.05 35.35
CA LYS A 85 41.34 -18.62 35.07
C LYS A 85 40.33 -18.21 36.15
N SER A 86 40.78 -17.43 37.12
CA SER A 86 39.96 -17.07 38.27
C SER A 86 40.03 -15.53 38.57
N PRO A 87 39.02 -14.97 39.28
CA PRO A 87 39.12 -13.56 39.59
C PRO A 87 40.31 -13.26 40.46
N VAL A 88 40.74 -12.01 40.44
CA VAL A 88 41.79 -11.55 41.35
C VAL A 88 41.13 -10.96 42.63
N SER A 89 39.86 -10.61 42.55
CA SER A 89 39.10 -10.28 43.74
C SER A 89 37.64 -10.38 43.48
N GLN A 90 36.89 -10.28 44.58
CA GLN A 90 35.47 -10.35 44.56
C GLN A 90 34.87 -9.29 45.47
N LEU A 91 33.90 -8.56 44.94
CA LEU A 91 33.22 -7.50 45.68
C LEU A 91 31.82 -8.00 46.08
N ASP A 92 31.63 -8.35 47.35
CA ASP A 92 30.32 -8.85 47.82
C ASP A 92 29.39 -7.70 48.13
N CYS A 93 28.34 -7.55 47.33
CA CYS A 93 27.55 -6.34 47.24
C CYS A 93 26.12 -6.49 47.79
N LEU A 94 25.47 -7.62 47.54
CA LEU A 94 24.05 -7.75 47.97
C LEU A 94 23.72 -9.20 48.21
N ASN A 95 22.50 -9.47 48.67
CA ASN A 95 22.04 -10.82 48.99
C ASN A 95 22.48 -11.77 47.90
N ARG A 96 23.08 -12.89 48.33
CA ARG A 96 23.62 -13.92 47.44
C ARG A 96 22.62 -14.46 46.42
N ASP A 97 21.31 -14.27 46.68
CA ASP A 97 20.23 -14.72 45.78
C ASP A 97 19.84 -13.64 44.75
N ASN A 98 20.34 -12.42 44.97
CA ASN A 98 19.98 -11.25 44.14
C ASN A 98 21.06 -10.80 43.17
N TYR A 99 20.63 -10.31 42.02
CA TYR A 99 21.58 -9.95 41.01
C TYR A 99 22.05 -8.49 41.10
N ILE A 100 23.34 -8.34 40.90
CA ILE A 100 23.90 -7.08 40.45
C ILE A 100 23.28 -6.83 39.09
N ARG A 101 22.83 -5.60 38.84
CA ARG A 101 22.26 -5.22 37.54
C ARG A 101 23.06 -4.16 36.77
N SER A 102 23.92 -3.42 37.44
CA SER A 102 24.67 -2.33 36.79
C SER A 102 25.94 -2.05 37.62
N CYS A 103 27.06 -1.87 36.94
CA CYS A 103 28.19 -1.28 37.64
C CYS A 103 28.92 -0.27 36.79
N LYS A 104 29.34 0.81 37.43
CA LYS A 104 30.01 1.88 36.70
C LYS A 104 31.27 2.38 37.41
N LEU A 105 32.29 2.66 36.61
CA LEU A 105 33.51 3.29 37.10
C LEU A 105 33.35 4.79 37.06
N LEU A 106 33.91 5.49 38.05
CA LEU A 106 34.06 6.94 37.94
C LEU A 106 35.10 7.22 36.87
N PRO A 107 34.95 8.38 36.18
CA PRO A 107 35.81 8.79 35.07
C PRO A 107 37.29 8.57 35.35
N ASP A 108 37.71 8.75 36.59
CA ASP A 108 39.11 8.58 36.96
C ASP A 108 39.54 7.16 37.38
N GLY A 109 38.62 6.18 37.38
CA GLY A 109 38.97 4.75 37.55
C GLY A 109 39.20 4.23 38.95
N CYS A 110 39.08 5.13 39.92
CA CYS A 110 39.40 4.76 41.29
C CYS A 110 38.24 4.25 42.12
N THR A 111 37.03 4.42 41.61
CA THR A 111 35.84 3.98 42.34
C THR A 111 34.81 3.33 41.41
N LEU A 112 34.14 2.29 41.92
CA LEU A 112 33.06 1.59 41.22
C LEU A 112 31.78 1.73 42.03
N ILE A 113 30.69 2.04 41.33
CA ILE A 113 29.37 2.10 41.94
C ILE A 113 28.56 0.91 41.41
N VAL A 114 27.91 0.19 42.33
CA VAL A 114 27.25 -1.06 41.99
C VAL A 114 25.78 -0.97 42.41
N GLY A 115 24.87 -1.32 41.51
CA GLY A 115 23.45 -1.40 41.84
C GLY A 115 22.83 -2.67 41.33
N GLY A 116 21.70 -3.03 41.91
CA GLY A 116 21.10 -4.32 41.57
C GLY A 116 19.73 -4.52 42.23
N GLU A 117 19.34 -5.78 42.38
CA GLU A 117 18.07 -6.14 42.96
C GLU A 117 18.12 -5.99 44.49
N ALA A 118 18.31 -4.76 44.94
CA ALA A 118 18.30 -4.36 46.34
C ALA A 118 18.12 -2.84 46.37
N SER A 119 17.76 -2.30 47.53
CA SER A 119 17.58 -0.85 47.67
C SER A 119 18.87 -0.05 47.96
N THR A 120 20.01 -0.72 48.11
CA THR A 120 21.28 0.01 48.29
C THR A 120 22.26 -0.11 47.07
N LEU A 121 22.85 1.03 46.74
CA LEU A 121 23.96 1.10 45.80
C LEU A 121 25.23 1.18 46.61
N SER A 122 26.21 0.31 46.33
CA SER A 122 27.47 0.37 47.04
C SER A 122 28.53 1.11 46.21
N ILE A 123 29.35 1.84 46.94
CA ILE A 123 30.41 2.62 46.35
C ILE A 123 31.73 2.06 46.82
N TRP A 124 32.60 1.63 45.89
CA TRP A 124 33.86 0.87 46.19
C TRP A 124 35.10 1.65 45.82
N ASP A 125 35.99 1.80 46.80
CA ASP A 125 37.30 2.40 46.62
C ASP A 125 38.18 1.29 45.99
N LEU A 126 38.72 1.58 44.81
CA LEU A 126 39.53 0.56 44.11
C LEU A 126 41.05 0.68 44.34
N ALA A 127 41.49 1.81 44.92
CA ALA A 127 42.88 1.98 45.38
C ALA A 127 43.25 1.02 46.53
N ALA A 128 42.44 1.00 47.59
CA ALA A 128 42.76 0.20 48.80
C ALA A 128 43.11 -1.28 48.46
N PRO A 129 44.30 -1.79 48.93
CA PRO A 129 44.93 -3.09 48.56
C PRO A 129 43.93 -4.13 48.04
N THR A 130 43.24 -4.80 48.99
CA THR A 130 41.96 -5.45 48.71
C THR A 130 40.82 -4.38 48.62
N PRO A 131 40.16 -4.22 47.43
CA PRO A 131 38.98 -3.33 47.23
C PRO A 131 37.96 -3.32 48.39
N ARG A 132 37.47 -2.14 48.79
CA ARG A 132 36.55 -2.07 49.93
C ARG A 132 35.46 -1.01 49.79
N ILE A 133 34.33 -1.24 50.46
CA ILE A 133 33.18 -0.35 50.38
C ILE A 133 33.53 0.94 51.11
N LYS A 134 33.45 2.04 50.35
CA LYS A 134 33.67 3.43 50.78
C LYS A 134 32.39 4.00 51.40
N ALA A 135 31.23 3.71 50.78
CA ALA A 135 29.93 4.35 51.12
C ALA A 135 28.76 3.56 50.53
N GLU A 136 27.55 3.83 51.01
CA GLU A 136 26.33 3.34 50.40
C GLU A 136 25.29 4.42 50.13
N LEU A 137 24.53 4.22 49.07
CA LEU A 137 23.40 5.10 48.76
C LEU A 137 22.17 4.21 48.96
N THR A 138 21.28 4.63 49.85
CA THR A 138 20.13 3.78 50.19
C THR A 138 18.88 4.41 49.63
N SER A 139 18.42 3.84 48.53
CA SER A 139 17.18 4.26 47.90
C SER A 139 15.97 3.69 48.70
N SER A 140 14.78 4.27 48.47
CA SER A 140 13.50 3.65 48.87
C SER A 140 12.83 2.83 47.74
N ALA A 141 13.42 2.81 46.56
CA ALA A 141 12.93 1.89 45.51
C ALA A 141 13.58 0.54 45.80
N PRO A 142 12.88 -0.57 45.54
CA PRO A 142 13.37 -1.93 45.77
C PRO A 142 14.56 -2.35 44.95
N ALA A 143 14.67 -1.92 43.68
CA ALA A 143 15.80 -2.32 42.81
C ALA A 143 16.32 -1.15 41.99
N CYS A 144 17.60 -1.24 41.64
CA CYS A 144 18.20 -0.43 40.58
C CYS A 144 18.41 -1.27 39.30
N TYR A 145 18.00 -0.78 38.13
CA TYR A 145 18.16 -1.56 36.90
C TYR A 145 19.29 -1.08 35.98
N ALA A 146 19.71 0.16 36.17
CA ALA A 146 20.73 0.80 35.36
C ALA A 146 21.30 1.99 36.17
N LEU A 147 22.62 2.22 36.04
CA LEU A 147 23.33 3.43 36.60
C LEU A 147 23.97 4.23 35.48
N ALA A 148 24.17 5.50 35.71
CA ALA A 148 24.99 6.41 34.87
C ALA A 148 25.72 7.36 35.80
N ILE A 149 26.96 7.73 35.48
CA ILE A 149 27.69 8.72 36.31
C ILE A 149 27.80 10.00 35.49
N SER A 150 27.63 11.18 36.09
CA SER A 150 27.88 12.46 35.40
C SER A 150 29.37 12.60 34.96
N PRO A 151 29.64 13.32 33.85
CA PRO A 151 31.05 13.39 33.35
C PRO A 151 31.97 14.17 34.31
N ASP A 152 31.39 15.02 35.15
CA ASP A 152 32.16 15.69 36.19
C ASP A 152 32.34 14.88 37.44
N SER A 153 31.84 13.64 37.46
CA SER A 153 32.05 12.72 38.57
C SER A 153 31.24 13.03 39.83
N LYS A 154 30.39 14.07 39.83
CA LYS A 154 29.75 14.50 41.10
C LYS A 154 28.44 13.76 41.45
N VAL A 155 27.79 13.20 40.44
CA VAL A 155 26.43 12.68 40.58
C VAL A 155 26.36 11.24 40.01
N CYS A 156 25.53 10.40 40.63
CA CYS A 156 25.16 9.10 40.08
C CYS A 156 23.65 9.11 39.89
N PHE A 157 23.20 8.67 38.72
CA PHE A 157 21.77 8.51 38.39
C PHE A 157 21.43 7.05 38.48
N SER A 158 20.35 6.74 39.17
CA SER A 158 19.93 5.38 39.28
C SER A 158 18.51 5.17 38.69
N CYS A 159 18.38 4.25 37.73
CA CYS A 159 17.10 3.85 37.20
C CYS A 159 16.40 2.92 38.17
N CYS A 160 15.31 3.40 38.80
CA CYS A 160 14.60 2.61 39.81
C CYS A 160 13.52 1.71 39.23
N SER A 161 13.24 0.63 39.96
CA SER A 161 12.23 -0.35 39.58
C SER A 161 10.81 0.21 39.58
N ASP A 162 10.62 1.33 40.28
CA ASP A 162 9.34 2.04 40.28
C ASP A 162 9.16 3.07 39.11
N GLY A 163 10.21 3.28 38.33
CA GLY A 163 10.16 4.16 37.16
C GLY A 163 10.89 5.45 37.42
N ASN A 164 11.13 5.76 38.68
CA ASN A 164 11.81 6.99 39.10
C ASN A 164 13.30 6.97 38.73
N ILE A 165 13.82 8.14 38.40
CA ILE A 165 15.26 8.26 38.22
C ILE A 165 15.79 9.02 39.40
N ALA A 166 16.65 8.36 40.19
CA ALA A 166 17.22 8.97 41.37
C ALA A 166 18.55 9.64 41.03
N VAL A 167 18.77 10.84 41.54
CA VAL A 167 19.99 11.60 41.31
C VAL A 167 20.67 11.80 42.65
N TRP A 168 21.86 11.22 42.79
CA TRP A 168 22.61 11.12 44.06
C TRP A 168 23.83 11.99 44.00
N ASP A 169 23.98 12.88 44.98
CA ASP A 169 25.21 13.62 45.22
C ASP A 169 26.17 12.64 45.90
N LEU A 170 27.21 12.23 45.18
CA LEU A 170 28.23 11.25 45.62
C LEU A 170 29.11 11.67 46.85
N HIS A 171 29.53 12.94 46.91
CA HIS A 171 30.23 13.52 48.06
C HIS A 171 29.59 13.19 49.39
N ASN A 172 28.32 13.59 49.56
CA ASN A 172 27.60 13.37 50.84
C ASN A 172 26.44 12.35 50.81
N GLN A 173 26.39 11.53 49.75
CA GLN A 173 25.40 10.46 49.67
C GLN A 173 23.95 10.90 49.99
N THR A 174 23.54 11.97 49.32
CA THR A 174 22.19 12.52 49.47
C THR A 174 21.52 12.49 48.11
N LEU A 175 20.27 12.03 48.11
CA LEU A 175 19.39 12.17 46.97
C LEU A 175 19.06 13.62 46.73
N VAL A 176 19.54 14.17 45.63
CA VAL A 176 19.31 15.58 45.42
C VAL A 176 18.18 15.88 44.44
N ARG A 177 17.72 14.86 43.73
CA ARG A 177 16.65 15.05 42.75
C ARG A 177 16.06 13.70 42.43
N GLN A 178 14.79 13.69 42.07
CA GLN A 178 14.19 12.46 41.65
C GLN A 178 13.37 12.84 40.44
N PHE A 179 13.56 12.14 39.32
CA PHE A 179 12.82 12.41 38.09
C PHE A 179 11.69 11.41 38.03
N GLN A 180 10.49 11.93 38.09
CA GLN A 180 9.29 11.11 38.05
C GLN A 180 8.61 11.29 36.73
N GLY A 181 8.12 10.17 36.22
CA GLY A 181 7.51 10.17 34.88
C GLY A 181 7.22 8.77 34.36
N HIS A 182 8.28 7.93 34.24
CA HIS A 182 8.09 6.49 33.90
C HIS A 182 7.06 5.79 34.82
N THR A 183 6.11 5.09 34.24
CA THR A 183 5.03 4.46 35.02
C THR A 183 5.26 2.95 35.22
N ASP A 184 6.46 2.51 34.82
CA ASP A 184 6.91 1.15 35.06
C ASP A 184 8.42 1.31 35.14
N GLY A 185 9.13 0.26 35.52
CA GLY A 185 10.56 0.29 35.71
C GLY A 185 11.30 1.07 34.65
N ALA A 186 12.26 1.90 35.08
CA ALA A 186 13.22 2.52 34.18
C ALA A 186 14.35 1.48 33.98
N SER A 187 14.59 1.15 32.72
CA SER A 187 15.41 -0.02 32.37
C SER A 187 16.84 0.35 31.90
N CYS A 188 17.00 1.61 31.48
CA CYS A 188 18.19 2.08 30.81
C CYS A 188 18.36 3.59 30.84
N ILE A 189 19.58 4.03 30.58
CA ILE A 189 19.95 5.43 30.79
C ILE A 189 21.23 5.80 30.05
N ASP A 190 21.28 7.05 29.58
CA ASP A 190 22.54 7.64 29.17
C ASP A 190 22.49 9.18 29.33
N ILE A 191 23.62 9.84 29.14
CA ILE A 191 23.68 11.35 29.21
C ILE A 191 24.10 11.87 27.84
N SER A 192 23.54 13.02 27.44
CA SER A 192 23.90 13.64 26.17
C SER A 192 25.39 14.01 26.18
N ASN A 193 25.92 14.22 24.97
CA ASN A 193 27.34 14.52 24.81
C ASN A 193 27.76 15.87 25.46
N ASP A 194 26.86 16.86 25.52
CA ASP A 194 27.20 18.14 26.21
C ASP A 194 26.99 18.04 27.74
N GLY A 195 26.53 16.89 28.23
CA GLY A 195 26.41 16.67 29.71
C GLY A 195 25.18 17.28 30.40
N THR A 196 24.24 17.81 29.61
CA THR A 196 23.17 18.65 30.14
C THR A 196 21.81 17.96 30.11
N LYS A 197 21.74 16.89 29.33
CA LYS A 197 20.51 16.13 29.18
C LYS A 197 20.64 14.70 29.53
N LEU A 198 19.60 14.20 30.18
CA LEU A 198 19.52 12.81 30.51
C LEU A 198 18.47 12.17 29.65
N TRP A 199 18.72 10.91 29.27
CA TRP A 199 17.86 10.12 28.36
C TRP A 199 17.61 8.78 29.00
N THR A 200 16.34 8.42 29.15
CA THR A 200 16.00 7.19 29.86
C THR A 200 14.96 6.37 29.09
N GLY A 201 15.02 5.04 29.25
CA GLY A 201 14.10 4.13 28.61
C GLY A 201 13.33 3.38 29.68
N GLY A 202 12.10 3.00 29.37
CA GLY A 202 11.29 2.32 30.34
C GLY A 202 10.44 1.16 29.89
N LEU A 203 9.97 0.41 30.87
CA LEU A 203 9.12 -0.70 30.64
C LEU A 203 7.68 -0.26 30.40
N ASP A 204 7.46 1.07 30.46
CA ASP A 204 6.22 1.71 30.02
C ASP A 204 6.29 2.14 28.53
N ASN A 205 7.21 1.55 27.76
CA ASN A 205 7.30 1.78 26.30
C ASN A 205 7.70 3.20 25.92
N THR A 206 8.35 3.94 26.81
CA THR A 206 8.74 5.35 26.48
C THR A 206 10.24 5.53 26.57
N VAL A 207 10.75 6.51 25.84
CA VAL A 207 12.05 7.09 26.09
C VAL A 207 11.72 8.50 26.54
N ARG A 208 12.33 8.96 27.64
CA ARG A 208 12.15 10.33 28.13
C ARG A 208 13.49 11.06 28.14
N SER A 209 13.45 12.34 27.85
CA SER A 209 14.62 13.18 28.09
C SER A 209 14.25 14.17 29.17
N TRP A 210 15.29 14.60 29.90
CA TRP A 210 15.16 15.33 31.13
C TRP A 210 16.22 16.41 31.05
N ASP A 211 15.84 17.66 31.28
CA ASP A 211 16.79 18.74 31.44
C ASP A 211 17.49 18.62 32.80
N LEU A 212 18.80 18.41 32.83
CA LEU A 212 19.49 18.32 34.12
C LEU A 212 19.57 19.62 34.92
N ARG A 213 19.65 20.77 34.25
CA ARG A 213 19.70 22.03 35.00
C ARG A 213 18.33 22.42 35.55
N GLU A 214 17.30 22.34 34.71
CA GLU A 214 15.95 22.76 35.12
C GLU A 214 15.17 21.67 35.89
N GLY A 215 15.58 20.40 35.77
CA GLY A 215 14.90 19.33 36.48
C GLY A 215 13.60 18.75 35.90
N ARG A 216 13.21 19.15 34.69
CA ARG A 216 11.91 18.75 34.13
C ARG A 216 12.05 17.77 32.98
N GLN A 217 11.01 16.99 32.73
CA GLN A 217 10.95 16.18 31.51
C GLN A 217 10.73 17.08 30.30
N LEU A 218 11.54 16.87 29.27
CA LEU A 218 11.51 17.61 28.03
C LEU A 218 10.72 16.90 26.92
N GLN A 219 11.10 15.68 26.61
CA GLN A 219 10.56 14.94 25.50
C GLN A 219 10.09 13.58 25.99
N GLN A 220 9.11 13.04 25.30
CA GLN A 220 8.70 11.65 25.50
C GLN A 220 8.45 10.99 24.16
N HIS A 221 9.09 9.85 23.94
CA HIS A 221 8.78 9.08 22.75
C HIS A 221 8.07 7.83 23.20
N ASP A 222 6.88 7.62 22.64
CA ASP A 222 6.12 6.40 22.90
C ASP A 222 6.35 5.35 21.80
N PHE A 223 6.60 4.11 22.23
CA PHE A 223 6.88 3.00 21.31
C PHE A 223 5.86 1.91 21.49
N THR A 224 5.88 0.96 20.57
CA THR A 224 4.89 -0.15 20.65
C THR A 224 5.46 -1.33 21.40
N SER A 225 6.70 -1.21 21.87
CA SER A 225 7.21 -2.22 22.80
C SER A 225 8.07 -1.57 23.87
N GLN A 226 8.42 -2.36 24.86
CA GLN A 226 9.21 -1.95 25.98
C GLN A 226 10.62 -1.63 25.51
N ILE A 227 11.23 -0.67 26.16
CA ILE A 227 12.60 -0.32 25.90
C ILE A 227 13.49 -0.99 26.94
N PHE A 228 14.52 -1.69 26.47
CA PHE A 228 15.50 -2.37 27.33
C PHE A 228 16.87 -1.71 27.39
N SER A 229 17.28 -1.03 26.30
CA SER A 229 18.62 -0.40 26.24
C SER A 229 18.59 0.88 25.49
N LEU A 230 19.61 1.69 25.72
CA LEU A 230 19.78 2.93 24.98
C LEU A 230 21.20 3.52 25.08
N GLY A 231 21.54 4.34 24.10
CA GLY A 231 22.88 4.95 24.08
C GLY A 231 22.82 6.24 23.27
N TYR A 232 23.47 7.28 23.78
CA TYR A 232 23.56 8.58 23.11
C TYR A 232 24.89 8.68 22.36
N CYS A 233 24.82 9.01 21.07
CA CYS A 233 26.03 9.09 20.27
C CYS A 233 27.00 10.10 20.86
N PRO A 234 28.23 9.67 21.21
CA PRO A 234 29.14 10.64 21.82
C PRO A 234 29.45 11.84 20.94
N THR A 235 29.24 11.78 19.63
CA THR A 235 29.46 12.97 18.76
C THR A 235 28.13 13.66 18.47
N GLY A 236 27.11 13.23 19.21
CA GLY A 236 25.86 13.94 19.21
C GLY A 236 24.86 13.45 18.16
N GLU A 237 23.69 14.11 18.16
CA GLU A 237 22.70 14.00 17.11
C GLU A 237 21.83 12.76 17.13
N TRP A 238 22.34 11.63 17.63
CA TRP A 238 21.65 10.31 17.48
C TRP A 238 21.51 9.58 18.79
N LEU A 239 20.33 8.99 18.99
CA LEU A 239 20.06 8.13 20.13
C LEU A 239 19.68 6.75 19.63
N ALA A 240 20.48 5.77 20.01
CA ALA A 240 20.12 4.39 19.77
C ALA A 240 19.30 3.78 20.92
N VAL A 241 18.29 3.01 20.55
CA VAL A 241 17.29 2.47 21.47
C VAL A 241 17.04 1.00 21.10
N GLY A 242 17.25 0.10 22.04
CA GLY A 242 16.99 -1.31 21.79
C GLY A 242 15.72 -1.77 22.46
N MET A 243 14.93 -2.50 21.69
CA MET A 243 13.61 -2.86 22.05
C MET A 243 13.34 -4.31 22.32
N GLU A 244 12.37 -4.52 23.19
CA GLU A 244 11.88 -5.86 23.49
C GLU A 244 11.40 -6.49 22.18
N SER A 245 10.93 -5.68 21.21
CA SER A 245 10.37 -6.22 19.96
C SER A 245 11.46 -6.75 19.03
N SER A 246 12.73 -6.52 19.36
CA SER A 246 13.97 -6.92 18.56
C SER A 246 14.53 -5.84 17.64
N ASN A 247 13.81 -4.75 17.44
CA ASN A 247 14.31 -3.58 16.71
C ASN A 247 15.36 -2.82 17.49
N VAL A 248 16.33 -2.30 16.76
CA VAL A 248 17.09 -1.18 17.21
C VAL A 248 16.52 0.02 16.46
N GLU A 249 16.26 1.10 17.16
CA GLU A 249 15.92 2.36 16.48
C GLU A 249 16.91 3.43 16.80
N VAL A 250 17.35 4.16 15.76
CA VAL A 250 18.30 5.27 15.95
C VAL A 250 17.54 6.55 15.66
N LEU A 251 17.19 7.25 16.72
CA LEU A 251 16.42 8.50 16.70
C LEU A 251 17.35 9.68 16.46
N HIS A 252 16.86 10.57 15.61
CA HIS A 252 17.56 11.80 15.33
C HIS A 252 17.09 12.76 16.38
N VAL A 253 17.97 13.10 17.32
CA VAL A 253 17.64 13.92 18.48
C VAL A 253 17.10 15.30 18.06
N ASN A 254 15.98 15.68 18.64
CA ASN A 254 15.19 16.85 18.22
C ASN A 254 14.94 16.96 16.70
N LYS A 255 14.75 15.83 16.00
CA LYS A 255 14.41 15.87 14.57
C LYS A 255 13.37 14.81 14.25
N PRO A 256 12.70 14.90 13.07
CA PRO A 256 11.55 14.08 12.67
C PRO A 256 11.86 12.61 12.32
N ASP A 257 13.09 12.34 11.88
CA ASP A 257 13.36 11.06 11.23
C ASP A 257 14.15 10.09 12.13
N LYS A 258 14.29 8.85 11.68
CA LYS A 258 14.95 7.82 12.46
C LYS A 258 15.29 6.63 11.58
N TYR A 259 16.16 5.74 12.08
CA TYR A 259 16.49 4.49 11.41
C TYR A 259 15.88 3.36 12.21
N GLN A 260 15.40 2.31 11.51
CA GLN A 260 14.99 1.09 12.17
C GLN A 260 15.82 -0.04 11.64
N LEU A 261 16.40 -0.79 12.57
CA LEU A 261 17.43 -1.80 12.23
C LEU A 261 16.93 -3.16 12.69
N HIS A 262 17.02 -4.15 11.83
CA HIS A 262 16.36 -5.40 12.07
C HIS A 262 17.36 -6.56 11.90
N LEU A 263 18.23 -6.79 12.87
CA LEU A 263 19.15 -7.98 12.80
C LEU A 263 19.11 -8.77 14.08
N HIS A 264 18.12 -8.53 14.93
CA HIS A 264 17.94 -9.43 16.09
C HIS A 264 16.63 -10.21 15.93
N GLU A 265 16.58 -11.45 16.42
CA GLU A 265 15.32 -12.22 16.43
C GLU A 265 14.63 -12.18 17.78
N SER A 266 15.20 -11.45 18.72
CA SER A 266 14.65 -11.42 20.06
C SER A 266 15.04 -10.07 20.67
N CYS A 267 14.71 -9.83 21.97
CA CYS A 267 14.97 -8.61 22.74
C CYS A 267 16.39 -8.11 22.60
N VAL A 268 16.51 -6.80 22.38
CA VAL A 268 17.77 -6.10 22.43
C VAL A 268 18.07 -5.67 23.88
N LEU A 269 18.88 -6.52 24.53
CA LEU A 269 19.14 -6.43 25.95
C LEU A 269 20.09 -5.28 26.35
N SER A 270 21.03 -4.96 25.48
CA SER A 270 22.03 -3.93 25.75
C SER A 270 22.64 -3.30 24.50
N LEU A 271 23.25 -2.14 24.68
CA LEU A 271 23.78 -1.42 23.55
C LEU A 271 24.81 -0.48 24.09
N LYS A 272 25.80 -0.21 23.28
CA LYS A 272 26.86 0.72 23.62
C LYS A 272 27.53 1.32 22.36
N PHE A 273 27.62 2.65 22.29
CA PHE A 273 28.47 3.35 21.31
C PHE A 273 29.94 3.19 21.61
N ALA A 274 30.72 3.00 20.54
CA ALA A 274 32.15 3.28 20.57
C ALA A 274 32.38 4.74 21.03
N TYR A 275 33.51 4.98 21.66
CA TYR A 275 33.89 6.36 22.11
C TYR A 275 34.05 7.32 20.96
N CYS A 276 34.51 6.83 19.81
CA CYS A 276 34.60 7.70 18.64
C CYS A 276 33.20 8.01 18.06
N GLY A 277 32.17 7.23 18.42
CA GLY A 277 30.83 7.55 18.00
C GLY A 277 30.50 7.01 16.64
N LYS A 278 31.49 6.63 15.84
CA LYS A 278 31.21 6.20 14.43
C LYS A 278 30.60 4.80 14.30
N TRP A 279 30.61 4.04 15.38
CA TRP A 279 29.88 2.75 15.33
C TRP A 279 29.36 2.41 16.77
N PHE A 280 28.51 1.40 16.88
CA PHE A 280 27.98 0.94 18.13
C PHE A 280 27.65 -0.53 18.07
N VAL A 281 27.45 -1.13 19.24
CA VAL A 281 27.07 -2.55 19.35
C VAL A 281 25.70 -2.68 20.01
N SER A 282 24.99 -3.74 19.66
CA SER A 282 23.80 -4.17 20.38
C SER A 282 23.95 -5.67 20.67
N THR A 283 23.32 -6.12 21.76
CA THR A 283 23.36 -7.52 22.14
C THR A 283 21.91 -7.97 22.32
N GLY A 284 21.66 -9.24 21.99
CA GLY A 284 20.33 -9.77 22.00
C GLY A 284 20.18 -11.02 22.81
N LYS A 285 18.93 -11.25 23.23
CA LYS A 285 18.52 -12.50 23.81
C LYS A 285 18.64 -13.64 22.79
N ASP A 286 18.77 -13.29 21.50
CA ASP A 286 18.97 -14.26 20.38
C ASP A 286 20.47 -14.67 20.23
N ASN A 287 21.31 -14.28 21.21
CA ASN A 287 22.70 -14.70 21.31
C ASN A 287 23.64 -13.88 20.45
N LEU A 288 23.13 -12.80 19.88
CA LEU A 288 23.95 -12.07 18.92
C LEU A 288 24.57 -10.80 19.53
N LEU A 289 25.85 -10.62 19.25
CA LEU A 289 26.52 -9.34 19.35
C LEU A 289 26.60 -8.77 17.91
N ASN A 290 25.92 -7.66 17.65
CA ASN A 290 25.94 -6.95 16.37
C ASN A 290 26.68 -5.64 16.43
N ALA A 291 27.55 -5.37 15.44
CA ALA A 291 28.21 -4.03 15.30
C ALA A 291 27.55 -3.21 14.21
N TRP A 292 27.33 -1.93 14.48
CA TRP A 292 26.54 -1.14 13.56
C TRP A 292 27.21 0.17 13.24
N ARG A 293 27.05 0.61 12.01
CA ARG A 293 27.52 1.92 11.61
C ARG A 293 26.57 3.01 12.08
N THR A 294 27.13 4.10 12.62
CA THR A 294 26.31 5.26 13.02
C THR A 294 26.14 6.20 11.79
N PRO A 295 24.93 6.79 11.59
CA PRO A 295 23.66 6.51 12.29
C PRO A 295 22.76 5.42 11.64
N TYR A 296 23.03 5.09 10.38
CA TYR A 296 22.06 4.39 9.54
C TYR A 296 22.13 2.87 9.65
N GLY A 297 23.07 2.35 10.45
CA GLY A 297 23.03 0.95 10.81
C GLY A 297 23.42 -0.12 9.79
N ALA A 298 24.47 0.15 9.00
CA ALA A 298 25.08 -0.86 8.17
C ALA A 298 25.74 -1.84 9.11
N SER A 299 25.71 -3.12 8.76
CA SER A 299 26.21 -4.17 9.64
C SER A 299 27.71 -4.39 9.40
N ILE A 300 28.54 -4.00 10.39
CA ILE A 300 29.99 -4.04 10.31
C ILE A 300 30.53 -5.45 10.64
N PHE A 301 29.94 -6.09 11.68
CA PHE A 301 30.23 -7.46 12.01
C PHE A 301 29.12 -8.00 12.88
N GLN A 302 29.09 -9.33 12.98
CA GLN A 302 28.19 -10.04 13.83
C GLN A 302 28.99 -11.17 14.48
N SER A 303 28.71 -11.41 15.75
CA SER A 303 29.28 -12.52 16.48
C SER A 303 28.17 -13.24 17.25
N LYS A 304 28.04 -14.53 17.00
CA LYS A 304 27.01 -15.32 17.60
C LYS A 304 27.59 -15.98 18.84
N GLU A 305 27.01 -15.75 20.01
CA GLU A 305 27.57 -16.37 21.24
C GLU A 305 26.76 -17.65 21.58
N SER A 306 27.18 -18.37 22.63
CA SER A 306 26.54 -19.65 23.03
C SER A 306 25.20 -19.41 23.74
N SER A 307 24.92 -18.18 24.17
CA SER A 307 23.67 -17.97 24.94
C SER A 307 23.28 -16.51 24.81
N SER A 308 22.20 -16.09 25.46
CA SER A 308 21.78 -14.70 25.43
C SER A 308 22.88 -13.75 25.87
N VAL A 309 22.92 -12.54 25.28
CA VAL A 309 23.96 -11.57 25.58
C VAL A 309 23.26 -10.40 26.27
N LEU A 310 23.46 -10.37 27.60
CA LEU A 310 22.74 -9.48 28.54
C LEU A 310 23.34 -8.10 28.65
N SER A 311 24.63 -7.99 28.44
CA SER A 311 25.37 -6.78 28.82
C SER A 311 26.61 -6.59 28.00
N CYS A 312 27.09 -5.37 27.95
CA CYS A 312 28.28 -5.08 27.16
C CYS A 312 28.99 -3.84 27.62
N ASP A 313 30.24 -3.72 27.24
CA ASP A 313 30.97 -2.48 27.48
C ASP A 313 32.02 -2.37 26.38
N ILE A 314 32.44 -1.14 26.08
CA ILE A 314 33.54 -0.89 25.10
C ILE A 314 34.70 -0.13 25.83
N SER A 315 35.96 -0.54 25.66
CA SER A 315 37.06 0.14 26.33
C SER A 315 37.24 1.59 25.80
N VAL A 316 37.85 2.45 26.64
CA VAL A 316 37.98 3.90 26.38
C VAL A 316 38.66 4.24 25.04
N ASP A 317 39.43 3.31 24.50
CA ASP A 317 40.14 3.49 23.23
C ASP A 317 39.52 2.70 22.11
N ASP A 318 38.35 2.14 22.38
CA ASP A 318 37.61 1.36 21.45
C ASP A 318 38.31 0.11 20.94
N LYS A 319 39.32 -0.35 21.69
CA LYS A 319 40.12 -1.55 21.34
C LYS A 319 39.48 -2.87 21.81
N TYR A 320 38.66 -2.82 22.88
CA TYR A 320 38.05 -4.08 23.40
C TYR A 320 36.58 -3.94 23.59
N ILE A 321 35.90 -5.07 23.44
CA ILE A 321 34.47 -5.21 23.78
C ILE A 321 34.40 -6.38 24.79
N VAL A 322 33.52 -6.25 25.79
CA VAL A 322 33.28 -7.30 26.76
C VAL A 322 31.79 -7.46 26.75
N THR A 323 31.33 -8.70 26.70
CA THR A 323 29.92 -8.97 26.82
C THR A 323 29.62 -9.91 28.01
N GLY A 324 28.44 -9.78 28.57
CA GLY A 324 28.00 -10.72 29.61
C GLY A 324 26.93 -11.67 29.14
N SER A 325 27.04 -12.94 29.56
CA SER A 325 26.27 -14.02 28.98
C SER A 325 25.28 -14.71 29.92
N GLY A 326 24.19 -15.21 29.31
CA GLY A 326 23.25 -16.12 30.00
C GLY A 326 23.93 -17.45 30.29
N ASP A 327 25.09 -17.74 29.65
CA ASP A 327 25.85 -18.97 29.93
C ASP A 327 26.87 -18.77 31.09
N LYS A 328 26.62 -17.75 31.90
CA LYS A 328 27.25 -17.59 33.21
C LYS A 328 28.75 -17.31 33.07
N LYS A 329 29.08 -16.46 32.09
CA LYS A 329 30.47 -16.02 31.82
C LYS A 329 30.43 -14.61 31.18
N ALA A 330 31.62 -14.05 31.00
CA ALA A 330 31.80 -12.86 30.15
C ALA A 330 32.84 -13.19 29.06
N THR A 331 32.78 -12.46 27.94
CA THR A 331 33.65 -12.71 26.81
C THR A 331 34.37 -11.41 26.53
N VAL A 332 35.69 -11.51 26.41
CA VAL A 332 36.49 -10.40 26.02
C VAL A 332 36.83 -10.57 24.53
N TYR A 333 36.59 -9.52 23.75
CA TYR A 333 36.98 -9.43 22.36
C TYR A 333 38.02 -8.34 22.13
N GLU A 334 38.98 -8.58 21.24
CA GLU A 334 39.76 -7.49 20.69
C GLU A 334 39.10 -7.01 19.37
N VAL A 335 38.92 -5.69 19.24
CA VAL A 335 38.41 -5.04 18.01
C VAL A 335 39.58 -4.81 17.04
N ILE A 336 39.46 -5.37 15.84
CA ILE A 336 40.58 -5.36 14.92
C ILE A 336 40.26 -4.35 13.84
N TYR A 337 41.16 -3.43 13.64
CA TYR A 337 40.98 -2.32 12.69
C TYR A 337 41.74 -2.53 11.37
N ASP B 1 13.53 -8.91 -2.90
CA ASP B 1 13.42 -7.47 -3.35
C ASP B 1 14.63 -6.51 -3.10
N TYR B 2 14.79 -5.93 -1.91
CA TYR B 2 15.98 -5.08 -1.63
C TYR B 2 17.00 -5.77 -0.72
N PHE B 3 18.30 -5.51 -0.98
CA PHE B 3 19.39 -6.17 -0.28
C PHE B 3 20.37 -5.16 0.21
N GLN B 4 21.01 -5.50 1.33
CA GLN B 4 22.08 -4.68 1.88
C GLN B 4 23.35 -5.49 2.17
N GLY B 5 24.49 -4.84 1.95
CA GLY B 5 25.75 -5.40 2.38
C GLY B 5 25.83 -5.57 3.88
N ALA B 6 26.62 -6.57 4.28
CA ALA B 6 26.96 -6.79 5.69
C ALA B 6 28.38 -7.34 5.70
N MET B 7 29.29 -6.62 6.33
CA MET B 7 30.71 -6.98 6.17
C MET B 7 30.96 -8.26 6.94
N GLY B 8 31.83 -9.12 6.39
CA GLY B 8 32.29 -10.32 7.10
C GLY B 8 33.80 -10.38 7.07
N SER B 9 34.38 -11.47 7.56
CA SER B 9 35.80 -11.61 7.53
C SER B 9 36.11 -13.08 7.60
N LYS B 10 37.28 -13.43 7.08
CA LYS B 10 37.78 -14.82 7.05
C LYS B 10 39.29 -14.81 7.34
N PRO B 11 39.85 -15.96 7.78
CA PRO B 11 41.32 -16.12 7.69
C PRO B 11 41.83 -15.73 6.30
N ALA B 12 42.93 -14.95 6.24
CA ALA B 12 43.53 -14.44 5.01
C ALA B 12 43.45 -15.49 3.93
N TYR B 13 42.83 -15.16 2.79
CA TYR B 13 42.66 -16.12 1.68
C TYR B 13 43.29 -15.62 0.40
N SER B 14 43.65 -14.33 0.39
CA SER B 14 44.29 -13.66 -0.73
C SER B 14 45.71 -13.19 -0.46
N PHE B 15 46.61 -13.69 -1.29
CA PHE B 15 48.09 -13.49 -1.12
C PHE B 15 48.72 -12.93 -2.38
N HIS B 16 49.71 -12.05 -2.23
CA HIS B 16 50.40 -11.48 -3.40
C HIS B 16 51.75 -12.15 -3.49
N VAL B 17 52.10 -12.67 -4.66
CA VAL B 17 53.42 -13.29 -4.81
C VAL B 17 54.27 -12.35 -5.70
N THR B 18 55.39 -11.87 -5.15
CA THR B 18 56.20 -10.93 -5.88
C THR B 18 57.37 -11.66 -6.59
N ALA B 19 58.03 -10.93 -7.51
CA ALA B 19 59.18 -11.44 -8.29
C ALA B 19 60.30 -12.06 -7.43
N ASP B 20 60.56 -11.47 -6.26
CA ASP B 20 61.52 -12.03 -5.28
C ASP B 20 61.01 -13.21 -4.42
N GLY B 21 59.92 -13.86 -4.83
CA GLY B 21 59.40 -15.05 -4.12
C GLY B 21 58.54 -14.86 -2.87
N GLN B 22 58.65 -13.70 -2.20
CA GLN B 22 57.77 -13.38 -1.05
C GLN B 22 56.26 -13.55 -1.34
N MET B 23 55.55 -13.98 -0.29
CA MET B 23 54.15 -14.30 -0.38
C MET B 23 53.37 -13.72 0.79
N GLN B 24 52.85 -12.50 0.64
CA GLN B 24 52.17 -11.87 1.73
C GLN B 24 50.68 -11.66 1.54
N PRO B 25 49.92 -11.75 2.64
CA PRO B 25 48.48 -11.49 2.61
C PRO B 25 48.21 -10.06 2.15
N VAL B 26 47.19 -9.90 1.31
CA VAL B 26 46.99 -8.61 0.67
C VAL B 26 46.28 -7.63 1.63
N PRO B 27 46.82 -6.38 1.78
CA PRO B 27 46.06 -5.35 2.49
C PRO B 27 45.10 -4.72 1.48
N PHE B 28 43.79 -4.91 1.68
CA PHE B 28 42.80 -4.52 0.68
C PHE B 28 42.64 -3.03 0.72
N PRO B 29 42.59 -2.37 -0.46
CA PRO B 29 42.34 -0.92 -0.46
C PRO B 29 40.86 -0.63 -0.13
N PRO B 30 40.51 0.66 0.13
CA PRO B 30 39.10 0.93 0.52
C PRO B 30 38.04 0.53 -0.50
N ASP B 31 38.40 0.47 -1.76
CA ASP B 31 37.41 0.03 -2.77
C ASP B 31 37.53 -1.45 -3.18
N ALA B 32 38.12 -2.29 -2.34
CA ALA B 32 38.22 -3.75 -2.62
C ALA B 32 36.84 -4.43 -2.69
N LEU B 33 35.93 -4.00 -1.83
CA LEU B 33 34.67 -4.72 -1.68
C LEU B 33 33.47 -3.88 -1.90
N ILE B 34 33.65 -2.64 -2.34
CA ILE B 34 32.65 -1.57 -2.35
C ILE B 34 33.03 -0.63 -3.52
N GLY B 35 32.07 -0.11 -4.28
CA GLY B 35 32.40 0.85 -5.30
C GLY B 35 31.51 0.66 -6.51
N PRO B 36 31.48 1.67 -7.39
CA PRO B 36 30.61 1.62 -8.56
C PRO B 36 30.95 0.40 -9.48
N GLY B 37 29.93 -0.33 -9.86
CA GLY B 37 30.12 -1.55 -10.66
C GLY B 37 30.57 -2.72 -9.83
N ILE B 38 30.69 -2.57 -8.51
CA ILE B 38 31.06 -3.74 -7.67
C ILE B 38 29.74 -4.34 -7.17
N PRO B 39 29.52 -5.63 -7.43
CA PRO B 39 28.23 -6.23 -7.01
C PRO B 39 28.02 -6.13 -5.48
N ARG B 40 26.79 -5.93 -5.03
CA ARG B 40 26.48 -6.11 -3.60
C ARG B 40 25.82 -7.47 -3.26
N HIS B 41 25.13 -8.07 -4.24
CA HIS B 41 24.35 -9.27 -4.03
C HIS B 41 24.09 -9.95 -5.37
N ALA B 42 24.05 -11.29 -5.36
CA ALA B 42 23.65 -12.07 -6.52
C ALA B 42 22.39 -12.80 -6.15
N ARG B 43 21.28 -12.41 -6.76
CA ARG B 43 19.97 -13.01 -6.48
C ARG B 43 19.63 -14.09 -7.51
N GLN B 44 19.37 -15.33 -7.05
CA GLN B 44 18.89 -16.38 -7.93
C GLN B 44 17.48 -16.05 -8.36
N ILE B 45 17.32 -15.83 -9.66
CA ILE B 45 16.03 -15.43 -10.14
C ILE B 45 15.38 -16.56 -11.01
N ASN B 46 16.16 -17.44 -11.61
CA ASN B 46 15.59 -18.49 -12.47
C ASN B 46 16.38 -19.80 -12.26
N THR B 47 15.70 -20.95 -12.31
CA THR B 47 16.35 -22.27 -12.46
C THR B 47 15.96 -22.82 -13.84
N LEU B 48 16.94 -23.22 -14.64
CA LEU B 48 16.70 -23.74 -15.96
C LEU B 48 16.87 -25.27 -15.92
N ASN B 49 15.75 -25.97 -15.97
CA ASN B 49 15.76 -27.42 -15.75
C ASN B 49 16.12 -28.20 -17.02
N HIS B 50 17.41 -28.19 -17.39
CA HIS B 50 17.87 -28.84 -18.61
C HIS B 50 17.67 -30.38 -18.58
N GLY B 51 18.02 -31.01 -17.45
CA GLY B 51 17.86 -32.48 -17.29
C GLY B 51 19.11 -33.28 -17.59
N GLU B 52 20.23 -32.61 -17.95
CA GLU B 52 21.55 -33.24 -18.07
C GLU B 52 22.54 -32.29 -17.40
N VAL B 53 23.67 -32.79 -16.89
CA VAL B 53 24.63 -31.83 -16.30
C VAL B 53 24.98 -30.75 -17.36
N VAL B 54 25.03 -29.51 -16.92
CA VAL B 54 25.25 -28.40 -17.85
C VAL B 54 26.68 -27.98 -17.86
N CYS B 55 27.40 -28.48 -18.88
CA CYS B 55 28.82 -28.33 -19.04
C CYS B 55 29.16 -27.03 -19.71
N ALA B 56 28.19 -26.41 -20.41
CA ALA B 56 28.45 -25.14 -21.12
C ALA B 56 27.26 -24.23 -20.99
N VAL B 57 27.50 -22.95 -20.77
CA VAL B 57 26.40 -21.94 -20.83
C VAL B 57 26.88 -20.71 -21.62
N THR B 58 25.97 -20.07 -22.36
CA THR B 58 26.25 -18.77 -22.96
C THR B 58 24.95 -17.91 -22.96
N ILE B 59 25.11 -16.58 -23.03
CA ILE B 59 24.04 -15.63 -22.95
C ILE B 59 24.12 -14.73 -24.20
N SER B 60 22.99 -14.55 -24.87
CA SER B 60 22.90 -13.66 -26.01
C SER B 60 23.29 -12.20 -25.61
N ASN B 61 23.61 -11.43 -26.64
CA ASN B 61 23.89 -9.99 -26.53
C ASN B 61 23.13 -9.28 -27.66
N PRO B 62 22.14 -8.44 -27.34
CA PRO B 62 21.58 -8.04 -26.05
C PRO B 62 21.06 -9.23 -25.21
N THR B 63 21.12 -9.07 -23.89
CA THR B 63 20.62 -10.12 -23.00
C THR B 63 19.15 -10.51 -23.26
N ARG B 64 18.88 -11.78 -23.51
CA ARG B 64 17.53 -12.26 -23.81
C ARG B 64 17.42 -13.79 -23.76
N HIS B 65 18.29 -14.46 -24.47
CA HIS B 65 18.32 -15.91 -24.52
C HIS B 65 19.53 -16.46 -23.80
N VAL B 66 19.34 -17.58 -23.09
CA VAL B 66 20.44 -18.30 -22.50
C VAL B 66 20.52 -19.64 -23.25
N TYR B 67 21.73 -20.13 -23.46
CA TYR B 67 21.99 -21.39 -24.17
C TYR B 67 22.61 -22.32 -23.12
N THR B 68 21.97 -23.46 -22.90
CA THR B 68 22.54 -24.44 -21.98
C THR B 68 22.98 -25.69 -22.77
N GLY B 69 24.24 -26.10 -22.59
CA GLY B 69 24.68 -27.30 -23.27
C GLY B 69 24.80 -28.49 -22.31
N GLY B 70 24.14 -29.59 -22.66
CA GLY B 70 24.08 -30.77 -21.81
C GLY B 70 24.65 -31.99 -22.50
N LYS B 71 23.95 -33.11 -22.42
CA LYS B 71 24.35 -34.33 -23.11
C LYS B 71 23.36 -34.48 -24.23
N GLY B 72 23.83 -34.30 -25.45
CA GLY B 72 23.00 -34.50 -26.60
C GLY B 72 22.20 -33.31 -27.10
N CYS B 73 22.33 -32.15 -26.46
CA CYS B 73 21.33 -31.16 -26.69
C CYS B 73 21.70 -29.83 -26.07
N VAL B 74 21.52 -28.77 -26.86
CA VAL B 74 21.60 -27.41 -26.33
C VAL B 74 20.17 -26.92 -26.20
N LYS B 75 19.80 -26.39 -25.04
CA LYS B 75 18.48 -25.80 -24.85
C LYS B 75 18.56 -24.27 -24.84
N VAL B 76 17.47 -23.65 -25.29
CA VAL B 76 17.38 -22.20 -25.41
C VAL B 76 16.23 -21.69 -24.53
N TRP B 77 16.53 -20.69 -23.71
CA TRP B 77 15.68 -20.23 -22.64
C TRP B 77 15.56 -18.73 -22.84
N ASP B 78 14.36 -18.21 -22.65
CA ASP B 78 14.08 -16.78 -22.87
C ASP B 78 13.95 -16.27 -21.48
N ILE B 79 14.93 -15.49 -21.03
CA ILE B 79 14.89 -14.96 -19.69
C ILE B 79 14.26 -13.54 -19.54
N SER B 80 13.61 -13.03 -20.60
CA SER B 80 12.95 -11.70 -20.55
C SER B 80 11.69 -11.68 -19.69
N HIS B 81 10.56 -12.15 -20.21
CA HIS B 81 9.30 -12.29 -19.38
C HIS B 81 9.52 -12.87 -17.93
N PRO B 82 9.58 -14.22 -17.76
CA PRO B 82 9.65 -15.66 -17.58
C PRO B 82 11.06 -16.01 -17.04
N GLY B 83 11.98 -16.32 -17.99
CA GLY B 83 13.13 -17.19 -17.81
C GLY B 83 12.53 -18.49 -17.36
N ASN B 84 11.60 -18.29 -16.41
CA ASN B 84 10.96 -19.33 -15.64
C ASN B 84 9.72 -19.91 -16.33
N LYS B 85 9.92 -21.14 -16.73
CA LYS B 85 11.25 -21.70 -16.71
C LYS B 85 11.38 -22.86 -17.68
N SER B 86 10.72 -22.76 -18.84
CA SER B 86 10.75 -23.84 -19.87
C SER B 86 11.47 -23.34 -21.12
N PRO B 87 12.19 -24.23 -21.86
CA PRO B 87 12.97 -23.77 -23.02
C PRO B 87 12.06 -23.41 -24.19
N VAL B 88 12.52 -22.44 -24.99
CA VAL B 88 11.71 -21.93 -26.12
C VAL B 88 12.13 -22.66 -27.38
N SER B 89 13.32 -23.28 -27.35
CA SER B 89 13.79 -24.11 -28.47
C SER B 89 14.87 -25.07 -27.97
N GLN B 90 15.27 -26.03 -28.79
CA GLN B 90 16.39 -26.89 -28.41
C GLN B 90 17.05 -27.34 -29.70
N LEU B 91 18.35 -27.59 -29.63
CA LEU B 91 19.19 -27.95 -30.75
C LEU B 91 19.70 -29.32 -30.36
N ASP B 92 19.24 -30.34 -31.09
CA ASP B 92 19.58 -31.71 -30.75
C ASP B 92 20.78 -32.20 -31.56
N CYS B 93 21.75 -32.82 -30.87
CA CYS B 93 22.83 -33.63 -31.49
C CYS B 93 22.33 -34.94 -32.14
N LEU B 94 23.03 -35.44 -33.18
CA LEU B 94 22.67 -36.77 -33.76
C LEU B 94 22.81 -37.92 -32.74
N ASN B 95 23.94 -37.92 -32.01
CA ASN B 95 24.15 -38.84 -30.90
C ASN B 95 23.67 -38.24 -29.58
N ARG B 96 22.54 -38.76 -29.13
CA ARG B 96 21.92 -38.30 -27.92
C ARG B 96 22.93 -38.33 -26.79
N ASP B 97 23.90 -39.24 -26.87
CA ASP B 97 24.78 -39.57 -25.74
C ASP B 97 26.10 -38.79 -25.71
N ASN B 98 26.30 -37.91 -26.70
CA ASN B 98 27.49 -37.09 -26.80
C ASN B 98 27.47 -35.86 -25.85
N TYR B 99 28.45 -35.79 -24.95
CA TYR B 99 28.49 -34.68 -24.05
C TYR B 99 28.94 -33.36 -24.75
N ILE B 100 28.17 -32.30 -24.58
CA ILE B 100 28.60 -30.93 -25.00
C ILE B 100 29.58 -30.30 -24.00
N ARG B 101 30.65 -29.69 -24.53
CA ARG B 101 31.68 -29.09 -23.67
C ARG B 101 31.76 -27.59 -23.74
N SER B 102 31.32 -27.04 -24.87
CA SER B 102 31.41 -25.62 -25.12
C SER B 102 30.38 -25.16 -26.16
N CYS B 103 29.84 -23.97 -25.95
CA CYS B 103 29.07 -23.29 -27.00
C CYS B 103 29.26 -21.79 -26.94
N LYS B 104 29.42 -21.20 -28.13
CA LYS B 104 29.62 -19.78 -28.24
C LYS B 104 28.75 -19.18 -29.35
N LEU B 105 28.23 -18.02 -29.08
CA LEU B 105 27.51 -17.29 -30.08
C LEU B 105 28.43 -16.38 -30.88
N LEU B 106 28.10 -16.19 -32.15
CA LEU B 106 28.71 -15.06 -32.87
C LEU B 106 28.03 -13.76 -32.40
N PRO B 107 28.79 -12.63 -32.37
CA PRO B 107 28.34 -11.28 -31.98
C PRO B 107 26.93 -10.88 -32.36
N ASP B 108 26.51 -11.26 -33.57
CA ASP B 108 25.18 -10.91 -34.02
C ASP B 108 24.07 -11.88 -33.61
N GLY B 109 24.33 -12.69 -32.58
CA GLY B 109 23.37 -13.68 -32.08
C GLY B 109 22.75 -14.71 -33.02
N CYS B 110 23.12 -14.70 -34.30
CA CYS B 110 22.46 -15.59 -35.29
C CYS B 110 23.10 -16.97 -35.50
N THR B 111 24.27 -17.17 -34.93
CA THR B 111 24.98 -18.41 -35.15
C THR B 111 25.49 -18.93 -33.82
N LEU B 112 25.30 -20.22 -33.55
CA LEU B 112 25.93 -20.83 -32.39
C LEU B 112 26.91 -21.88 -32.82
N ILE B 113 28.13 -21.81 -32.30
CA ILE B 113 29.06 -22.93 -32.52
C ILE B 113 29.06 -23.86 -31.31
N VAL B 114 28.96 -25.16 -31.57
CA VAL B 114 28.81 -26.13 -30.50
C VAL B 114 29.92 -27.19 -30.63
N GLY B 115 30.61 -27.47 -29.53
CA GLY B 115 31.65 -28.47 -29.55
C GLY B 115 31.56 -29.34 -28.31
N GLY B 116 32.13 -30.53 -28.39
CA GLY B 116 32.17 -31.41 -27.24
C GLY B 116 32.86 -32.71 -27.50
N GLU B 117 32.37 -33.75 -26.84
CA GLU B 117 33.03 -35.02 -26.83
C GLU B 117 32.61 -35.80 -28.08
N ALA B 118 33.05 -35.28 -29.22
CA ALA B 118 32.88 -35.90 -30.53
C ALA B 118 33.79 -35.15 -31.49
N SER B 119 34.02 -35.75 -32.67
CA SER B 119 34.94 -35.23 -33.69
C SER B 119 34.42 -34.02 -34.48
N THR B 120 33.16 -33.66 -34.36
CA THR B 120 32.68 -32.48 -35.09
C THR B 120 32.27 -31.32 -34.16
N LEU B 121 32.54 -30.10 -34.65
CA LEU B 121 31.96 -28.84 -34.20
C LEU B 121 30.79 -28.54 -35.13
N SER B 122 29.61 -28.37 -34.54
CA SER B 122 28.38 -28.01 -35.29
C SER B 122 28.16 -26.52 -35.30
N ILE B 123 27.86 -25.99 -36.48
CA ILE B 123 27.47 -24.63 -36.50
C ILE B 123 25.97 -24.52 -36.76
N TRP B 124 25.29 -23.86 -35.84
CA TRP B 124 23.84 -23.82 -35.86
C TRP B 124 23.40 -22.46 -36.34
N ASP B 125 22.52 -22.45 -37.34
CA ASP B 125 21.89 -21.20 -37.76
C ASP B 125 20.66 -20.93 -36.86
N LEU B 126 20.66 -19.80 -36.16
CA LEU B 126 19.58 -19.44 -35.25
C LEU B 126 18.70 -18.28 -35.80
N ALA B 127 18.82 -17.97 -37.09
CA ALA B 127 18.25 -16.72 -37.64
C ALA B 127 16.73 -16.73 -37.86
N ALA B 128 16.21 -17.87 -38.34
CA ALA B 128 14.83 -17.91 -38.84
C ALA B 128 13.92 -18.76 -37.94
N PRO B 129 13.17 -18.11 -37.01
CA PRO B 129 12.80 -18.52 -35.62
C PRO B 129 13.15 -19.96 -35.13
N THR B 130 13.09 -20.94 -36.04
CA THR B 130 13.61 -22.31 -35.88
C THR B 130 15.12 -22.43 -36.21
N PRO B 131 15.91 -23.00 -35.28
CA PRO B 131 17.29 -23.45 -35.55
C PRO B 131 17.46 -24.63 -36.49
N ARG B 132 18.55 -24.59 -37.25
CA ARG B 132 18.97 -25.68 -38.11
C ARG B 132 20.48 -25.74 -38.10
N ILE B 133 21.03 -26.93 -38.18
CA ILE B 133 22.46 -27.05 -38.34
C ILE B 133 22.81 -26.78 -39.80
N LYS B 134 23.78 -25.89 -39.99
CA LYS B 134 24.15 -25.42 -41.31
C LYS B 134 25.51 -25.94 -41.77
N ALA B 135 26.36 -26.30 -40.81
CA ALA B 135 27.70 -26.82 -41.08
C ALA B 135 28.20 -27.74 -39.95
N GLU B 136 29.00 -28.74 -40.31
CA GLU B 136 29.76 -29.56 -39.39
C GLU B 136 31.22 -29.35 -39.74
N LEU B 137 32.03 -28.99 -38.75
CA LEU B 137 33.50 -28.96 -38.87
C LEU B 137 34.10 -30.21 -38.26
N THR B 138 34.79 -31.01 -39.07
CA THR B 138 35.27 -32.32 -38.64
C THR B 138 36.76 -32.37 -38.26
N SER B 139 36.99 -32.88 -37.04
CA SER B 139 38.32 -32.96 -36.39
C SER B 139 38.96 -34.35 -36.49
N SER B 140 40.29 -34.33 -36.37
CA SER B 140 41.14 -35.49 -36.12
C SER B 140 41.11 -35.78 -34.63
N ALA B 141 40.91 -34.74 -33.81
CA ALA B 141 40.85 -34.92 -32.36
C ALA B 141 39.53 -35.53 -32.01
N PRO B 142 39.56 -36.50 -31.08
CA PRO B 142 38.34 -37.12 -30.57
C PRO B 142 37.39 -36.14 -29.84
N ALA B 143 37.90 -35.01 -29.31
CA ALA B 143 37.08 -34.08 -28.52
C ALA B 143 37.56 -32.58 -28.54
N CYS B 144 36.59 -31.70 -28.29
CA CYS B 144 36.75 -30.26 -28.06
C CYS B 144 36.38 -29.97 -26.64
N TYR B 145 37.25 -29.25 -25.91
CA TYR B 145 36.96 -28.95 -24.50
C TYR B 145 36.59 -27.51 -24.28
N ALA B 146 36.79 -26.69 -25.31
CA ALA B 146 36.61 -25.27 -25.15
C ALA B 146 36.72 -24.56 -26.52
N LEU B 147 35.96 -23.48 -26.67
CA LEU B 147 35.95 -22.66 -27.89
C LEU B 147 36.20 -21.21 -27.55
N ALA B 148 36.71 -20.45 -28.52
CA ALA B 148 36.75 -19.03 -28.41
C ALA B 148 36.53 -18.49 -29.81
N ILE B 149 35.86 -17.35 -29.93
CA ILE B 149 35.62 -16.76 -31.23
C ILE B 149 36.53 -15.51 -31.27
N SER B 150 37.11 -15.21 -32.42
CA SER B 150 37.85 -13.97 -32.56
C SER B 150 36.89 -12.77 -32.48
N PRO B 151 37.42 -11.61 -32.01
CA PRO B 151 36.57 -10.41 -31.93
C PRO B 151 36.01 -9.97 -33.30
N ASP B 152 36.67 -10.31 -34.39
CA ASP B 152 36.11 -9.98 -35.68
C ASP B 152 35.11 -11.01 -36.22
N SER B 153 34.94 -12.13 -35.51
CA SER B 153 33.97 -13.15 -35.90
C SER B 153 34.39 -14.11 -37.00
N LYS B 154 35.60 -13.97 -37.51
CA LYS B 154 35.98 -14.74 -38.69
C LYS B 154 36.48 -16.13 -38.30
N VAL B 155 36.97 -16.26 -37.07
CA VAL B 155 37.71 -17.46 -36.66
C VAL B 155 37.16 -18.06 -35.37
N CYS B 156 37.17 -19.39 -35.33
CA CYS B 156 36.85 -20.14 -34.15
C CYS B 156 38.09 -20.95 -33.74
N PHE B 157 38.50 -20.77 -32.49
CA PHE B 157 39.58 -21.53 -31.91
C PHE B 157 39.00 -22.68 -31.10
N SER B 158 39.44 -23.88 -31.40
CA SER B 158 38.96 -25.05 -30.69
C SER B 158 40.10 -25.75 -29.94
N CYS B 159 39.93 -25.89 -28.63
CA CYS B 159 40.83 -26.61 -27.77
C CYS B 159 40.53 -28.09 -27.90
N CYS B 160 41.51 -28.83 -28.42
CA CYS B 160 41.35 -30.22 -28.76
C CYS B 160 41.84 -31.09 -27.62
N SER B 161 41.26 -32.29 -27.47
CA SER B 161 41.67 -33.26 -26.44
C SER B 161 43.12 -33.76 -26.58
N ASP B 162 43.70 -33.55 -27.76
CA ASP B 162 45.06 -33.98 -28.01
C ASP B 162 46.12 -32.88 -27.73
N GLY B 163 45.67 -31.74 -27.25
CA GLY B 163 46.56 -30.62 -27.03
C GLY B 163 46.52 -29.52 -28.06
N ASN B 164 46.22 -29.82 -29.32
CA ASN B 164 46.22 -28.79 -30.37
C ASN B 164 45.09 -27.81 -30.24
N ILE B 165 45.35 -26.58 -30.67
CA ILE B 165 44.34 -25.57 -30.90
C ILE B 165 44.09 -25.49 -32.44
N ALA B 166 42.90 -25.89 -32.82
CA ALA B 166 42.43 -25.86 -34.19
C ALA B 166 41.80 -24.50 -34.45
N VAL B 167 42.25 -23.90 -35.55
CA VAL B 167 41.86 -22.56 -36.00
C VAL B 167 41.02 -22.76 -37.25
N TRP B 168 39.73 -22.41 -37.16
CA TRP B 168 38.72 -22.64 -38.21
C TRP B 168 38.30 -21.31 -38.79
N ASP B 169 38.41 -21.19 -40.10
CA ASP B 169 37.84 -20.06 -40.82
C ASP B 169 36.32 -20.31 -40.85
N LEU B 170 35.53 -19.40 -40.29
CA LEU B 170 34.10 -19.64 -40.16
C LEU B 170 33.32 -19.48 -41.49
N HIS B 171 33.60 -18.46 -42.28
CA HIS B 171 32.91 -18.28 -43.57
C HIS B 171 33.18 -19.43 -44.54
N ASN B 172 34.44 -19.81 -44.66
CA ASN B 172 34.82 -20.90 -45.55
C ASN B 172 34.78 -22.32 -44.96
N GLN B 173 34.52 -22.39 -43.67
CA GLN B 173 34.30 -23.68 -42.98
C GLN B 173 35.48 -24.63 -43.17
N THR B 174 36.67 -24.07 -42.98
CA THR B 174 37.88 -24.82 -43.18
C THR B 174 38.95 -24.60 -42.14
N LEU B 175 39.77 -25.63 -41.93
CA LEU B 175 40.87 -25.58 -40.97
C LEU B 175 42.07 -24.84 -41.52
N VAL B 176 42.41 -23.68 -40.96
CA VAL B 176 43.46 -22.83 -41.50
C VAL B 176 44.86 -23.04 -40.87
N ARG B 177 44.91 -23.55 -39.64
CA ARG B 177 46.14 -23.59 -38.89
C ARG B 177 45.96 -24.40 -37.61
N GLN B 178 47.05 -24.89 -37.06
CA GLN B 178 47.04 -25.45 -35.71
C GLN B 178 48.12 -24.83 -34.79
N PHE B 179 47.72 -24.46 -33.58
CA PHE B 179 48.65 -24.02 -32.58
C PHE B 179 49.03 -25.27 -31.79
N GLN B 180 50.24 -25.77 -32.06
CA GLN B 180 50.71 -27.01 -31.44
C GLN B 180 51.71 -26.78 -30.29
N GLY B 181 51.54 -27.54 -29.22
CA GLY B 181 52.44 -27.42 -28.08
C GLY B 181 52.00 -28.07 -26.78
N HIS B 182 50.69 -27.96 -26.44
CA HIS B 182 50.10 -28.62 -25.26
C HIS B 182 50.31 -30.11 -25.43
N THR B 183 50.95 -30.75 -24.46
CA THR B 183 51.29 -32.17 -24.56
C THR B 183 50.20 -33.02 -23.88
N ASP B 184 49.07 -32.39 -23.59
CA ASP B 184 47.89 -33.10 -23.13
C ASP B 184 46.73 -32.11 -23.42
N GLY B 185 45.48 -32.56 -23.24
CA GLY B 185 44.31 -31.79 -23.66
C GLY B 185 44.41 -30.32 -23.35
N ALA B 186 44.02 -29.48 -24.32
CA ALA B 186 43.86 -28.06 -23.99
C ALA B 186 42.46 -27.90 -23.42
N SER B 187 42.33 -27.24 -22.27
CA SER B 187 41.09 -27.28 -21.51
C SER B 187 40.31 -25.97 -21.55
N CYS B 188 40.95 -24.88 -22.01
CA CYS B 188 40.43 -23.53 -21.78
C CYS B 188 41.21 -22.51 -22.58
N ILE B 189 40.61 -21.34 -22.76
CA ILE B 189 41.11 -20.46 -23.77
C ILE B 189 40.48 -19.07 -23.62
N ASP B 190 41.21 -18.04 -24.01
CA ASP B 190 40.71 -16.70 -24.08
C ASP B 190 41.61 -15.86 -25.01
N ILE B 191 41.12 -14.71 -25.46
CA ILE B 191 41.92 -13.79 -26.29
C ILE B 191 42.22 -12.53 -25.47
N SER B 192 43.41 -11.98 -25.70
CA SER B 192 43.86 -10.79 -24.96
C SER B 192 43.02 -9.59 -25.40
N ASN B 193 42.92 -8.58 -24.55
CA ASN B 193 42.06 -7.42 -24.87
C ASN B 193 42.38 -6.67 -26.17
N ASP B 194 43.66 -6.65 -26.59
CA ASP B 194 43.96 -6.07 -27.92
C ASP B 194 43.61 -7.00 -29.08
N GLY B 195 43.34 -8.28 -28.80
CA GLY B 195 42.93 -9.21 -29.84
C GLY B 195 44.06 -9.87 -30.59
N THR B 196 45.30 -9.72 -30.10
CA THR B 196 46.50 -10.17 -30.84
C THR B 196 47.17 -11.42 -30.25
N LYS B 197 46.83 -11.72 -28.99
CA LYS B 197 47.44 -12.83 -28.28
C LYS B 197 46.41 -13.82 -27.88
N LEU B 198 46.75 -15.09 -28.03
CA LEU B 198 45.91 -16.20 -27.59
C LEU B 198 46.47 -16.76 -26.32
N TRP B 199 45.60 -17.09 -25.37
CA TRP B 199 45.98 -17.76 -24.13
C TRP B 199 45.19 -19.03 -23.96
N THR B 200 45.90 -20.10 -23.62
CA THR B 200 45.32 -21.42 -23.44
C THR B 200 45.89 -22.08 -22.17
N GLY B 201 45.05 -22.85 -21.49
CA GLY B 201 45.51 -23.69 -20.38
C GLY B 201 45.36 -25.16 -20.73
N GLY B 202 46.16 -26.02 -20.11
CA GLY B 202 46.05 -27.44 -20.40
C GLY B 202 46.17 -28.40 -19.22
N LEU B 203 45.79 -29.65 -19.50
CA LEU B 203 46.01 -30.78 -18.61
C LEU B 203 47.49 -31.18 -18.52
N ASP B 204 48.34 -30.54 -19.34
CA ASP B 204 49.77 -30.61 -19.18
C ASP B 204 50.36 -29.66 -18.11
N ASN B 205 49.49 -28.96 -17.36
CA ASN B 205 49.93 -28.10 -16.25
C ASN B 205 50.57 -26.81 -16.70
N THR B 206 50.21 -26.36 -17.91
CA THR B 206 50.82 -25.15 -18.46
C THR B 206 49.74 -24.18 -18.88
N VAL B 207 50.05 -22.89 -18.79
CA VAL B 207 49.34 -21.82 -19.58
C VAL B 207 50.33 -21.37 -20.66
N ARG B 208 49.84 -21.15 -21.88
CA ARG B 208 50.69 -20.73 -22.98
C ARG B 208 50.05 -19.54 -23.67
N SER B 209 50.87 -18.58 -24.11
CA SER B 209 50.36 -17.50 -24.93
C SER B 209 50.91 -17.73 -26.33
N TRP B 210 50.15 -17.23 -27.32
CA TRP B 210 50.39 -17.45 -28.73
C TRP B 210 50.15 -16.13 -29.42
N ASP B 211 50.97 -15.87 -30.44
CA ASP B 211 50.89 -14.68 -31.26
C ASP B 211 49.98 -15.02 -32.40
N LEU B 212 48.82 -14.36 -32.48
CA LEU B 212 47.79 -14.74 -33.46
C LEU B 212 48.12 -14.44 -34.93
N ARG B 213 49.04 -13.51 -35.15
CA ARG B 213 49.50 -13.17 -36.49
C ARG B 213 50.62 -14.13 -36.94
N GLU B 214 51.71 -14.21 -36.17
CA GLU B 214 52.81 -15.17 -36.43
C GLU B 214 52.42 -16.67 -36.34
N GLY B 215 51.68 -17.06 -35.30
CA GLY B 215 51.32 -18.47 -35.10
C GLY B 215 52.22 -19.15 -34.07
N ARG B 216 53.15 -18.37 -33.58
CA ARG B 216 54.21 -18.82 -32.73
C ARG B 216 53.82 -18.79 -31.22
N GLN B 217 54.20 -19.83 -30.46
CA GLN B 217 54.05 -19.78 -29.02
C GLN B 217 54.95 -18.69 -28.46
N LEU B 218 54.45 -17.92 -27.49
CA LEU B 218 55.22 -16.81 -26.92
C LEU B 218 55.69 -17.11 -25.52
N GLN B 219 54.76 -17.22 -24.59
CA GLN B 219 55.10 -17.48 -23.21
C GLN B 219 54.61 -18.87 -22.82
N GLN B 220 55.20 -19.37 -21.73
CA GLN B 220 54.73 -20.58 -21.09
C GLN B 220 54.86 -20.46 -19.57
N HIS B 221 53.82 -20.83 -18.85
CA HIS B 221 53.88 -20.83 -17.39
C HIS B 221 53.51 -22.25 -16.91
N ASP B 222 54.41 -22.88 -16.18
CA ASP B 222 54.22 -24.26 -15.69
C ASP B 222 53.73 -24.21 -14.27
N PHE B 223 52.74 -25.06 -14.00
CA PHE B 223 52.07 -25.15 -12.70
C PHE B 223 52.23 -26.56 -12.17
N THR B 224 51.79 -26.78 -10.93
CA THR B 224 51.98 -28.07 -10.24
C THR B 224 50.69 -28.91 -10.25
N SER B 225 49.60 -28.30 -10.74
CA SER B 225 48.37 -29.06 -11.03
C SER B 225 47.84 -28.65 -12.38
N GLN B 226 46.88 -29.43 -12.87
CA GLN B 226 46.13 -29.13 -14.12
C GLN B 226 45.35 -27.80 -14.14
N ILE B 227 45.31 -27.19 -15.30
CA ILE B 227 44.54 -25.97 -15.52
C ILE B 227 43.20 -26.41 -16.14
N PHE B 228 42.12 -25.92 -15.53
CA PHE B 228 40.75 -26.20 -15.96
C PHE B 228 40.01 -25.01 -16.53
N SER B 229 40.48 -23.81 -16.19
CA SER B 229 39.81 -22.63 -16.68
C SER B 229 40.72 -21.37 -16.67
N LEU B 230 40.37 -20.39 -17.50
CA LEU B 230 41.17 -19.17 -17.55
C LEU B 230 40.32 -18.02 -18.07
N GLY B 231 40.71 -16.80 -17.73
CA GLY B 231 40.06 -15.66 -18.30
C GLY B 231 41.01 -14.51 -18.41
N TYR B 232 40.89 -13.77 -19.48
CA TYR B 232 41.73 -12.62 -19.64
C TYR B 232 40.91 -11.39 -19.29
N CYS B 233 41.46 -10.50 -18.45
CA CYS B 233 40.74 -9.30 -18.02
C CYS B 233 40.50 -8.36 -19.22
N PRO B 234 39.25 -8.03 -19.50
CA PRO B 234 38.84 -7.25 -20.68
C PRO B 234 39.43 -5.83 -20.73
N THR B 235 39.78 -5.26 -19.57
CA THR B 235 40.53 -3.99 -19.51
C THR B 235 42.08 -4.21 -19.47
N GLY B 236 42.47 -5.48 -19.57
CA GLY B 236 43.87 -5.85 -19.76
C GLY B 236 44.64 -6.13 -18.52
N GLU B 237 45.92 -6.46 -18.69
CA GLU B 237 46.91 -6.53 -17.62
C GLU B 237 46.89 -7.84 -16.75
N TRP B 238 45.73 -8.48 -16.61
CA TRP B 238 45.57 -9.59 -15.62
C TRP B 238 45.02 -10.85 -16.29
N LEU B 239 45.56 -12.02 -15.95
CA LEU B 239 44.96 -13.27 -16.46
C LEU B 239 44.58 -14.15 -15.29
N ALA B 240 43.29 -14.41 -15.11
CA ALA B 240 42.87 -15.32 -14.01
C ALA B 240 42.96 -16.77 -14.50
N VAL B 241 43.39 -17.68 -13.63
CA VAL B 241 43.64 -19.06 -14.00
C VAL B 241 43.04 -19.95 -12.88
N GLY B 242 42.17 -20.89 -13.28
CA GLY B 242 41.52 -21.79 -12.32
C GLY B 242 42.16 -23.20 -12.31
N MET B 243 42.59 -23.67 -11.15
CA MET B 243 43.20 -24.98 -11.12
C MET B 243 42.53 -26.08 -10.37
N GLU B 244 42.92 -27.26 -10.82
CA GLU B 244 42.62 -28.51 -10.16
C GLU B 244 42.98 -28.51 -8.63
N SER B 245 44.07 -27.83 -8.24
CA SER B 245 44.53 -27.77 -6.82
C SER B 245 43.57 -26.98 -5.93
N SER B 246 42.67 -26.21 -6.57
CA SER B 246 41.64 -25.36 -5.92
C SER B 246 41.99 -23.85 -5.93
N ASN B 247 43.25 -23.54 -6.17
CA ASN B 247 43.66 -22.16 -6.26
C ASN B 247 43.02 -21.48 -7.47
N VAL B 248 42.80 -20.18 -7.32
CA VAL B 248 42.68 -19.27 -8.42
C VAL B 248 43.99 -18.47 -8.32
N GLU B 249 44.70 -18.34 -9.44
CA GLU B 249 45.91 -17.53 -9.54
C GLU B 249 45.64 -16.41 -10.53
N VAL B 250 46.00 -15.19 -10.17
CA VAL B 250 45.80 -14.08 -11.05
C VAL B 250 47.20 -13.60 -11.44
N LEU B 251 47.57 -13.83 -12.69
CA LEU B 251 48.92 -13.56 -13.19
C LEU B 251 48.93 -12.15 -13.71
N HIS B 252 50.02 -11.46 -13.44
CA HIS B 252 50.18 -10.10 -13.96
C HIS B 252 50.80 -10.22 -15.34
N VAL B 253 50.04 -9.92 -16.39
CA VAL B 253 50.54 -10.13 -17.76
C VAL B 253 51.86 -9.36 -18.09
N ASN B 254 52.85 -10.15 -18.51
CA ASN B 254 54.13 -9.65 -18.96
C ASN B 254 54.98 -9.17 -17.78
N LYS B 255 54.48 -9.40 -16.56
CA LYS B 255 55.20 -9.05 -15.29
C LYS B 255 55.36 -10.26 -14.37
N PRO B 256 56.36 -10.26 -13.47
CA PRO B 256 56.68 -11.52 -12.76
C PRO B 256 55.94 -11.78 -11.41
N ASP B 257 54.93 -10.97 -11.11
CA ASP B 257 54.16 -11.12 -9.87
C ASP B 257 52.76 -11.70 -10.14
N LYS B 258 52.12 -12.21 -9.08
CA LYS B 258 50.78 -12.75 -9.19
C LYS B 258 50.07 -12.77 -7.83
N TYR B 259 48.75 -12.99 -7.87
CA TYR B 259 47.93 -13.25 -6.68
C TYR B 259 47.58 -14.74 -6.61
N GLN B 260 47.49 -15.31 -5.40
CA GLN B 260 46.90 -16.64 -5.19
C GLN B 260 45.72 -16.49 -4.24
N LEU B 261 44.56 -16.99 -4.66
CA LEU B 261 43.29 -16.88 -3.94
C LEU B 261 42.79 -18.26 -3.51
N HIS B 262 42.33 -18.38 -2.28
CA HIS B 262 42.01 -19.69 -1.70
C HIS B 262 40.61 -19.69 -1.01
N LEU B 263 39.55 -19.81 -1.80
CA LEU B 263 38.21 -19.97 -1.22
C LEU B 263 37.46 -21.16 -1.85
N HIS B 264 38.16 -21.99 -2.60
CA HIS B 264 37.59 -23.22 -3.11
C HIS B 264 38.26 -24.38 -2.38
N GLU B 265 37.46 -25.43 -2.16
CA GLU B 265 37.93 -26.64 -1.47
C GLU B 265 38.22 -27.68 -2.53
N SER B 266 37.85 -27.41 -3.78
CA SER B 266 38.02 -28.41 -4.83
C SER B 266 38.43 -27.75 -6.15
N CYS B 267 38.57 -28.55 -7.21
CA CYS B 267 38.84 -28.08 -8.60
C CYS B 267 38.14 -26.75 -8.96
N VAL B 268 38.85 -25.81 -9.55
CA VAL B 268 38.22 -24.62 -10.11
C VAL B 268 37.84 -24.93 -11.57
N LEU B 269 36.54 -25.23 -11.79
CA LEU B 269 36.06 -25.66 -13.11
C LEU B 269 35.85 -24.60 -14.17
N SER B 270 35.37 -23.42 -13.81
CA SER B 270 35.18 -22.42 -14.81
C SER B 270 35.42 -21.08 -14.19
N LEU B 271 35.52 -20.06 -15.05
CA LEU B 271 35.77 -18.73 -14.59
C LEU B 271 35.38 -17.74 -15.65
N LYS B 272 34.95 -16.56 -15.24
CA LYS B 272 34.60 -15.51 -16.21
C LYS B 272 34.78 -14.12 -15.61
N PHE B 273 35.46 -13.24 -16.35
CA PHE B 273 35.44 -11.81 -15.99
C PHE B 273 34.15 -11.09 -16.26
N ALA B 274 33.77 -10.16 -15.37
CA ALA B 274 32.83 -9.16 -15.74
C ALA B 274 33.37 -8.33 -16.94
N TYR B 275 32.51 -7.87 -17.82
CA TYR B 275 32.91 -6.99 -18.94
C TYR B 275 33.58 -5.64 -18.50
N CYS B 276 33.25 -5.08 -17.35
CA CYS B 276 33.95 -3.86 -16.97
C CYS B 276 35.37 -4.21 -16.49
N GLY B 277 35.68 -5.52 -16.33
CA GLY B 277 36.95 -6.02 -15.85
C GLY B 277 37.25 -5.96 -14.36
N LYS B 278 36.40 -5.28 -13.58
CA LYS B 278 36.69 -4.95 -12.16
C LYS B 278 36.44 -6.10 -11.15
N TRP B 279 35.75 -7.14 -11.62
CA TRP B 279 35.51 -8.33 -10.82
C TRP B 279 35.37 -9.50 -11.77
N PHE B 280 35.42 -10.69 -11.23
CA PHE B 280 35.28 -11.92 -11.95
C PHE B 280 34.74 -12.97 -11.05
N VAL B 281 34.27 -14.07 -11.63
CA VAL B 281 33.76 -15.24 -10.92
C VAL B 281 34.53 -16.47 -11.26
N SER B 282 34.57 -17.40 -10.31
CA SER B 282 35.10 -18.75 -10.54
C SER B 282 34.09 -19.71 -9.98
N THR B 283 34.09 -20.95 -10.47
CA THR B 283 33.11 -21.96 -10.03
C THR B 283 33.84 -23.24 -9.68
N GLY B 284 33.31 -23.97 -8.70
CA GLY B 284 34.04 -25.11 -8.15
C GLY B 284 33.24 -26.40 -8.18
N LYS B 285 33.99 -27.48 -8.23
CA LYS B 285 33.49 -28.84 -7.91
C LYS B 285 32.94 -28.89 -6.46
N ASP B 286 33.35 -27.91 -5.65
CA ASP B 286 32.86 -27.76 -4.27
C ASP B 286 31.49 -27.03 -4.12
N ASN B 287 30.83 -26.76 -5.26
CA ASN B 287 29.44 -26.20 -5.29
C ASN B 287 29.43 -24.68 -5.14
N LEU B 288 30.60 -24.03 -5.15
CA LEU B 288 30.68 -22.57 -4.94
C LEU B 288 30.82 -21.78 -6.22
N LEU B 289 30.08 -20.70 -6.25
CA LEU B 289 30.32 -19.62 -7.16
C LEU B 289 30.95 -18.50 -6.29
N ASN B 290 32.17 -18.08 -6.62
CA ASN B 290 32.86 -17.07 -5.82
C ASN B 290 33.06 -15.92 -6.74
N ALA B 291 32.80 -14.70 -6.25
CA ALA B 291 33.03 -13.45 -6.99
C ALA B 291 34.26 -12.79 -6.35
N TRP B 292 35.11 -12.20 -7.19
CA TRP B 292 36.43 -11.78 -6.76
C TRP B 292 36.70 -10.43 -7.32
N ARG B 293 37.32 -9.54 -6.53
CA ARG B 293 37.79 -8.24 -7.02
C ARG B 293 39.08 -8.42 -7.85
N THR B 294 39.10 -7.74 -8.99
CA THR B 294 40.27 -7.66 -9.86
C THR B 294 41.21 -6.58 -9.29
N PRO B 295 42.52 -6.88 -9.20
CA PRO B 295 43.22 -8.16 -9.41
C PRO B 295 43.50 -9.01 -8.17
N TYR B 296 43.39 -8.42 -6.98
CA TYR B 296 43.94 -9.02 -5.75
C TYR B 296 42.94 -9.97 -5.10
N GLY B 297 41.73 -10.08 -5.67
CA GLY B 297 40.81 -11.10 -5.18
C GLY B 297 40.17 -10.91 -3.81
N ALA B 298 39.85 -9.67 -3.40
CA ALA B 298 38.95 -9.55 -2.27
C ALA B 298 37.61 -10.30 -2.60
N SER B 299 37.05 -11.06 -1.65
CA SER B 299 35.83 -11.85 -1.91
C SER B 299 34.57 -10.98 -1.82
N ILE B 300 34.01 -10.63 -3.00
CA ILE B 300 32.78 -9.80 -3.13
C ILE B 300 31.46 -10.51 -2.69
N PHE B 301 31.35 -11.80 -3.03
CA PHE B 301 30.22 -12.63 -2.62
C PHE B 301 30.59 -14.11 -2.82
N GLN B 302 29.87 -15.00 -2.14
CA GLN B 302 29.99 -16.40 -2.38
C GLN B 302 28.58 -16.88 -2.41
N SER B 303 28.30 -17.82 -3.31
CA SER B 303 27.01 -18.49 -3.29
C SER B 303 27.15 -20.03 -3.40
N LYS B 304 26.61 -20.77 -2.48
CA LYS B 304 26.83 -22.19 -2.46
C LYS B 304 25.65 -22.85 -3.10
N GLU B 305 25.86 -23.53 -4.21
CA GLU B 305 24.75 -24.14 -4.96
C GLU B 305 24.53 -25.57 -4.49
N SER B 306 23.55 -26.28 -5.04
CA SER B 306 23.24 -27.63 -4.55
C SER B 306 24.21 -28.70 -5.06
N SER B 307 24.95 -28.40 -6.12
CA SER B 307 25.86 -29.38 -6.71
C SER B 307 27.08 -28.70 -7.29
N SER B 308 27.94 -29.50 -7.87
CA SER B 308 29.13 -29.04 -8.51
C SER B 308 28.76 -27.97 -9.55
N VAL B 309 29.61 -26.94 -9.68
CA VAL B 309 29.31 -25.83 -10.62
C VAL B 309 30.33 -25.90 -11.73
N LEU B 310 29.89 -26.39 -12.88
CA LEU B 310 30.76 -26.82 -13.98
C LEU B 310 31.08 -25.71 -14.99
N SER B 311 30.19 -24.70 -15.08
CA SER B 311 30.28 -23.66 -16.13
C SER B 311 29.61 -22.35 -15.73
N CYS B 312 29.92 -21.26 -16.44
CA CYS B 312 29.32 -20.00 -16.08
C CYS B 312 29.43 -19.02 -17.26
N ASP B 313 28.59 -18.01 -17.27
CA ASP B 313 28.83 -16.91 -18.16
C ASP B 313 28.32 -15.71 -17.45
N ILE B 314 28.82 -14.56 -17.90
CA ILE B 314 28.34 -13.27 -17.45
C ILE B 314 27.86 -12.50 -18.67
N SER B 315 26.71 -11.83 -18.58
CA SER B 315 26.14 -11.13 -19.72
C SER B 315 26.98 -9.88 -20.00
N VAL B 316 26.93 -9.42 -21.25
CA VAL B 316 27.81 -8.35 -21.74
C VAL B 316 27.57 -7.03 -21.01
N ASP B 317 26.34 -6.84 -20.50
CA ASP B 317 25.86 -5.70 -19.70
C ASP B 317 26.14 -5.85 -18.22
N ASP B 318 26.79 -6.94 -17.83
CA ASP B 318 27.16 -7.26 -16.46
C ASP B 318 25.96 -7.40 -15.48
N LYS B 319 24.76 -7.55 -16.02
CA LYS B 319 23.59 -7.63 -15.16
C LYS B 319 23.29 -9.06 -14.71
N TYR B 320 23.81 -10.06 -15.41
CA TYR B 320 23.40 -11.47 -15.13
C TYR B 320 24.58 -12.44 -15.09
N ILE B 321 24.47 -13.44 -14.20
CA ILE B 321 25.41 -14.55 -14.16
C ILE B 321 24.59 -15.84 -14.36
N VAL B 322 25.08 -16.72 -15.23
CA VAL B 322 24.44 -18.02 -15.41
C VAL B 322 25.47 -19.05 -15.07
N THR B 323 25.08 -20.08 -14.28
CA THR B 323 26.04 -21.16 -13.94
C THR B 323 25.39 -22.47 -14.40
N GLY B 324 26.20 -23.42 -14.83
CA GLY B 324 25.69 -24.76 -15.15
C GLY B 324 26.03 -25.70 -14.00
N SER B 325 25.13 -26.64 -13.72
CA SER B 325 25.17 -27.47 -12.50
C SER B 325 25.27 -28.99 -12.70
N GLY B 326 25.92 -29.64 -11.72
CA GLY B 326 25.94 -31.11 -11.61
C GLY B 326 24.56 -31.64 -11.28
N ASP B 327 23.66 -30.79 -10.82
CA ASP B 327 22.27 -31.20 -10.57
C ASP B 327 21.34 -31.07 -11.77
N LYS B 328 21.93 -31.04 -12.97
CA LYS B 328 21.20 -31.15 -14.21
C LYS B 328 20.36 -29.88 -14.54
N LYS B 329 20.93 -28.69 -14.28
CA LYS B 329 20.19 -27.40 -14.31
C LYS B 329 21.22 -26.28 -14.55
N ALA B 330 20.71 -25.09 -14.84
CA ALA B 330 21.47 -23.88 -14.84
C ALA B 330 20.74 -22.96 -13.90
N THR B 331 21.43 -21.96 -13.39
CA THR B 331 20.85 -21.01 -12.48
C THR B 331 21.14 -19.61 -13.08
N VAL B 332 20.10 -18.79 -13.14
CA VAL B 332 20.25 -17.41 -13.56
C VAL B 332 20.28 -16.55 -12.32
N TYR B 333 21.33 -15.73 -12.19
CA TYR B 333 21.43 -14.75 -11.11
C TYR B 333 21.34 -13.35 -11.67
N GLU B 334 20.58 -12.52 -11.00
CA GLU B 334 20.61 -11.11 -11.26
C GLU B 334 21.68 -10.45 -10.37
N VAL B 335 22.58 -9.66 -10.93
CA VAL B 335 23.66 -8.99 -10.13
C VAL B 335 23.05 -7.73 -9.57
N ILE B 336 23.03 -7.61 -8.25
CA ILE B 336 22.47 -6.43 -7.58
C ILE B 336 23.61 -5.49 -7.24
N TYR B 337 23.56 -4.27 -7.77
CA TYR B 337 24.62 -3.26 -7.54
C TYR B 337 24.16 -2.29 -6.50
N ASP C 1 -12.45 3.89 4.39
CA ASP C 1 -13.18 3.62 3.11
C ASP C 1 -13.74 4.92 2.55
N TYR C 2 -13.48 5.17 1.27
CA TYR C 2 -13.96 6.39 0.61
C TYR C 2 -15.30 6.08 -0.06
N PHE C 3 -16.19 7.06 0.01
CA PHE C 3 -17.48 7.01 -0.61
C PHE C 3 -17.62 8.04 -1.75
N GLN C 4 -18.36 7.68 -2.78
CA GLN C 4 -18.71 8.65 -3.84
C GLN C 4 -20.20 8.96 -3.87
N GLY C 5 -20.58 10.17 -4.22
CA GLY C 5 -21.98 10.44 -4.47
C GLY C 5 -22.52 9.58 -5.63
N ALA C 6 -23.83 9.28 -5.59
CA ALA C 6 -24.58 8.58 -6.67
C ALA C 6 -25.96 9.19 -6.57
N MET C 7 -26.49 9.65 -7.69
CA MET C 7 -27.76 10.37 -7.65
C MET C 7 -28.93 9.38 -7.65
N GLY C 8 -29.92 9.67 -6.82
CA GLY C 8 -31.17 8.89 -6.74
C GLY C 8 -32.29 9.83 -7.08
N SER C 9 -33.49 9.27 -7.17
CA SER C 9 -34.66 10.09 -7.45
C SER C 9 -35.85 9.45 -6.74
N LYS C 10 -36.90 10.23 -6.55
CA LYS C 10 -38.07 9.79 -5.80
C LYS C 10 -39.23 10.48 -6.45
N PRO C 11 -40.46 9.89 -6.31
CA PRO C 11 -41.61 10.70 -6.72
C PRO C 11 -41.52 12.00 -5.96
N ALA C 12 -41.95 13.10 -6.57
CA ALA C 12 -41.80 14.40 -5.91
C ALA C 12 -42.27 14.38 -4.44
N TYR C 13 -41.43 14.90 -3.56
CA TYR C 13 -41.70 14.85 -2.11
C TYR C 13 -41.64 16.29 -1.50
N SER C 14 -41.10 17.24 -2.27
CA SER C 14 -40.96 18.63 -1.79
C SER C 14 -41.81 19.59 -2.60
N PHE C 15 -42.72 20.28 -1.92
CA PHE C 15 -43.67 21.22 -2.54
C PHE C 15 -43.62 22.63 -1.98
N HIS C 16 -43.80 23.57 -2.89
CA HIS C 16 -43.94 24.95 -2.52
C HIS C 16 -45.42 25.33 -2.55
N VAL C 17 -45.89 25.86 -1.42
CA VAL C 17 -47.28 26.27 -1.23
C VAL C 17 -47.35 27.80 -1.30
N THR C 18 -48.15 28.23 -2.24
CA THR C 18 -48.19 29.60 -2.71
C THR C 18 -49.26 30.37 -1.92
N ALA C 19 -49.05 31.68 -1.76
CA ALA C 19 -50.05 32.55 -1.07
C ALA C 19 -51.51 32.12 -1.36
N ASP C 20 -51.79 31.99 -2.65
CA ASP C 20 -53.11 31.78 -3.25
C ASP C 20 -53.33 30.31 -3.51
N GLY C 21 -53.13 29.47 -2.50
CA GLY C 21 -52.47 28.18 -2.81
C GLY C 21 -52.76 26.78 -2.28
N GLN C 22 -52.44 25.77 -3.09
CA GLN C 22 -51.74 25.89 -4.39
C GLN C 22 -50.28 25.45 -4.29
N MET C 23 -50.08 24.19 -4.67
CA MET C 23 -48.85 23.49 -4.48
C MET C 23 -48.20 23.16 -5.80
N GLN C 24 -46.91 23.47 -5.90
CA GLN C 24 -46.11 23.07 -7.03
C GLN C 24 -44.86 22.35 -6.50
N PRO C 25 -44.53 21.18 -7.10
CA PRO C 25 -43.24 20.55 -6.82
C PRO C 25 -42.12 21.56 -6.99
N VAL C 26 -41.11 21.51 -6.14
CA VAL C 26 -40.01 22.44 -6.23
C VAL C 26 -39.04 22.02 -7.35
N PRO C 27 -38.68 22.96 -8.25
CA PRO C 27 -37.53 22.75 -9.12
C PRO C 27 -36.21 23.10 -8.37
N PHE C 28 -35.40 22.11 -8.02
CA PHE C 28 -34.23 22.35 -7.20
C PHE C 28 -33.18 23.16 -7.99
N PRO C 29 -32.62 24.24 -7.39
CA PRO C 29 -31.50 24.95 -8.08
C PRO C 29 -30.24 24.12 -8.10
N PRO C 30 -29.21 24.59 -8.84
CA PRO C 30 -27.98 23.78 -9.00
C PRO C 30 -27.24 23.43 -7.69
N ASP C 31 -27.32 24.33 -6.70
CA ASP C 31 -26.69 24.10 -5.40
C ASP C 31 -27.60 23.38 -4.40
N ALA C 32 -28.68 22.71 -4.87
CA ALA C 32 -29.62 22.02 -3.94
C ALA C 32 -29.02 20.81 -3.25
N LEU C 33 -28.24 20.02 -3.96
CA LEU C 33 -27.82 18.71 -3.44
C LEU C 33 -26.31 18.61 -3.25
N ILE C 34 -25.62 19.70 -3.57
CA ILE C 34 -24.18 19.71 -3.67
C ILE C 34 -23.71 21.15 -3.52
N GLY C 35 -22.64 21.39 -2.78
CA GLY C 35 -22.15 22.78 -2.66
C GLY C 35 -21.30 22.98 -1.42
N PRO C 36 -20.67 24.17 -1.28
CA PRO C 36 -19.90 24.37 -0.02
C PRO C 36 -20.78 24.39 1.24
N GLY C 37 -20.35 23.68 2.27
CA GLY C 37 -21.16 23.53 3.47
C GLY C 37 -22.31 22.50 3.37
N ILE C 38 -22.40 21.84 2.21
CA ILE C 38 -23.48 20.86 1.97
C ILE C 38 -22.90 19.44 2.12
N PRO C 39 -23.46 18.64 3.06
CA PRO C 39 -22.89 17.30 3.33
C PRO C 39 -22.92 16.38 2.10
N ARG C 40 -21.91 15.53 1.93
CA ARG C 40 -21.96 14.46 0.92
C ARG C 40 -22.66 13.19 1.47
N HIS C 41 -22.42 12.90 2.75
CA HIS C 41 -23.08 11.82 3.45
C HIS C 41 -22.73 11.90 4.93
N ALA C 42 -23.28 10.98 5.70
CA ALA C 42 -22.94 10.88 7.09
C ALA C 42 -22.57 9.43 7.39
N ARG C 43 -21.47 9.27 8.13
CA ARG C 43 -21.04 7.95 8.56
C ARG C 43 -21.16 7.74 10.07
N GLN C 44 -21.74 6.61 10.43
CA GLN C 44 -21.89 6.26 11.81
C GLN C 44 -20.49 5.89 12.39
N ILE C 45 -20.13 6.52 13.51
CA ILE C 45 -18.82 6.36 14.10
C ILE C 45 -18.86 5.89 15.57
N ASN C 46 -20.02 6.00 16.24
CA ASN C 46 -20.15 5.46 17.60
C ASN C 46 -21.59 5.11 17.95
N THR C 47 -21.74 4.24 18.93
CA THR C 47 -23.01 3.84 19.50
C THR C 47 -22.87 3.99 20.98
N LEU C 48 -23.80 4.70 21.61
CA LEU C 48 -23.71 4.96 23.05
C LEU C 48 -24.85 4.12 23.70
N ASN C 49 -24.47 3.06 24.36
CA ASN C 49 -25.45 2.07 24.88
C ASN C 49 -26.06 2.47 26.20
N HIS C 50 -26.96 3.45 26.11
CA HIS C 50 -27.64 4.02 27.27
C HIS C 50 -28.47 3.02 28.02
N GLY C 51 -29.21 2.19 27.27
CA GLY C 51 -29.94 1.04 27.89
C GLY C 51 -31.35 1.42 28.29
N GLU C 52 -31.66 2.70 28.08
CA GLU C 52 -33.03 3.20 28.07
C GLU C 52 -33.26 4.08 26.83
N VAL C 53 -34.53 4.22 26.44
CA VAL C 53 -34.95 5.05 25.33
C VAL C 53 -34.36 6.45 25.51
N VAL C 54 -33.65 6.95 24.49
CA VAL C 54 -32.91 8.25 24.59
C VAL C 54 -33.75 9.41 24.07
N CYS C 55 -34.42 10.12 24.99
CA CYS C 55 -35.35 11.21 24.64
C CYS C 55 -34.66 12.51 24.37
N ALA C 56 -33.40 12.64 24.79
CA ALA C 56 -32.68 13.88 24.66
C ALA C 56 -31.22 13.58 24.37
N VAL C 57 -30.60 14.35 23.46
CA VAL C 57 -29.16 14.26 23.25
C VAL C 57 -28.58 15.67 23.10
N THR C 58 -27.37 15.87 23.63
CA THR C 58 -26.59 17.09 23.43
C THR C 58 -25.12 16.74 23.29
N ILE C 59 -24.42 17.48 22.44
CA ILE C 59 -23.00 17.32 22.22
C ILE C 59 -22.29 18.49 22.84
N SER C 60 -21.20 18.24 23.56
CA SER C 60 -20.45 19.35 24.15
C SER C 60 -19.81 20.26 23.11
N ASN C 61 -19.37 21.44 23.54
CA ASN C 61 -18.46 22.29 22.74
C ASN C 61 -17.19 22.66 23.54
N PRO C 62 -16.01 22.25 23.10
CA PRO C 62 -15.63 21.48 21.92
C PRO C 62 -16.25 20.10 21.96
N THR C 63 -16.42 19.52 20.79
CA THR C 63 -16.95 18.19 20.67
C THR C 63 -15.97 17.26 21.40
N ARG C 64 -16.49 16.45 22.31
CA ARG C 64 -15.69 15.58 23.13
C ARG C 64 -16.62 14.67 23.92
N HIS C 65 -17.65 15.25 24.55
CA HIS C 65 -18.64 14.46 25.28
C HIS C 65 -19.98 14.60 24.64
N VAL C 66 -20.77 13.54 24.84
CA VAL C 66 -22.20 13.48 24.49
C VAL C 66 -23.00 13.20 25.74
N TYR C 67 -24.13 13.89 25.87
CA TYR C 67 -25.02 13.71 26.99
C TYR C 67 -26.27 13.06 26.46
N THR C 68 -26.68 11.97 27.12
CA THR C 68 -27.86 11.24 26.67
C THR C 68 -28.83 11.20 27.82
N GLY C 69 -30.06 11.58 27.54
CA GLY C 69 -31.08 11.55 28.57
C GLY C 69 -31.99 10.38 28.39
N GLY C 70 -32.01 9.48 29.37
CA GLY C 70 -32.92 8.34 29.37
C GLY C 70 -33.88 8.38 30.55
N LYS C 71 -33.99 7.27 31.25
CA LYS C 71 -34.84 7.18 32.40
C LYS C 71 -34.03 7.56 33.62
N GLY C 72 -34.45 8.62 34.30
CA GLY C 72 -33.90 8.94 35.63
C GLY C 72 -32.64 9.76 35.56
N CYS C 73 -31.80 9.45 34.58
CA CYS C 73 -30.46 10.03 34.51
C CYS C 73 -30.02 10.51 33.13
N VAL C 74 -29.00 11.38 33.15
CA VAL C 74 -28.26 11.73 31.97
C VAL C 74 -26.91 10.97 32.03
N LYS C 75 -26.55 10.27 30.94
CA LYS C 75 -25.23 9.59 30.91
C LYS C 75 -24.29 10.47 30.08
N VAL C 76 -23.05 10.62 30.53
CA VAL C 76 -22.06 11.41 29.83
C VAL C 76 -21.02 10.46 29.25
N TRP C 77 -20.75 10.59 27.94
CA TRP C 77 -19.94 9.71 27.13
C TRP C 77 -18.78 10.52 26.55
N ASP C 78 -17.58 9.98 26.65
CA ASP C 78 -16.40 10.61 26.07
C ASP C 78 -16.20 9.96 24.71
N ILE C 79 -16.54 10.68 23.64
CA ILE C 79 -16.40 10.12 22.30
C ILE C 79 -15.03 10.49 21.66
N SER C 80 -14.17 11.14 22.42
CA SER C 80 -12.85 11.48 21.93
C SER C 80 -11.94 10.26 22.22
N HIS C 81 -12.45 9.34 23.05
CA HIS C 81 -11.88 8.00 23.28
C HIS C 81 -12.80 6.96 22.62
N PRO C 82 -12.50 6.60 21.34
CA PRO C 82 -13.40 5.70 20.55
C PRO C 82 -13.57 4.24 21.09
N GLY C 83 -12.69 3.78 21.99
CA GLY C 83 -12.79 2.45 22.64
C GLY C 83 -13.75 2.33 23.84
N ASN C 84 -14.11 3.47 24.45
CA ASN C 84 -15.07 3.52 25.54
C ASN C 84 -16.41 2.89 25.17
N LYS C 85 -16.83 1.92 25.98
CA LYS C 85 -18.17 1.33 25.81
C LYS C 85 -19.14 1.83 26.90
N SER C 86 -18.65 2.59 27.88
CA SER C 86 -19.56 3.01 28.97
C SER C 86 -19.42 4.52 29.31
N PRO C 87 -20.40 5.07 30.04
CA PRO C 87 -20.34 6.48 30.30
C PRO C 87 -19.13 6.83 31.18
N VAL C 88 -18.66 8.07 31.10
CA VAL C 88 -17.67 8.54 32.06
C VAL C 88 -18.34 9.12 33.31
N SER C 89 -19.61 9.51 33.21
CA SER C 89 -20.40 10.07 34.32
C SER C 89 -21.87 9.78 34.11
N GLN C 90 -22.60 9.80 35.21
CA GLN C 90 -24.04 9.66 35.20
C GLN C 90 -24.64 10.69 36.14
N LEU C 91 -25.58 11.44 35.60
CA LEU C 91 -26.19 12.55 36.32
C LEU C 91 -27.60 12.08 36.72
N ASP C 92 -27.80 11.81 38.01
CA ASP C 92 -29.11 11.33 38.46
C ASP C 92 -30.04 12.51 38.70
N CYS C 93 -31.09 12.57 37.91
CA CYS C 93 -31.88 13.79 37.80
C CYS C 93 -33.29 13.68 38.39
N LEU C 94 -33.99 12.61 38.07
CA LEU C 94 -35.37 12.51 38.54
C LEU C 94 -35.72 11.08 38.78
N ASN C 95 -36.96 10.89 39.21
CA ASN C 95 -37.50 9.58 39.52
C ASN C 95 -37.02 8.61 38.47
N ARG C 96 -36.55 7.45 38.92
CA ARG C 96 -35.89 6.48 38.05
C ARG C 96 -36.85 5.89 37.05
N ASP C 97 -38.16 6.00 37.32
CA ASP C 97 -39.23 5.51 36.41
C ASP C 97 -39.63 6.56 35.38
N ASN C 98 -39.15 7.79 35.58
CA ASN C 98 -39.47 8.93 34.70
C ASN C 98 -38.35 9.38 33.77
N TYR C 99 -38.74 9.83 32.59
CA TYR C 99 -37.79 10.24 31.58
C TYR C 99 -37.35 11.71 31.66
N ILE C 100 -36.06 11.90 31.36
CA ILE C 100 -35.49 13.18 30.95
C ILE C 100 -36.11 13.46 29.61
N ARG C 101 -36.54 14.68 29.36
CA ARG C 101 -37.09 15.03 28.06
C ARG C 101 -36.22 16.01 27.28
N SER C 102 -35.35 16.72 27.95
CA SER C 102 -34.60 17.81 27.27
C SER C 102 -33.33 18.12 28.11
N CYS C 103 -32.18 18.28 27.46
CA CYS C 103 -31.05 18.84 28.21
C CYS C 103 -30.25 19.80 27.33
N LYS C 104 -29.86 20.92 27.90
CA LYS C 104 -29.19 21.97 27.14
C LYS C 104 -27.96 22.44 27.88
N LEU C 105 -26.86 22.54 27.14
CA LEU C 105 -25.63 23.13 27.65
C LEU C 105 -25.76 24.64 27.57
N LEU C 106 -25.26 25.36 28.57
CA LEU C 106 -25.10 26.83 28.42
C LEU C 106 -23.99 27.06 27.42
N PRO C 107 -24.07 28.18 26.66
CA PRO C 107 -23.14 28.54 25.58
C PRO C 107 -21.69 28.34 25.95
N ASP C 108 -21.37 28.53 27.22
CA ASP C 108 -20.01 28.48 27.69
C ASP C 108 -19.53 27.06 28.06
N GLY C 109 -20.47 26.10 28.17
CA GLY C 109 -20.16 24.66 28.32
C GLY C 109 -19.95 24.12 29.71
N CYS C 110 -19.89 25.00 30.71
CA CYS C 110 -19.65 24.56 32.08
C CYS C 110 -20.87 24.15 32.87
N THR C 111 -22.04 24.41 32.28
CA THR C 111 -23.31 24.00 32.91
C THR C 111 -24.33 23.34 31.97
N LEU C 112 -25.04 22.38 32.52
CA LEU C 112 -26.11 21.68 31.81
C LEU C 112 -27.43 21.81 32.58
N ILE C 113 -28.50 22.07 31.84
CA ILE C 113 -29.84 22.16 32.41
C ILE C 113 -30.65 20.99 31.87
N VAL C 114 -31.41 20.35 32.77
CA VAL C 114 -32.09 19.10 32.48
C VAL C 114 -33.51 19.22 32.95
N GLY C 115 -34.45 18.95 32.06
CA GLY C 115 -35.85 18.81 32.44
C GLY C 115 -36.43 17.52 31.92
N GLY C 116 -37.58 17.18 32.45
CA GLY C 116 -38.33 16.03 31.97
C GLY C 116 -39.64 15.83 32.73
N GLU C 117 -40.02 14.59 32.95
CA GLU C 117 -41.30 14.22 33.54
C GLU C 117 -41.24 14.35 35.07
N ALA C 118 -41.06 15.59 35.52
CA ALA C 118 -40.98 16.02 36.92
C ALA C 118 -41.11 17.55 36.94
N SER C 119 -41.41 18.11 38.11
CA SER C 119 -41.64 19.54 38.17
C SER C 119 -40.37 20.38 38.44
N THR C 120 -39.23 19.73 38.59
CA THR C 120 -37.95 20.42 38.81
C THR C 120 -37.06 20.30 37.57
N LEU C 121 -36.44 21.41 37.22
CA LEU C 121 -35.40 21.39 36.23
C LEU C 121 -34.10 21.43 37.02
N SER C 122 -33.14 20.57 36.66
CA SER C 122 -31.87 20.58 37.39
C SER C 122 -30.75 21.29 36.61
N ILE C 123 -29.95 22.00 37.40
CA ILE C 123 -28.84 22.75 36.87
C ILE C 123 -27.56 22.15 37.39
N TRP C 124 -26.72 21.69 36.46
CA TRP C 124 -25.52 20.91 36.78
C TRP C 124 -24.23 21.66 36.47
N ASP C 125 -23.39 21.76 37.50
CA ASP C 125 -22.02 22.24 37.40
C ASP C 125 -21.20 21.09 36.81
N LEU C 126 -20.63 21.33 35.63
CA LEU C 126 -19.80 20.29 34.96
C LEU C 126 -18.27 20.39 35.31
N ALA C 127 -17.81 21.60 35.70
CA ALA C 127 -16.42 21.82 36.15
C ALA C 127 -15.96 20.92 37.34
N ALA C 128 -16.82 20.75 38.34
CA ALA C 128 -16.53 19.91 39.53
C ALA C 128 -16.00 18.46 39.23
N PRO C 129 -15.29 17.82 40.19
CA PRO C 129 -14.78 16.46 39.94
C PRO C 129 -15.60 15.24 40.48
N THR C 130 -16.56 14.72 39.70
CA THR C 130 -17.17 15.48 38.60
C THR C 130 -18.61 16.04 38.91
N PRO C 131 -19.50 16.15 37.89
CA PRO C 131 -20.85 16.73 37.98
C PRO C 131 -21.54 16.78 39.34
N ARG C 132 -22.19 17.91 39.61
CA ARG C 132 -22.80 18.22 40.90
C ARG C 132 -23.96 19.16 40.58
N ILE C 133 -25.12 18.93 41.19
CA ILE C 133 -26.25 19.86 41.04
C ILE C 133 -25.96 21.21 41.74
N LYS C 134 -25.75 22.23 40.91
CA LYS C 134 -25.55 23.65 41.25
C LYS C 134 -26.87 24.20 41.85
N ALA C 135 -28.01 23.87 41.24
CA ALA C 135 -29.30 24.48 41.60
C ALA C 135 -30.50 23.77 40.96
N GLU C 136 -31.71 24.13 41.39
CA GLU C 136 -32.96 23.60 40.82
C GLU C 136 -33.95 24.72 40.49
N LEU C 137 -34.69 24.56 39.40
CA LEU C 137 -35.80 25.46 39.11
C LEU C 137 -37.05 24.65 39.36
N THR C 138 -37.96 25.15 40.20
CA THR C 138 -39.15 24.36 40.57
C THR C 138 -40.39 24.96 39.97
N SER C 139 -40.95 24.23 39.01
CA SER C 139 -42.12 24.65 38.30
C SER C 139 -43.34 24.16 39.09
N SER C 140 -44.51 24.74 38.80
CA SER C 140 -45.79 24.20 39.27
C SER C 140 -46.44 23.30 38.20
N ALA C 141 -45.90 23.31 36.98
CA ALA C 141 -46.32 22.34 35.98
C ALA C 141 -45.70 20.96 36.31
N PRO C 142 -46.42 19.87 36.03
CA PRO C 142 -45.90 18.52 36.33
C PRO C 142 -44.76 18.04 35.43
N ALA C 143 -44.65 18.57 34.20
CA ALA C 143 -43.57 18.14 33.30
C ALA C 143 -43.03 19.22 32.41
N CYS C 144 -41.76 19.03 32.06
CA CYS C 144 -41.13 19.81 31.00
C CYS C 144 -40.87 18.94 29.76
N TYR C 145 -41.28 19.38 28.59
CA TYR C 145 -41.13 18.60 27.36
C TYR C 145 -39.98 19.03 26.46
N ALA C 146 -39.47 20.23 26.70
CA ALA C 146 -38.49 20.89 25.86
C ALA C 146 -37.92 22.09 26.64
N LEU C 147 -36.64 22.37 26.43
CA LEU C 147 -35.94 23.58 26.94
C LEU C 147 -35.24 24.35 25.86
N ALA C 148 -35.02 25.63 26.09
CA ALA C 148 -34.17 26.45 25.24
C ALA C 148 -33.46 27.46 26.15
N ILE C 149 -32.22 27.82 25.84
CA ILE C 149 -31.48 28.77 26.67
C ILE C 149 -31.27 30.01 25.84
N SER C 150 -31.38 31.21 26.44
CA SER C 150 -31.18 32.44 25.71
C SER C 150 -29.70 32.56 25.23
N PRO C 151 -29.47 33.20 24.07
CA PRO C 151 -28.08 33.41 23.57
C PRO C 151 -27.18 34.13 24.61
N ASP C 152 -27.74 35.06 25.39
CA ASP C 152 -26.94 35.72 26.46
C ASP C 152 -26.76 34.91 27.73
N SER C 153 -27.27 33.68 27.72
CA SER C 153 -27.09 32.72 28.80
C SER C 153 -27.84 33.05 30.09
N LYS C 154 -28.67 34.09 30.09
CA LYS C 154 -29.31 34.60 31.32
C LYS C 154 -30.64 33.95 31.68
N VAL C 155 -31.30 33.34 30.70
CA VAL C 155 -32.64 32.87 30.85
C VAL C 155 -32.76 31.41 30.32
N CYS C 156 -33.55 30.61 31.01
CA CYS C 156 -33.97 29.35 30.47
C CYS C 156 -35.49 29.38 30.20
N PHE C 157 -35.90 28.94 29.02
CA PHE C 157 -37.30 28.75 28.68
C PHE C 157 -37.64 27.28 28.83
N SER C 158 -38.74 27.02 29.51
CA SER C 158 -39.23 25.65 29.61
C SER C 158 -40.67 25.45 29.04
N CYS C 159 -40.81 24.50 28.13
CA CYS C 159 -42.11 24.10 27.60
C CYS C 159 -42.79 23.18 28.59
N CYS C 160 -43.86 23.67 29.24
CA CYS C 160 -44.58 22.88 30.25
C CYS C 160 -45.66 21.99 29.67
N SER C 161 -46.00 20.92 30.42
CA SER C 161 -47.05 19.99 30.06
C SER C 161 -48.48 20.56 30.02
N ASP C 162 -48.68 21.68 30.71
CA ASP C 162 -49.94 22.41 30.62
C ASP C 162 -50.05 23.41 29.46
N GLY C 163 -49.03 23.49 28.61
CA GLY C 163 -49.04 24.48 27.55
C GLY C 163 -48.25 25.75 27.78
N ASN C 164 -48.07 26.12 29.03
CA ASN C 164 -47.37 27.39 29.40
C ASN C 164 -45.90 27.29 29.07
N ILE C 165 -45.32 28.43 28.73
CA ILE C 165 -43.88 28.54 28.56
C ILE C 165 -43.33 29.26 29.77
N ALA C 166 -42.57 28.54 30.60
CA ALA C 166 -41.93 29.18 31.73
C ALA C 166 -40.67 29.92 31.30
N VAL C 167 -40.47 31.12 31.85
CA VAL C 167 -39.21 31.86 31.62
C VAL C 167 -38.46 32.07 32.95
N TRP C 168 -37.29 31.47 33.04
CA TRP C 168 -36.52 31.42 34.29
C TRP C 168 -35.29 32.30 34.20
N ASP C 169 -35.07 33.10 35.22
CA ASP C 169 -33.86 33.88 35.42
C ASP C 169 -32.90 32.89 36.08
N LEU C 170 -31.89 32.46 35.31
CA LEU C 170 -30.90 31.48 35.75
C LEU C 170 -30.15 31.85 37.07
N HIS C 171 -29.66 33.10 37.16
CA HIS C 171 -28.94 33.61 38.32
C HIS C 171 -29.64 33.39 39.68
N ASN C 172 -30.89 33.82 39.82
CA ASN C 172 -31.55 33.67 41.13
C ASN C 172 -32.69 32.66 41.13
N GLN C 173 -32.68 31.78 40.12
CA GLN C 173 -33.66 30.70 40.00
C GLN C 173 -35.08 31.21 40.31
N THR C 174 -35.45 32.30 39.66
CA THR C 174 -36.79 32.83 39.82
C THR C 174 -37.45 32.93 38.46
N LEU C 175 -38.76 32.67 38.45
CA LEU C 175 -39.58 32.70 37.29
C LEU C 175 -39.89 34.16 36.99
N VAL C 176 -39.45 34.66 35.84
CA VAL C 176 -39.72 36.06 35.57
C VAL C 176 -40.91 36.29 34.65
N ARG C 177 -41.31 35.26 33.90
CA ARG C 177 -42.43 35.41 33.00
C ARG C 177 -43.00 34.05 32.71
N GLN C 178 -44.29 34.01 32.44
CA GLN C 178 -44.89 32.82 31.99
C GLN C 178 -45.71 33.16 30.78
N PHE C 179 -45.47 32.49 29.64
CA PHE C 179 -46.24 32.70 28.42
C PHE C 179 -47.41 31.74 28.33
N GLN C 180 -48.61 32.28 28.41
CA GLN C 180 -49.80 31.48 28.37
C GLN C 180 -50.46 31.67 27.05
N GLY C 181 -50.98 30.57 26.52
CA GLY C 181 -51.61 30.54 25.20
C GLY C 181 -51.87 29.11 24.69
N HIS C 182 -50.83 28.25 24.66
CA HIS C 182 -51.07 26.83 24.26
C HIS C 182 -52.14 26.19 25.15
N THR C 183 -53.08 25.48 24.53
CA THR C 183 -54.18 24.83 25.27
C THR C 183 -53.92 23.36 25.56
N ASP C 184 -52.71 22.89 25.21
CA ASP C 184 -52.30 21.52 25.50
C ASP C 184 -50.79 21.64 25.54
N GLY C 185 -50.09 20.54 25.82
CA GLY C 185 -48.66 20.61 26.09
C GLY C 185 -47.85 21.34 25.06
N ALA C 186 -46.87 22.12 25.51
CA ALA C 186 -45.94 22.72 24.59
C ALA C 186 -44.83 21.66 24.42
N SER C 187 -44.63 21.28 23.16
CA SER C 187 -43.82 20.15 22.80
C SER C 187 -42.40 20.52 22.34
N CYS C 188 -42.21 21.77 21.91
CA CYS C 188 -40.97 22.20 21.24
C CYS C 188 -40.83 23.69 21.27
N ILE C 189 -39.64 24.20 20.96
CA ILE C 189 -39.30 25.59 21.15
C ILE C 189 -38.00 25.94 20.42
N ASP C 190 -37.94 27.15 19.92
CA ASP C 190 -36.63 27.66 19.50
C ASP C 190 -36.68 29.20 19.61
N ILE C 191 -35.56 29.87 19.39
CA ILE C 191 -35.47 31.34 19.47
C ILE C 191 -35.03 31.88 18.10
N SER C 192 -35.60 33.02 17.66
CA SER C 192 -35.25 33.62 16.39
C SER C 192 -33.75 33.92 16.30
N ASN C 193 -33.25 34.12 15.06
CA ASN C 193 -31.83 34.43 14.88
C ASN C 193 -31.42 35.78 15.55
N ASP C 194 -32.33 36.76 15.67
CA ASP C 194 -31.99 38.02 16.36
C ASP C 194 -32.15 37.98 17.88
N GLY C 195 -32.72 36.88 18.40
CA GLY C 195 -32.82 36.67 19.85
C GLY C 195 -33.97 37.37 20.53
N THR C 196 -34.89 37.94 19.77
CA THR C 196 -35.97 38.78 20.34
C THR C 196 -37.35 38.11 20.34
N LYS C 197 -37.44 37.00 19.61
CA LYS C 197 -38.68 36.30 19.38
C LYS C 197 -38.51 34.84 19.75
N LEU C 198 -39.56 34.30 20.31
CA LEU C 198 -39.56 32.94 20.74
C LEU C 198 -40.54 32.24 19.88
N TRP C 199 -40.27 30.99 19.53
CA TRP C 199 -41.20 30.20 18.71
C TRP C 199 -41.54 28.88 19.37
N THR C 200 -42.83 28.57 19.47
CA THR C 200 -43.19 27.37 20.18
C THR C 200 -44.23 26.50 19.44
N GLY C 201 -44.14 25.18 19.58
CA GLY C 201 -45.14 24.31 18.99
C GLY C 201 -45.84 23.54 20.06
N GLY C 202 -47.08 23.15 19.79
CA GLY C 202 -47.85 22.48 20.81
C GLY C 202 -48.72 21.36 20.35
N LEU C 203 -49.22 20.64 21.34
CA LEU C 203 -50.10 19.51 21.07
C LEU C 203 -51.52 20.00 20.83
N ASP C 204 -51.67 21.32 20.77
CA ASP C 204 -52.96 21.94 20.41
C ASP C 204 -52.95 22.33 18.91
N ASN C 205 -52.00 21.77 18.16
CA ASN C 205 -51.89 21.94 16.71
C ASN C 205 -51.52 23.38 16.31
N THR C 206 -50.83 24.12 17.20
CA THR C 206 -50.44 25.51 16.88
C THR C 206 -48.95 25.69 16.97
N VAL C 207 -48.46 26.66 16.22
CA VAL C 207 -47.13 27.21 16.41
C VAL C 207 -47.38 28.65 16.82
N ARG C 208 -46.72 29.12 17.88
CA ARG C 208 -46.92 30.47 18.37
C ARG C 208 -45.59 31.21 18.39
N SER C 209 -45.60 32.48 18.02
CA SER C 209 -44.46 33.33 18.27
C SER C 209 -44.80 34.29 19.40
N TRP C 210 -43.78 34.67 20.17
CA TRP C 210 -43.92 35.44 21.38
C TRP C 210 -42.88 36.53 21.28
N ASP C 211 -43.22 37.70 21.76
CA ASP C 211 -42.30 38.85 21.77
C ASP C 211 -41.57 38.79 23.09
N LEU C 212 -40.26 38.56 23.07
CA LEU C 212 -39.50 38.43 24.32
C LEU C 212 -39.37 39.73 25.15
N ARG C 213 -39.41 40.87 24.48
CA ARG C 213 -39.34 42.17 25.16
C ARG C 213 -40.69 42.54 25.76
N GLU C 214 -41.73 42.53 24.94
CA GLU C 214 -43.06 43.01 25.32
C GLU C 214 -43.85 41.95 26.10
N GLY C 215 -43.42 40.69 26.00
CA GLY C 215 -44.08 39.60 26.69
C GLY C 215 -45.38 39.05 26.08
N ARG C 216 -45.77 39.47 24.89
CA ARG C 216 -47.05 39.03 24.28
C ARG C 216 -46.94 37.99 23.13
N GLN C 217 -48.01 37.26 22.87
CA GLN C 217 -48.07 36.42 21.69
C GLN C 217 -48.28 37.32 20.49
N LEU C 218 -47.55 37.01 19.42
CA LEU C 218 -47.60 37.75 18.19
C LEU C 218 -48.34 37.03 17.08
N GLN C 219 -47.91 35.82 16.78
CA GLN C 219 -48.45 35.03 15.69
C GLN C 219 -48.97 33.68 16.21
N GLN C 220 -49.90 33.11 15.45
CA GLN C 220 -50.42 31.76 15.70
C GLN C 220 -50.65 31.10 14.35
N HIS C 221 -50.04 29.94 14.15
CA HIS C 221 -50.29 29.12 12.99
C HIS C 221 -50.97 27.89 13.48
N ASP C 222 -52.13 27.61 12.85
CA ASP C 222 -53.01 26.48 13.19
C ASP C 222 -52.83 25.41 12.13
N PHE C 223 -52.64 24.16 12.56
CA PHE C 223 -52.33 23.04 11.64
C PHE C 223 -53.35 21.94 11.86
N THR C 224 -53.38 20.98 10.96
CA THR C 224 -54.33 19.86 11.05
C THR C 224 -53.78 18.70 11.88
N SER C 225 -52.51 18.80 12.31
CA SER C 225 -52.04 17.85 13.31
C SER C 225 -51.21 18.53 14.37
N GLN C 226 -50.88 17.75 15.40
CA GLN C 226 -50.05 18.18 16.50
C GLN C 226 -48.60 18.48 16.05
N ILE C 227 -47.98 19.44 16.70
CA ILE C 227 -46.63 19.81 16.37
C ILE C 227 -45.74 19.12 17.38
N PHE C 228 -44.72 18.38 16.88
CA PHE C 228 -43.73 17.71 17.76
C PHE C 228 -42.36 18.36 17.87
N SER C 229 -41.95 19.08 16.82
CA SER C 229 -40.59 19.65 16.76
C SER C 229 -40.57 20.92 15.93
N LEU C 230 -39.57 21.75 16.20
CA LEU C 230 -39.42 22.93 15.39
C LEU C 230 -38.01 23.48 15.46
N GLY C 231 -37.69 24.34 14.49
CA GLY C 231 -36.38 24.94 14.49
C GLY C 231 -36.33 26.16 13.62
N TYR C 232 -35.63 27.15 14.14
CA TYR C 232 -35.50 28.43 13.48
C TYR C 232 -34.18 28.50 12.77
N CYS C 233 -34.24 28.74 11.46
CA CYS C 233 -33.01 28.84 10.68
C CYS C 233 -32.12 29.95 11.19
N PRO C 234 -30.87 29.61 11.55
CA PRO C 234 -29.94 30.57 12.14
C PRO C 234 -29.57 31.78 11.24
N THR C 235 -29.77 31.68 9.93
CA THR C 235 -29.51 32.84 9.05
C THR C 235 -30.85 33.56 8.82
N GLY C 236 -31.88 33.06 9.49
CA GLY C 236 -33.20 33.68 9.48
C GLY C 236 -34.13 33.25 8.37
N GLU C 237 -35.30 33.89 8.35
CA GLU C 237 -36.31 33.80 7.30
C GLU C 237 -37.23 32.60 7.38
N TRP C 238 -36.73 31.48 7.89
CA TRP C 238 -37.41 30.15 7.76
C TRP C 238 -37.56 29.46 9.08
N LEU C 239 -38.75 28.87 9.30
CA LEU C 239 -39.03 28.02 10.42
C LEU C 239 -39.43 26.61 9.98
N ALA C 240 -38.63 25.62 10.41
CA ALA C 240 -38.98 24.22 10.16
C ALA C 240 -39.86 23.66 11.29
N VAL C 241 -40.88 22.89 10.91
CA VAL C 241 -41.89 22.43 11.84
C VAL C 241 -42.18 20.96 11.55
N GLY C 242 -42.03 20.12 12.56
CA GLY C 242 -42.22 18.67 12.40
C GLY C 242 -43.55 18.27 12.98
N MET C 243 -44.27 17.49 12.22
CA MET C 243 -45.69 17.26 12.46
C MET C 243 -45.95 15.81 12.85
N GLU C 244 -46.87 15.60 13.77
CA GLU C 244 -47.43 14.26 13.99
C GLU C 244 -47.86 13.58 12.68
N SER C 245 -48.30 14.37 11.68
CA SER C 245 -48.89 13.82 10.45
C SER C 245 -47.85 13.22 9.52
N SER C 246 -46.57 13.46 9.84
CA SER C 246 -45.36 13.02 9.08
C SER C 246 -44.71 14.10 8.19
N ASN C 247 -45.45 15.20 7.92
CA ASN C 247 -44.94 16.35 7.18
C ASN C 247 -43.88 17.09 7.96
N VAL C 248 -42.93 17.63 7.20
CA VAL C 248 -42.16 18.76 7.66
C VAL C 248 -42.68 19.98 6.91
N GLU C 249 -42.99 21.03 7.64
CA GLU C 249 -43.34 22.26 6.94
C GLU C 249 -42.29 23.33 7.25
N VAL C 250 -41.87 24.07 6.20
CA VAL C 250 -40.87 25.12 6.37
C VAL C 250 -41.63 26.38 6.03
N LEU C 251 -41.97 27.12 7.08
CA LEU C 251 -42.71 28.40 6.98
C LEU C 251 -41.75 29.54 6.68
N HIS C 252 -42.18 30.41 5.78
CA HIS C 252 -41.44 31.63 5.49
C HIS C 252 -41.89 32.65 6.51
N VAL C 253 -41.01 33.01 7.44
CA VAL C 253 -41.39 33.71 8.66
C VAL C 253 -41.92 35.09 8.28
N ASN C 254 -43.14 35.41 8.70
CA ASN C 254 -43.83 36.66 8.25
C ASN C 254 -44.08 36.79 6.75
N LYS C 255 -44.08 35.68 6.01
CA LYS C 255 -44.44 35.73 4.57
C LYS C 255 -45.55 34.73 4.27
N PRO C 256 -46.21 34.87 3.10
CA PRO C 256 -47.40 34.08 2.82
C PRO C 256 -47.09 32.63 2.39
N ASP C 257 -45.86 32.35 1.96
CA ASP C 257 -45.54 31.05 1.35
C ASP C 257 -44.85 30.05 2.31
N LYS C 258 -44.81 28.78 1.92
CA LYS C 258 -44.15 27.76 2.72
C LYS C 258 -43.79 26.58 1.87
N TYR C 259 -42.96 25.69 2.42
CA TYR C 259 -42.68 24.39 1.83
C TYR C 259 -43.26 23.26 2.62
N GLN C 260 -43.70 22.19 1.93
CA GLN C 260 -44.10 20.95 2.59
C GLN C 260 -43.31 19.77 2.06
N LEU C 261 -42.74 19.00 2.98
CA LEU C 261 -41.77 17.98 2.70
C LEU C 261 -42.27 16.64 3.22
N HIS C 262 -42.20 15.60 2.39
CA HIS C 262 -42.88 14.41 2.69
C HIS C 262 -41.85 13.29 2.52
N LEU C 263 -41.03 13.02 3.54
CA LEU C 263 -40.13 11.82 3.46
C LEU C 263 -40.16 11.01 4.75
N HIS C 264 -41.20 11.24 5.56
CA HIS C 264 -41.41 10.43 6.71
C HIS C 264 -42.73 9.73 6.54
N GLU C 265 -42.84 8.52 7.06
CA GLU C 265 -44.12 7.79 7.06
C GLU C 265 -44.76 7.84 8.41
N SER C 266 -44.21 8.62 9.32
CA SER C 266 -44.75 8.64 10.65
C SER C 266 -44.31 9.98 11.27
N CYS C 267 -44.64 10.19 12.55
CA CYS C 267 -44.33 11.40 13.30
C CYS C 267 -42.89 11.89 13.17
N VAL C 268 -42.77 13.19 12.91
CA VAL C 268 -41.48 13.87 12.97
C VAL C 268 -41.22 14.28 14.45
N LEU C 269 -40.44 13.45 15.12
CA LEU C 269 -40.16 13.61 16.55
C LEU C 269 -39.23 14.78 16.91
N SER C 270 -38.24 15.06 16.07
CA SER C 270 -37.23 16.07 16.36
C SER C 270 -36.65 16.68 15.09
N LEU C 271 -36.07 17.87 15.21
CA LEU C 271 -35.40 18.47 14.08
C LEU C 271 -34.38 19.48 14.58
N LYS C 272 -33.38 19.75 13.75
CA LYS C 272 -32.31 20.65 14.13
C LYS C 272 -31.66 21.17 12.87
N PHE C 273 -31.50 22.50 12.77
CA PHE C 273 -30.70 23.10 11.71
C PHE C 273 -29.22 22.94 11.98
N ALA C 274 -28.42 22.74 10.91
CA ALA C 274 -26.99 23.05 10.98
C ALA C 274 -26.78 24.52 11.42
N TYR C 275 -25.68 24.76 12.10
CA TYR C 275 -25.32 26.12 12.51
C TYR C 275 -25.13 27.08 11.33
N CYS C 276 -24.59 26.65 10.19
CA CYS C 276 -24.53 27.53 8.97
C CYS C 276 -25.94 27.81 8.42
N GLY C 277 -26.91 27.01 8.86
CA GLY C 277 -28.28 27.18 8.43
C GLY C 277 -28.62 26.69 7.03
N LYS C 278 -27.65 26.18 6.25
CA LYS C 278 -27.90 25.79 4.83
C LYS C 278 -28.60 24.42 4.69
N TRP C 279 -28.64 23.66 5.76
CA TRP C 279 -29.30 22.37 5.77
C TRP C 279 -29.81 22.09 7.21
N PHE C 280 -30.75 21.17 7.33
CA PHE C 280 -31.26 20.68 8.62
C PHE C 280 -31.55 19.18 8.59
N VAL C 281 -31.79 18.66 9.78
CA VAL C 281 -32.19 17.23 9.87
C VAL C 281 -33.54 17.11 10.52
N SER C 282 -34.28 16.08 10.15
CA SER C 282 -35.47 15.65 10.91
C SER C 282 -35.32 14.16 11.24
N THR C 283 -35.98 13.73 12.32
CA THR C 283 -35.92 12.34 12.77
C THR C 283 -37.39 11.87 12.91
N GLY C 284 -37.68 10.61 12.58
CA GLY C 284 -39.04 10.14 12.58
C GLY C 284 -39.20 8.93 13.44
N LYS C 285 -40.45 8.74 13.86
CA LYS C 285 -40.88 7.51 14.48
C LYS C 285 -40.76 6.33 13.50
N ASP C 286 -40.58 6.65 12.21
CA ASP C 286 -40.45 5.62 11.12
C ASP C 286 -38.99 5.14 10.96
N ASN C 287 -38.14 5.47 11.93
CA ASN C 287 -36.73 5.15 11.97
C ASN C 287 -35.81 6.00 11.09
N LEU C 288 -36.31 7.07 10.48
CA LEU C 288 -35.43 7.77 9.57
C LEU C 288 -34.82 9.00 10.19
N LEU C 289 -33.56 9.23 9.81
CA LEU C 289 -32.89 10.54 9.95
C LEU C 289 -32.75 11.06 8.52
N ASN C 290 -33.43 12.20 8.23
CA ASN C 290 -33.37 12.82 6.92
C ASN C 290 -32.59 14.10 7.02
N ALA C 291 -31.77 14.38 6.01
CA ALA C 291 -31.05 15.63 5.92
C ALA C 291 -31.64 16.40 4.78
N TRP C 292 -31.86 17.70 5.00
CA TRP C 292 -32.65 18.48 4.07
C TRP C 292 -31.99 19.81 3.76
N ARG C 293 -32.13 20.25 2.52
CA ARG C 293 -31.63 21.58 2.10
C ARG C 293 -32.59 22.72 2.50
N THR C 294 -32.04 23.79 3.04
CA THR C 294 -32.81 24.96 3.39
C THR C 294 -32.95 25.87 2.16
N PRO C 295 -34.15 26.44 1.96
CA PRO C 295 -35.43 26.20 2.62
C PRO C 295 -36.36 25.13 1.99
N TYR C 296 -36.13 24.76 0.73
CA TYR C 296 -37.04 23.95 -0.07
C TYR C 296 -36.95 22.43 0.15
N GLY C 297 -36.05 21.98 1.01
CA GLY C 297 -36.01 20.57 1.35
C GLY C 297 -35.68 19.52 0.29
N ALA C 298 -34.61 19.76 -0.49
CA ALA C 298 -33.97 18.71 -1.29
C ALA C 298 -33.32 17.74 -0.34
N SER C 299 -33.42 16.47 -0.65
CA SER C 299 -32.98 15.39 0.25
C SER C 299 -31.50 15.11 0.03
N ILE C 300 -30.70 15.39 1.04
CA ILE C 300 -29.25 15.47 0.87
C ILE C 300 -28.71 14.10 1.24
N PHE C 301 -29.27 13.50 2.30
CA PHE C 301 -29.01 12.10 2.67
C PHE C 301 -30.13 11.58 3.52
N GLN C 302 -30.22 10.28 3.63
CA GLN C 302 -31.12 9.64 4.55
C GLN C 302 -30.40 8.47 5.18
N SER C 303 -30.68 8.26 6.47
CA SER C 303 -30.09 7.17 7.21
C SER C 303 -31.23 6.44 7.92
N LYS C 304 -31.35 5.16 7.68
CA LYS C 304 -32.41 4.37 8.33
C LYS C 304 -31.79 3.73 9.53
N GLU C 305 -32.36 3.98 10.71
CA GLU C 305 -31.81 3.43 11.96
C GLU C 305 -32.63 2.20 12.36
N SER C 306 -32.21 1.53 13.42
CA SER C 306 -32.91 0.28 13.84
C SER C 306 -34.28 0.48 14.50
N SER C 307 -34.57 1.72 14.95
CA SER C 307 -35.83 1.95 15.71
C SER C 307 -36.24 3.43 15.53
N SER C 308 -37.29 3.89 16.20
CA SER C 308 -37.67 5.28 16.12
C SER C 308 -36.53 6.18 16.55
N VAL C 309 -36.43 7.35 15.91
CA VAL C 309 -35.37 8.33 16.23
C VAL C 309 -36.09 9.51 16.93
N LEU C 310 -35.82 9.68 18.24
CA LEU C 310 -36.62 10.54 19.11
C LEU C 310 -36.05 11.90 19.24
N SER C 311 -34.73 12.03 19.00
CA SER C 311 -34.00 13.21 19.33
C SER C 311 -32.73 13.31 18.53
N CYS C 312 -32.17 14.50 18.44
CA CYS C 312 -30.96 14.73 17.66
C CYS C 312 -30.29 16.01 18.11
N ASP C 313 -29.03 16.15 17.78
CA ASP C 313 -28.32 17.41 17.98
C ASP C 313 -27.23 17.46 16.89
N ILE C 314 -26.76 18.67 16.59
CA ILE C 314 -25.68 18.83 15.63
C ILE C 314 -24.56 19.60 16.34
N SER C 315 -23.31 19.21 16.17
CA SER C 315 -22.22 19.90 16.82
C SER C 315 -22.05 21.35 16.25
N VAL C 316 -21.34 22.20 17.00
CA VAL C 316 -21.27 23.65 16.68
C VAL C 316 -20.57 23.93 15.37
N ASP C 317 -19.80 22.97 14.88
CA ASP C 317 -19.09 23.17 13.65
C ASP C 317 -19.74 22.38 12.51
N ASP C 318 -20.89 21.81 12.79
CA ASP C 318 -21.64 21.01 11.87
C ASP C 318 -20.93 19.77 11.41
N LYS C 319 -19.98 19.27 12.20
CA LYS C 319 -19.19 18.08 11.82
C LYS C 319 -19.81 16.76 12.34
N TYR C 320 -20.63 16.83 13.41
CA TYR C 320 -21.23 15.64 14.00
C TYR C 320 -22.71 15.75 14.18
N ILE C 321 -23.37 14.61 14.08
CA ILE C 321 -24.81 14.54 14.37
C ILE C 321 -24.94 13.40 15.38
N VAL C 322 -25.76 13.61 16.42
CA VAL C 322 -26.06 12.58 17.40
C VAL C 322 -27.56 12.38 17.37
N THR C 323 -28.00 11.14 17.36
CA THR C 323 -29.42 10.86 17.51
C THR C 323 -29.71 9.91 18.70
N GLY C 324 -30.91 10.05 19.27
CA GLY C 324 -31.39 9.15 20.34
C GLY C 324 -32.46 8.20 19.81
N SER C 325 -32.37 6.94 20.23
CA SER C 325 -33.15 5.85 19.68
C SER C 325 -34.13 5.19 20.64
N GLY C 326 -35.25 4.71 20.08
CA GLY C 326 -36.19 3.87 20.78
C GLY C 326 -35.58 2.50 21.04
N ASP C 327 -34.44 2.22 20.40
CA ASP C 327 -33.66 1.01 20.68
C ASP C 327 -32.65 1.22 21.85
N LYS C 328 -32.88 2.27 22.64
CA LYS C 328 -32.23 2.45 23.95
C LYS C 328 -30.73 2.72 23.80
N LYS C 329 -30.38 3.55 22.81
CA LYS C 329 -28.98 3.93 22.52
C LYS C 329 -28.97 5.32 21.85
N ALA C 330 -27.79 5.92 21.73
CA ALA C 330 -27.61 7.04 20.85
C ALA C 330 -26.60 6.66 19.76
N THR C 331 -26.65 7.37 18.63
CA THR C 331 -25.74 7.11 17.51
C THR C 331 -25.02 8.39 17.20
N VAL C 332 -23.70 8.32 17.04
CA VAL C 332 -22.90 9.43 16.67
C VAL C 332 -22.53 9.24 15.21
N TYR C 333 -22.85 10.22 14.39
CA TYR C 333 -22.39 10.30 12.99
C TYR C 333 -21.32 11.43 12.80
N GLU C 334 -20.31 11.17 11.94
CA GLU C 334 -19.51 12.25 11.34
C GLU C 334 -20.19 12.71 10.01
N VAL C 335 -20.34 14.02 9.83
CA VAL C 335 -20.82 14.61 8.57
C VAL C 335 -19.61 14.78 7.63
N ILE C 336 -19.72 14.23 6.42
CA ILE C 336 -18.62 14.20 5.45
C ILE C 336 -18.98 15.20 4.36
N TYR C 337 -18.05 16.10 4.12
CA TYR C 337 -18.28 17.21 3.19
C TYR C 337 -17.45 17.05 1.91
N ASP D 1 -47.15 13.38 -13.20
CA ASP D 1 -46.08 12.60 -12.48
C ASP D 1 -44.72 13.32 -12.42
N TYR D 2 -44.35 13.74 -11.22
CA TYR D 2 -43.13 14.52 -11.02
C TYR D 2 -42.15 13.80 -10.13
N PHE D 3 -40.88 14.11 -10.33
CA PHE D 3 -39.76 13.43 -9.70
C PHE D 3 -38.79 14.47 -9.25
N GLN D 4 -38.07 14.12 -8.18
CA GLN D 4 -37.06 14.97 -7.58
C GLN D 4 -35.81 14.17 -7.24
N GLY D 5 -34.66 14.80 -7.44
CA GLY D 5 -33.40 14.17 -7.04
C GLY D 5 -33.37 13.96 -5.53
N ALA D 6 -32.55 13.01 -5.12
CA ALA D 6 -32.23 12.72 -3.69
C ALA D 6 -30.82 12.15 -3.74
N MET D 7 -29.85 12.88 -3.16
CA MET D 7 -28.46 12.47 -3.29
C MET D 7 -28.24 11.21 -2.48
N GLY D 8 -27.42 10.30 -3.00
CA GLY D 8 -26.96 9.18 -2.19
C GLY D 8 -25.46 9.06 -2.26
N SER D 9 -24.95 7.92 -1.81
CA SER D 9 -23.54 7.65 -1.79
C SER D 9 -23.32 6.15 -1.68
N LYS D 10 -22.18 5.73 -2.21
CA LYS D 10 -21.77 4.31 -2.28
C LYS D 10 -20.28 4.22 -1.95
N PRO D 11 -19.82 3.01 -1.48
CA PRO D 11 -18.37 2.77 -1.52
C PRO D 11 -17.86 3.07 -2.92
N ALA D 12 -16.73 3.77 -2.99
CA ALA D 12 -16.14 4.24 -4.23
C ALA D 12 -16.13 3.15 -5.29
N TYR D 13 -16.61 3.51 -6.47
CA TYR D 13 -16.91 2.57 -7.53
C TYR D 13 -16.28 3.08 -8.81
N SER D 14 -15.83 4.34 -8.79
CA SER D 14 -15.20 5.01 -9.93
C SER D 14 -13.74 5.33 -9.62
N PHE D 15 -12.83 4.81 -10.44
CA PHE D 15 -11.39 4.96 -10.22
C PHE D 15 -10.73 5.47 -11.47
N HIS D 16 -9.86 6.46 -11.29
CA HIS D 16 -8.89 6.85 -12.33
C HIS D 16 -7.65 5.92 -12.27
N VAL D 17 -7.28 5.34 -13.42
CA VAL D 17 -6.15 4.39 -13.46
C VAL D 17 -4.89 4.94 -14.20
N MET D 23 -4.43 3.42 -9.72
CA MET D 23 -5.87 3.64 -9.37
C MET D 23 -6.12 4.59 -8.19
N GLN D 24 -6.64 5.78 -8.47
CA GLN D 24 -7.13 6.66 -7.41
C GLN D 24 -8.67 6.85 -7.52
N PRO D 25 -9.42 6.66 -6.41
CA PRO D 25 -10.87 6.91 -6.54
C PRO D 25 -11.09 8.34 -7.04
N VAL D 26 -12.05 8.54 -7.96
CA VAL D 26 -12.24 9.88 -8.53
C VAL D 26 -12.87 10.83 -7.55
N PRO D 27 -12.24 12.02 -7.34
CA PRO D 27 -12.97 13.08 -6.61
C PRO D 27 -13.88 13.80 -7.62
N PHE D 28 -15.20 13.61 -7.51
CA PHE D 28 -16.15 14.17 -8.51
C PHE D 28 -16.15 15.72 -8.48
N PRO D 29 -16.31 16.37 -9.64
CA PRO D 29 -16.40 17.83 -9.61
C PRO D 29 -17.86 18.24 -9.38
N PRO D 30 -18.15 19.55 -9.22
CA PRO D 30 -19.50 19.98 -8.82
C PRO D 30 -20.64 19.61 -9.81
N ASP D 31 -20.31 19.47 -11.09
CA ASP D 31 -21.29 19.11 -12.12
C ASP D 31 -21.23 17.62 -12.54
N ALA D 32 -20.65 16.78 -11.69
CA ALA D 32 -20.69 15.30 -11.89
C ALA D 32 -22.10 14.73 -11.98
N LEU D 33 -23.00 15.26 -11.14
CA LEU D 33 -24.27 14.62 -10.95
C LEU D 33 -25.48 15.56 -11.23
N ILE D 34 -25.20 16.80 -11.53
CA ILE D 34 -26.21 17.84 -11.64
C ILE D 34 -25.81 18.71 -12.82
N GLY D 35 -26.77 19.15 -13.64
CA GLY D 35 -26.52 20.21 -14.64
C GLY D 35 -27.39 20.12 -15.88
N PRO D 36 -27.37 21.13 -16.76
CA PRO D 36 -28.14 21.09 -18.03
C PRO D 36 -27.88 19.83 -18.85
N GLY D 37 -28.95 19.12 -19.19
CA GLY D 37 -28.83 17.89 -19.96
C GLY D 37 -28.22 16.71 -19.20
N ILE D 38 -28.16 16.83 -17.89
CA ILE D 38 -27.88 15.68 -17.02
C ILE D 38 -29.23 15.16 -16.56
N PRO D 39 -29.53 13.89 -16.85
CA PRO D 39 -30.80 13.30 -16.38
C PRO D 39 -31.02 13.36 -14.84
N ARG D 40 -32.26 13.54 -14.40
CA ARG D 40 -32.59 13.43 -12.99
C ARG D 40 -33.27 12.09 -12.64
N HIS D 41 -33.90 11.45 -13.63
CA HIS D 41 -34.70 10.25 -13.38
C HIS D 41 -35.01 9.61 -14.75
N ALA D 42 -35.00 8.29 -14.80
CA ALA D 42 -35.42 7.60 -15.99
C ALA D 42 -36.75 6.92 -15.64
N ARG D 43 -37.82 7.36 -16.29
CA ARG D 43 -39.14 6.81 -16.02
C ARG D 43 -39.59 5.75 -17.04
N GLN D 44 -40.02 4.57 -16.58
CA GLN D 44 -40.53 3.53 -17.50
C GLN D 44 -41.88 3.92 -18.02
N ILE D 45 -41.99 4.09 -19.33
CA ILE D 45 -43.27 4.49 -19.91
C ILE D 45 -43.98 3.43 -20.74
N ASN D 46 -43.21 2.51 -21.30
CA ASN D 46 -43.77 1.44 -22.11
C ASN D 46 -43.04 0.12 -21.86
N THR D 47 -43.79 -1.00 -21.92
CA THR D 47 -43.18 -2.33 -22.05
C THR D 47 -43.53 -2.85 -23.41
N LEU D 48 -42.52 -3.32 -24.15
CA LEU D 48 -42.73 -3.86 -25.50
C LEU D 48 -42.63 -5.40 -25.43
N ASN D 49 -43.81 -6.05 -25.48
CA ASN D 49 -43.87 -7.50 -25.26
C ASN D 49 -43.54 -8.26 -26.55
N HIS D 50 -42.25 -8.24 -26.93
CA HIS D 50 -41.79 -8.94 -28.14
C HIS D 50 -42.08 -10.46 -28.13
N GLY D 51 -41.74 -11.14 -27.04
CA GLY D 51 -42.05 -12.59 -26.91
C GLY D 51 -40.82 -13.45 -27.16
N GLU D 52 -39.73 -12.78 -27.53
CA GLU D 52 -38.42 -13.42 -27.71
C GLU D 52 -37.42 -12.49 -27.04
N VAL D 53 -36.31 -13.05 -26.60
CA VAL D 53 -35.27 -12.27 -25.98
C VAL D 53 -34.85 -11.13 -26.95
N VAL D 54 -34.75 -9.91 -26.45
CA VAL D 54 -34.56 -8.80 -27.33
C VAL D 54 -33.08 -8.41 -27.41
N CYS D 55 -32.39 -8.92 -28.43
CA CYS D 55 -30.95 -8.80 -28.54
C CYS D 55 -30.54 -7.50 -29.21
N ALA D 56 -31.49 -6.80 -29.84
CA ALA D 56 -31.19 -5.59 -30.59
C ALA D 56 -32.36 -4.65 -30.51
N VAL D 57 -32.07 -3.38 -30.24
CA VAL D 57 -33.07 -2.34 -30.29
C VAL D 57 -32.58 -1.10 -31.04
N THR D 58 -33.50 -0.43 -31.73
CA THR D 58 -33.16 0.87 -32.30
C THR D 58 -34.42 1.75 -32.32
N ILE D 59 -34.22 3.08 -32.36
CA ILE D 59 -35.29 4.07 -32.30
C ILE D 59 -35.18 4.99 -33.53
N SER D 60 -36.30 5.30 -34.19
CA SER D 60 -36.35 6.19 -35.31
C SER D 60 -35.97 7.63 -34.88
N ASN D 61 -35.63 8.42 -35.89
CA ASN D 61 -35.42 9.85 -35.75
C ASN D 61 -36.18 10.49 -36.91
N PRO D 62 -37.24 11.29 -36.65
CA PRO D 62 -37.71 11.71 -35.35
C PRO D 62 -38.23 10.53 -34.52
N THR D 63 -38.24 10.70 -33.20
CA THR D 63 -38.71 9.64 -32.32
C THR D 63 -40.18 9.33 -32.59
N ARG D 64 -40.49 8.07 -32.89
CA ARG D 64 -41.86 7.66 -33.12
C ARG D 64 -41.96 6.13 -33.08
N HIS D 65 -41.05 5.47 -33.80
CA HIS D 65 -41.05 4.02 -33.91
C HIS D 65 -39.86 3.40 -33.21
N VAL D 66 -40.09 2.29 -32.51
CA VAL D 66 -39.00 1.51 -31.93
C VAL D 66 -38.94 0.20 -32.66
N TYR D 67 -37.72 -0.33 -32.90
CA TYR D 67 -37.52 -1.60 -33.60
C TYR D 67 -36.89 -2.55 -32.60
N THR D 68 -37.50 -3.74 -32.44
CA THR D 68 -36.98 -4.73 -31.54
C THR D 68 -36.61 -5.96 -32.35
N GLY D 69 -35.39 -6.44 -32.19
CA GLY D 69 -34.95 -7.68 -32.85
C GLY D 69 -34.84 -8.83 -31.87
N GLY D 70 -35.54 -9.92 -32.17
CA GLY D 70 -35.52 -11.12 -31.31
C GLY D 70 -35.38 -12.35 -32.19
N LYS D 71 -35.59 -13.54 -31.66
CA LYS D 71 -35.49 -14.73 -32.51
C LYS D 71 -36.44 -14.74 -33.70
N GLY D 72 -35.90 -14.49 -34.89
CA GLY D 72 -36.69 -14.67 -36.10
C GLY D 72 -37.61 -13.56 -36.54
N CYS D 73 -37.47 -12.38 -35.96
CA CYS D 73 -38.49 -11.34 -36.18
C CYS D 73 -38.00 -10.01 -35.58
N VAL D 74 -38.08 -8.91 -36.36
CA VAL D 74 -37.97 -7.51 -35.85
C VAL D 74 -39.36 -6.98 -35.69
N LYS D 75 -39.74 -6.52 -34.51
CA LYS D 75 -41.06 -5.94 -34.33
C LYS D 75 -40.97 -4.41 -34.32
N VAL D 76 -41.99 -3.76 -34.89
CA VAL D 76 -42.07 -2.30 -34.98
C VAL D 76 -43.20 -1.76 -34.07
N TRP D 77 -42.88 -0.80 -33.22
CA TRP D 77 -43.76 -0.33 -32.12
C TRP D 77 -43.92 1.16 -32.30
N ASP D 78 -45.14 1.68 -32.12
CA ASP D 78 -45.40 3.10 -32.26
C ASP D 78 -45.63 3.66 -30.88
N ILE D 79 -44.61 4.29 -30.35
CA ILE D 79 -44.62 4.77 -28.99
C ILE D 79 -45.07 6.24 -28.81
N SER D 80 -45.55 6.87 -29.88
CA SER D 80 -46.01 8.25 -29.83
C SER D 80 -47.39 8.18 -29.21
N HIS D 81 -47.42 8.07 -27.87
CA HIS D 81 -48.36 7.18 -27.15
C HIS D 81 -49.37 6.32 -28.01
N PRO D 82 -49.68 5.12 -27.52
CA PRO D 82 -50.00 4.22 -26.48
C PRO D 82 -51.25 4.15 -25.62
N GLY D 83 -51.13 3.24 -24.65
CA GLY D 83 -52.06 2.13 -24.48
C GLY D 83 -51.24 0.96 -25.05
N ASN D 84 -49.90 1.20 -25.15
CA ASN D 84 -48.87 0.32 -25.83
C ASN D 84 -48.71 -1.05 -25.17
N LYS D 85 -49.43 -2.03 -25.68
CA LYS D 85 -49.95 -2.01 -27.05
C LYS D 85 -48.92 -2.86 -27.83
N SER D 86 -49.46 -3.90 -28.46
CA SER D 86 -48.97 -4.57 -29.64
C SER D 86 -48.14 -3.75 -30.64
N PRO D 87 -47.28 -4.44 -31.44
CA PRO D 87 -46.52 -3.83 -32.51
C PRO D 87 -47.45 -3.37 -33.60
N VAL D 88 -47.06 -2.33 -34.32
CA VAL D 88 -47.84 -1.89 -35.48
C VAL D 88 -47.45 -2.72 -36.72
N SER D 89 -46.25 -3.31 -36.71
CA SER D 89 -45.80 -4.15 -37.84
C SER D 89 -44.71 -5.11 -37.39
N GLN D 90 -44.33 -6.04 -38.25
CA GLN D 90 -43.28 -6.98 -37.86
C GLN D 90 -42.59 -7.42 -39.13
N LEU D 91 -41.31 -7.75 -39.00
CA LEU D 91 -40.43 -8.15 -40.11
C LEU D 91 -39.97 -9.56 -39.79
N ASP D 92 -40.54 -10.51 -40.51
CA ASP D 92 -40.30 -11.93 -40.27
C ASP D 92 -39.09 -12.43 -41.08
N CYS D 93 -38.05 -12.95 -40.40
CA CYS D 93 -36.94 -13.66 -41.06
C CYS D 93 -37.42 -15.03 -41.59
N LEU D 94 -36.72 -15.57 -42.58
CA LEU D 94 -36.99 -16.92 -43.12
C LEU D 94 -36.77 -18.03 -42.06
N ASN D 95 -35.62 -18.02 -41.37
CA ASN D 95 -35.38 -18.93 -40.22
C ASN D 95 -35.84 -18.31 -38.90
N ARG D 96 -36.97 -18.82 -38.45
CA ARG D 96 -37.67 -18.30 -37.31
C ARG D 96 -36.93 -18.70 -36.03
N ASP D 97 -35.95 -19.61 -36.17
CA ASP D 97 -35.04 -19.95 -35.06
C ASP D 97 -33.71 -19.18 -35.05
N ASN D 98 -33.50 -18.31 -36.04
CA ASN D 98 -32.27 -17.51 -36.14
C ASN D 98 -32.33 -16.19 -35.35
N TYR D 99 -31.41 -16.04 -34.37
CA TYR D 99 -31.36 -14.86 -33.50
C TYR D 99 -30.82 -13.61 -34.24
N ILE D 100 -31.54 -12.50 -34.11
CA ILE D 100 -31.15 -11.23 -34.68
C ILE D 100 -30.21 -10.61 -33.67
N ARG D 101 -29.08 -10.07 -34.14
CA ARG D 101 -28.04 -9.51 -33.26
C ARG D 101 -27.88 -8.00 -33.36
N SER D 102 -28.26 -7.42 -34.48
CA SER D 102 -28.16 -5.98 -34.59
C SER D 102 -29.16 -5.48 -35.61
N CYS D 103 -29.68 -4.26 -35.39
CA CYS D 103 -30.44 -3.54 -36.45
C CYS D 103 -30.24 -2.04 -36.42
N LYS D 104 -30.10 -1.47 -37.59
CA LYS D 104 -29.76 -0.09 -37.68
C LYS D 104 -30.61 0.56 -38.77
N LEU D 105 -31.04 1.76 -38.45
CA LEU D 105 -31.89 2.52 -39.29
C LEU D 105 -31.00 3.50 -40.02
N LEU D 106 -31.31 3.70 -41.31
CA LEU D 106 -30.72 4.80 -42.09
C LEU D 106 -31.52 6.05 -41.76
N PRO D 107 -30.91 7.25 -41.80
CA PRO D 107 -31.75 8.49 -41.75
C PRO D 107 -32.86 8.60 -42.83
N ASP D 108 -32.66 7.99 -44.00
CA ASP D 108 -33.52 8.19 -45.21
C ASP D 108 -35.08 8.15 -45.12
N GLY D 109 -35.71 7.68 -44.03
CA GLY D 109 -35.22 6.61 -43.17
C GLY D 109 -36.24 5.70 -42.48
N CYS D 110 -36.99 4.82 -43.19
CA CYS D 110 -36.84 4.44 -44.64
C CYS D 110 -36.46 2.96 -44.86
N THR D 111 -35.26 2.62 -44.38
CA THR D 111 -34.72 1.27 -44.54
C THR D 111 -34.03 0.80 -43.25
N LEU D 112 -34.05 -0.51 -43.03
CA LEU D 112 -33.44 -1.09 -41.85
C LEU D 112 -32.50 -2.20 -42.24
N ILE D 113 -31.28 -2.13 -41.72
CA ILE D 113 -30.33 -3.21 -41.91
C ILE D 113 -30.33 -4.09 -40.68
N VAL D 114 -30.53 -5.38 -40.96
CA VAL D 114 -30.67 -6.39 -39.93
C VAL D 114 -29.56 -7.43 -40.12
N GLY D 115 -28.87 -7.78 -39.03
CA GLY D 115 -27.89 -8.85 -39.06
C GLY D 115 -28.08 -9.75 -37.86
N GLY D 116 -27.62 -10.97 -37.96
CA GLY D 116 -27.57 -11.84 -36.81
C GLY D 116 -26.94 -13.17 -37.10
N GLU D 117 -27.56 -14.23 -36.58
CA GLU D 117 -27.02 -15.57 -36.67
C GLU D 117 -27.44 -16.21 -37.95
N ALA D 118 -26.86 -15.69 -39.03
CA ALA D 118 -27.11 -16.15 -40.39
C ALA D 118 -26.02 -15.47 -41.21
N SER D 119 -25.72 -16.05 -42.38
CA SER D 119 -24.69 -15.52 -43.30
C SER D 119 -25.11 -14.24 -44.02
N THR D 120 -26.40 -13.89 -44.00
CA THR D 120 -26.87 -12.70 -44.74
C THR D 120 -27.28 -11.54 -43.82
N LEU D 121 -27.03 -10.31 -44.27
CA LEU D 121 -27.67 -9.14 -43.73
C LEU D 121 -28.88 -8.82 -44.65
N SER D 122 -30.00 -8.48 -44.01
CA SER D 122 -31.25 -8.11 -44.70
C SER D 122 -31.47 -6.59 -44.75
N ILE D 123 -31.70 -6.06 -45.94
CA ILE D 123 -32.06 -4.66 -46.07
C ILE D 123 -33.58 -4.63 -46.30
N TRP D 124 -34.27 -4.01 -45.36
CA TRP D 124 -35.73 -3.96 -45.39
C TRP D 124 -36.14 -2.58 -45.83
N ASP D 125 -36.94 -2.54 -46.91
CA ASP D 125 -37.64 -1.33 -47.30
C ASP D 125 -38.84 -1.07 -46.38
N LEU D 126 -38.79 0.02 -45.61
CA LEU D 126 -39.86 0.36 -44.65
C LEU D 126 -40.88 1.41 -45.14
N ALA D 127 -40.36 2.45 -45.81
CA ALA D 127 -41.12 3.63 -46.30
C ALA D 127 -42.47 3.33 -47.00
N ALA D 128 -42.72 2.05 -47.26
CA ALA D 128 -43.84 1.58 -48.07
C ALA D 128 -45.08 0.96 -47.36
N PRO D 129 -45.36 1.27 -46.06
CA PRO D 129 -46.18 0.44 -45.16
C PRO D 129 -46.66 -0.94 -45.65
N THR D 130 -46.23 -1.97 -44.90
CA THR D 130 -45.98 -3.36 -45.34
C THR D 130 -44.53 -3.49 -45.83
N PRO D 131 -43.57 -3.13 -44.93
CA PRO D 131 -42.16 -3.48 -45.10
C PRO D 131 -41.90 -4.74 -45.93
N ARG D 132 -41.02 -4.60 -46.91
CA ARG D 132 -40.54 -5.76 -47.66
C ARG D 132 -39.02 -5.79 -47.69
N ILE D 133 -38.49 -6.99 -47.76
CA ILE D 133 -37.06 -7.22 -47.88
C ILE D 133 -36.58 -6.86 -49.31
N LYS D 134 -35.56 -5.99 -49.35
CA LYS D 134 -35.11 -5.25 -50.53
C LYS D 134 -33.92 -5.96 -51.15
N ALA D 135 -33.00 -6.38 -50.28
CA ALA D 135 -31.69 -6.91 -50.65
C ALA D 135 -31.17 -7.84 -49.53
N GLU D 136 -30.45 -8.88 -49.91
CA GLU D 136 -29.63 -9.64 -48.98
C GLU D 136 -28.18 -9.42 -49.36
N LEU D 137 -27.36 -9.14 -48.34
CA LEU D 137 -25.88 -9.08 -48.46
C LEU D 137 -25.26 -10.34 -47.83
N THR D 138 -24.69 -11.21 -48.66
CA THR D 138 -24.21 -12.51 -48.21
C THR D 138 -22.73 -12.54 -47.80
N SER D 139 -22.49 -12.99 -46.57
CA SER D 139 -21.16 -13.14 -45.94
C SER D 139 -20.70 -14.59 -46.13
N SER D 140 -19.40 -14.81 -46.01
CA SER D 140 -18.93 -16.18 -45.84
C SER D 140 -18.81 -16.52 -44.33
N ALA D 141 -18.81 -15.51 -43.46
CA ALA D 141 -18.90 -15.73 -42.01
C ALA D 141 -20.32 -16.17 -41.66
N PRO D 142 -20.44 -17.13 -40.73
CA PRO D 142 -21.76 -17.66 -40.30
C PRO D 142 -22.66 -16.65 -39.55
N ALA D 143 -22.08 -15.58 -38.99
CA ALA D 143 -22.85 -14.67 -38.14
C ALA D 143 -22.34 -13.24 -38.16
N CYS D 144 -23.27 -12.31 -37.92
CA CYS D 144 -23.01 -10.88 -37.63
C CYS D 144 -23.41 -10.59 -36.16
N TYR D 145 -22.49 -9.97 -35.43
CA TYR D 145 -22.67 -9.69 -34.01
C TYR D 145 -22.97 -8.19 -33.81
N ALA D 146 -22.69 -7.35 -34.80
CA ALA D 146 -22.88 -5.91 -34.65
C ALA D 146 -22.74 -5.17 -35.98
N LEU D 147 -23.45 -4.04 -36.07
CA LEU D 147 -23.47 -3.16 -37.23
C LEU D 147 -23.19 -1.73 -36.85
N ALA D 148 -22.66 -0.97 -37.81
CA ALA D 148 -22.52 0.47 -37.65
C ALA D 148 -22.77 1.02 -39.04
N ILE D 149 -23.42 2.19 -39.13
CA ILE D 149 -23.60 2.84 -40.42
C ILE D 149 -22.68 4.09 -40.47
N SER D 150 -22.04 4.35 -41.62
CA SER D 150 -21.27 5.58 -41.80
C SER D 150 -22.13 6.82 -41.68
N PRO D 151 -21.55 7.93 -41.21
CA PRO D 151 -22.33 9.20 -41.05
C PRO D 151 -23.03 9.67 -42.33
N ASP D 152 -22.48 9.34 -43.50
CA ASP D 152 -23.12 9.74 -44.75
C ASP D 152 -24.16 8.73 -45.25
N SER D 153 -24.20 7.58 -44.59
CA SER D 153 -25.19 6.54 -44.86
C SER D 153 -24.92 5.69 -46.12
N LYS D 154 -23.73 5.82 -46.70
CA LYS D 154 -23.37 5.06 -47.89
C LYS D 154 -22.91 3.64 -47.53
N VAL D 155 -22.42 3.46 -46.29
CA VAL D 155 -21.66 2.29 -45.91
C VAL D 155 -22.15 1.68 -44.60
N CYS D 156 -22.19 0.36 -44.58
CA CYS D 156 -22.51 -0.38 -43.40
C CYS D 156 -21.30 -1.26 -43.04
N PHE D 157 -20.88 -1.19 -41.79
CA PHE D 157 -19.78 -2.00 -41.30
C PHE D 157 -20.39 -3.14 -40.53
N SER D 158 -20.04 -4.37 -40.91
CA SER D 158 -20.54 -5.50 -40.21
C SER D 158 -19.43 -6.24 -39.41
N CYS D 159 -19.71 -6.52 -38.14
CA CYS D 159 -18.79 -7.27 -37.30
C CYS D 159 -19.10 -8.74 -37.48
N CYS D 160 -18.20 -9.44 -38.16
CA CYS D 160 -18.45 -10.84 -38.53
C CYS D 160 -17.94 -11.78 -37.41
N SER D 161 -18.63 -12.90 -37.21
CA SER D 161 -18.27 -13.96 -36.26
C SER D 161 -16.94 -14.63 -36.51
N ASP D 162 -16.40 -14.49 -37.72
CA ASP D 162 -15.00 -14.87 -38.02
C ASP D 162 -13.93 -13.86 -37.57
N GLY D 163 -14.33 -12.71 -37.01
CA GLY D 163 -13.36 -11.68 -36.68
C GLY D 163 -13.29 -10.52 -37.66
N ASN D 164 -13.59 -10.77 -38.93
CA ASN D 164 -13.52 -9.70 -39.93
C ASN D 164 -14.58 -8.57 -39.78
N ILE D 165 -14.18 -7.34 -40.16
CA ILE D 165 -15.09 -6.23 -40.32
C ILE D 165 -15.33 -6.01 -41.83
N ALA D 166 -16.49 -6.49 -42.28
CA ALA D 166 -17.02 -6.27 -43.64
C ALA D 166 -17.62 -4.88 -43.87
N VAL D 167 -17.18 -4.30 -44.98
CA VAL D 167 -17.59 -2.98 -45.39
C VAL D 167 -18.43 -3.11 -46.67
N TRP D 168 -19.71 -2.79 -46.54
CA TRP D 168 -20.69 -2.92 -47.61
C TRP D 168 -21.12 -1.57 -48.16
N ASP D 169 -21.01 -1.44 -49.46
CA ASP D 169 -21.53 -0.29 -50.19
C ASP D 169 -23.05 -0.52 -50.26
N LEU D 170 -23.82 0.43 -49.68
CA LEU D 170 -25.27 0.22 -49.52
C LEU D 170 -26.09 0.41 -50.81
N HIS D 171 -25.76 1.42 -51.62
CA HIS D 171 -26.41 1.59 -52.90
C HIS D 171 -26.13 0.39 -53.81
N ASN D 172 -24.88 -0.03 -53.86
CA ASN D 172 -24.48 -1.03 -54.84
C ASN D 172 -24.51 -2.47 -54.34
N GLN D 173 -24.81 -2.59 -53.04
CA GLN D 173 -25.05 -3.88 -52.37
C GLN D 173 -23.86 -4.79 -52.57
N THR D 174 -22.68 -4.22 -52.36
CA THR D 174 -21.45 -4.95 -52.63
C THR D 174 -20.43 -4.74 -51.53
N LEU D 175 -19.66 -5.80 -51.30
CA LEU D 175 -18.57 -5.81 -50.36
C LEU D 175 -17.37 -5.12 -50.97
N VAL D 176 -17.03 -3.99 -50.39
CA VAL D 176 -15.95 -3.12 -50.87
C VAL D 176 -14.55 -3.31 -50.22
N ARG D 177 -14.50 -3.78 -48.98
CA ARG D 177 -13.23 -4.16 -48.31
C ARG D 177 -13.52 -4.84 -46.99
N GLN D 178 -12.49 -5.46 -46.41
CA GLN D 178 -12.56 -6.05 -45.08
C GLN D 178 -11.41 -5.55 -44.19
N PHE D 179 -11.74 -5.20 -42.93
CA PHE D 179 -10.75 -4.91 -41.88
C PHE D 179 -10.46 -6.24 -41.16
N GLN D 180 -9.27 -6.80 -41.44
CA GLN D 180 -8.89 -8.12 -40.91
C GLN D 180 -7.97 -8.06 -39.69
N GLY D 181 -8.24 -8.87 -38.69
CA GLY D 181 -7.40 -8.80 -37.53
C GLY D 181 -7.87 -9.45 -36.25
N HIS D 182 -9.12 -9.17 -35.84
CA HIS D 182 -9.70 -9.85 -34.69
C HIS D 182 -9.63 -11.38 -34.84
N THR D 183 -9.38 -12.10 -33.75
CA THR D 183 -9.34 -13.56 -33.88
C THR D 183 -10.67 -14.32 -33.65
N ASP D 184 -11.47 -14.07 -32.65
CA ASP D 184 -12.82 -14.64 -32.92
C ASP D 184 -13.72 -13.46 -33.28
N GLY D 185 -15.01 -13.72 -33.51
CA GLY D 185 -15.94 -12.63 -33.80
C GLY D 185 -15.53 -11.30 -33.24
N ALA D 186 -15.72 -10.27 -34.05
CA ALA D 186 -15.76 -8.92 -33.57
C ALA D 186 -17.16 -8.76 -32.95
N SER D 187 -17.24 -8.26 -31.72
CA SER D 187 -18.56 -8.20 -31.02
C SER D 187 -19.29 -6.85 -30.98
N CYS D 188 -18.58 -5.74 -31.30
CA CYS D 188 -19.12 -4.39 -31.10
C CYS D 188 -18.28 -3.45 -31.89
N ILE D 189 -18.83 -2.26 -32.16
CA ILE D 189 -18.27 -1.33 -33.12
C ILE D 189 -18.86 0.07 -32.92
N ASP D 190 -18.03 1.08 -33.22
CA ASP D 190 -18.48 2.45 -33.29
C ASP D 190 -17.48 3.24 -34.19
N ILE D 191 -17.86 4.45 -34.59
CA ILE D 191 -17.02 5.32 -35.43
C ILE D 191 -16.58 6.54 -34.61
N SER D 192 -15.30 6.90 -34.72
CA SER D 192 -14.77 8.24 -34.34
C SER D 192 -15.80 9.35 -34.44
N ASN D 193 -15.72 10.33 -33.56
CA ASN D 193 -16.50 11.57 -33.74
C ASN D 193 -16.15 12.45 -34.98
N ASP D 194 -14.89 12.43 -35.45
CA ASP D 194 -14.53 13.08 -36.73
C ASP D 194 -14.92 12.23 -37.94
N GLY D 195 -15.40 11.00 -37.67
CA GLY D 195 -15.81 10.06 -38.71
C GLY D 195 -14.68 9.40 -39.49
N THR D 196 -13.45 9.47 -38.98
CA THR D 196 -12.27 9.00 -39.74
C THR D 196 -11.67 7.69 -39.19
N LYS D 197 -12.01 7.34 -37.94
CA LYS D 197 -11.49 6.14 -37.29
C LYS D 197 -12.64 5.17 -36.96
N LEU D 198 -12.42 3.88 -37.24
CA LEU D 198 -13.31 2.83 -36.75
C LEU D 198 -12.74 2.22 -35.48
N TRP D 199 -13.65 1.91 -34.55
CA TRP D 199 -13.30 1.26 -33.34
C TRP D 199 -14.14 -0.02 -33.15
N THR D 200 -13.48 -1.12 -32.82
CA THR D 200 -14.11 -2.42 -32.64
C THR D 200 -13.56 -3.15 -31.40
N GLY D 201 -14.38 -4.02 -30.82
CA GLY D 201 -13.98 -4.88 -29.71
C GLY D 201 -14.25 -6.33 -30.11
N GLY D 202 -13.54 -7.24 -29.45
CA GLY D 202 -13.66 -8.61 -29.83
C GLY D 202 -13.69 -9.60 -28.71
N LEU D 203 -14.19 -10.77 -29.06
CA LEU D 203 -14.17 -11.94 -28.21
C LEU D 203 -12.72 -12.38 -27.97
N ASP D 204 -11.79 -11.90 -28.80
CA ASP D 204 -10.35 -12.08 -28.59
C ASP D 204 -9.76 -11.19 -27.52
N ASN D 205 -10.61 -10.58 -26.69
CA ASN D 205 -10.13 -9.73 -25.58
C ASN D 205 -9.34 -8.45 -26.01
N THR D 206 -9.57 -7.98 -27.23
CA THR D 206 -8.92 -6.76 -27.73
C THR D 206 -9.89 -5.70 -28.22
N VAL D 207 -9.46 -4.44 -28.12
CA VAL D 207 -10.10 -3.33 -28.80
C VAL D 207 -9.09 -2.87 -29.87
N ARG D 208 -9.61 -2.62 -31.06
CA ARG D 208 -8.78 -2.15 -32.14
C ARG D 208 -9.36 -0.86 -32.75
N SER D 209 -8.49 -0.04 -33.33
CA SER D 209 -8.95 1.08 -34.13
C SER D 209 -8.35 0.97 -35.53
N TRP D 210 -9.08 1.49 -36.51
CA TRP D 210 -8.76 1.32 -37.92
C TRP D 210 -8.87 2.65 -38.58
N ASP D 211 -8.01 2.90 -39.54
CA ASP D 211 -8.13 4.08 -40.34
C ASP D 211 -9.14 3.85 -41.46
N LEU D 212 -10.19 4.65 -41.54
CA LEU D 212 -11.23 4.48 -42.59
C LEU D 212 -10.81 4.89 -44.02
N ARG D 213 -9.81 5.76 -44.16
CA ARG D 213 -9.44 6.17 -45.50
C ARG D 213 -8.29 5.34 -46.05
N GLU D 214 -7.45 4.84 -45.16
CA GLU D 214 -6.25 4.09 -45.55
C GLU D 214 -6.50 2.58 -45.44
N GLY D 215 -7.28 2.18 -44.44
CA GLY D 215 -7.73 0.79 -44.32
C GLY D 215 -7.03 -0.13 -43.33
N ARG D 216 -6.00 0.35 -42.66
CA ARG D 216 -5.20 -0.53 -41.79
C ARG D 216 -5.46 -0.31 -40.30
N GLN D 217 -5.08 -1.30 -39.51
CA GLN D 217 -5.24 -1.21 -38.09
C GLN D 217 -4.27 -0.16 -37.56
N LEU D 218 -4.74 0.66 -36.62
CA LEU D 218 -3.87 1.65 -35.99
C LEU D 218 -3.44 1.16 -34.60
N GLN D 219 -4.40 1.10 -33.68
CA GLN D 219 -4.07 0.70 -32.32
C GLN D 219 -4.63 -0.68 -31.94
N GLN D 220 -4.09 -1.19 -30.85
CA GLN D 220 -4.58 -2.40 -30.24
C GLN D 220 -4.41 -2.34 -28.73
N HIS D 221 -5.54 -2.54 -28.05
CA HIS D 221 -5.62 -2.53 -26.62
C HIS D 221 -6.04 -3.93 -26.18
N ASP D 222 -5.17 -4.56 -25.39
CA ASP D 222 -5.39 -5.90 -24.87
C ASP D 222 -5.94 -5.88 -23.43
N PHE D 223 -6.92 -6.74 -23.16
CA PHE D 223 -7.66 -6.79 -21.92
C PHE D 223 -7.64 -8.24 -21.42
N THR D 224 -8.01 -8.48 -20.16
CA THR D 224 -8.01 -9.87 -19.69
C THR D 224 -9.40 -10.53 -19.68
N SER D 225 -10.30 -9.95 -20.48
CA SER D 225 -11.68 -10.33 -20.49
C SER D 225 -12.18 -10.05 -21.91
N GLN D 226 -13.20 -10.80 -22.35
CA GLN D 226 -13.86 -10.57 -23.65
C GLN D 226 -14.55 -9.17 -23.70
N ILE D 227 -14.53 -8.51 -24.84
CA ILE D 227 -15.21 -7.21 -24.93
C ILE D 227 -16.54 -7.50 -25.57
N PHE D 228 -17.61 -6.95 -24.97
CA PHE D 228 -18.97 -7.12 -25.42
C PHE D 228 -19.62 -5.86 -26.00
N SER D 229 -19.20 -4.71 -25.51
CA SER D 229 -19.75 -3.46 -26.01
C SER D 229 -18.74 -2.36 -25.98
N LEU D 230 -19.00 -1.36 -26.81
CA LEU D 230 -18.20 -0.16 -26.80
C LEU D 230 -19.02 1.03 -27.36
N GLY D 231 -18.54 2.24 -27.11
CA GLY D 231 -19.18 3.41 -27.64
C GLY D 231 -18.16 4.50 -27.70
N TYR D 232 -18.27 5.37 -28.70
CA TYR D 232 -17.30 6.45 -28.86
C TYR D 232 -18.00 7.74 -28.54
N CYS D 233 -17.40 8.49 -27.62
CA CYS D 233 -18.01 9.73 -27.16
C CYS D 233 -18.15 10.69 -28.32
N PRO D 234 -19.36 11.23 -28.54
CA PRO D 234 -19.67 12.05 -29.70
C PRO D 234 -19.05 13.43 -29.71
N THR D 235 -18.51 13.87 -28.58
CA THR D 235 -17.76 15.14 -28.48
C THR D 235 -16.25 14.83 -28.42
N GLY D 236 -15.93 13.54 -28.46
CA GLY D 236 -14.55 13.07 -28.59
C GLY D 236 -13.84 12.63 -27.31
N GLU D 237 -12.60 12.16 -27.51
CA GLU D 237 -11.63 11.96 -26.45
C GLU D 237 -11.79 10.66 -25.62
N TRP D 238 -13.00 10.07 -25.61
CA TRP D 238 -13.25 8.94 -24.70
C TRP D 238 -13.92 7.76 -25.38
N LEU D 239 -13.51 6.57 -24.97
CA LEU D 239 -14.11 5.35 -25.49
C LEU D 239 -14.55 4.47 -24.33
N ALA D 240 -15.85 4.24 -24.25
CA ALA D 240 -16.38 3.39 -23.22
C ALA D 240 -16.42 1.92 -23.71
N VAL D 241 -15.94 1.01 -22.87
CA VAL D 241 -15.89 -0.41 -23.21
C VAL D 241 -16.57 -1.25 -22.11
N GLY D 242 -17.53 -2.10 -22.49
CA GLY D 242 -18.20 -2.98 -21.53
C GLY D 242 -17.57 -4.37 -21.61
N MET D 243 -17.13 -4.84 -20.44
CA MET D 243 -16.37 -6.05 -20.35
C MET D 243 -17.21 -7.22 -19.83
N GLU D 244 -16.85 -8.42 -20.26
CA GLU D 244 -17.41 -9.62 -19.65
C GLU D 244 -17.12 -9.71 -18.13
N SER D 245 -16.02 -9.11 -17.69
CA SER D 245 -15.57 -9.17 -16.31
C SER D 245 -16.53 -8.38 -15.43
N SER D 246 -17.35 -7.52 -16.04
CA SER D 246 -18.29 -6.65 -15.32
C SER D 246 -17.81 -5.18 -15.26
N ASN D 247 -16.54 -4.91 -15.61
CA ASN D 247 -15.96 -3.54 -15.58
C ASN D 247 -16.51 -2.76 -16.74
N VAL D 248 -16.75 -1.46 -16.52
CA VAL D 248 -16.83 -0.49 -17.65
C VAL D 248 -15.55 0.27 -17.58
N GLU D 249 -14.83 0.33 -18.70
CA GLU D 249 -13.57 1.09 -18.75
C GLU D 249 -13.75 2.21 -19.73
N VAL D 250 -13.31 3.41 -19.36
CA VAL D 250 -13.46 4.57 -20.24
C VAL D 250 -12.05 4.95 -20.60
N LEU D 251 -11.67 4.58 -21.83
CA LEU D 251 -10.30 4.75 -22.32
C LEU D 251 -10.15 6.19 -22.80
N HIS D 252 -9.04 6.82 -22.45
CA HIS D 252 -8.75 8.16 -22.92
C HIS D 252 -8.06 7.95 -24.28
N VAL D 253 -8.71 8.32 -25.39
CA VAL D 253 -8.10 8.01 -26.71
C VAL D 253 -6.77 8.77 -26.98
N ASN D 254 -5.77 8.01 -27.44
CA ASN D 254 -4.47 8.61 -27.78
C ASN D 254 -3.71 9.05 -26.50
N LYS D 255 -4.14 8.53 -25.33
CA LYS D 255 -3.61 8.90 -24.01
C LYS D 255 -3.41 7.66 -23.13
N PRO D 256 -2.53 7.75 -22.11
CA PRO D 256 -2.17 6.52 -21.36
C PRO D 256 -3.13 6.12 -20.24
N ASP D 257 -4.09 6.98 -19.92
CA ASP D 257 -4.94 6.81 -18.74
C ASP D 257 -6.39 6.38 -19.11
N LYS D 258 -7.13 5.92 -18.11
CA LYS D 258 -8.48 5.46 -18.29
C LYS D 258 -9.20 5.47 -16.92
N TYR D 259 -10.52 5.35 -16.95
CA TYR D 259 -11.35 5.16 -15.76
C TYR D 259 -11.84 3.71 -15.72
N GLN D 260 -11.83 3.08 -14.54
CA GLN D 260 -12.56 1.80 -14.41
C GLN D 260 -13.79 1.96 -13.49
N LEU D 261 -14.94 1.48 -13.95
CA LEU D 261 -16.17 1.71 -13.19
C LEU D 261 -16.73 0.37 -12.75
N HIS D 262 -17.24 0.33 -11.52
CA HIS D 262 -17.60 -0.94 -10.91
C HIS D 262 -19.02 -0.89 -10.33
N LEU D 263 -20.05 -0.86 -11.18
CA LEU D 263 -21.42 -1.00 -10.67
C LEU D 263 -22.19 -2.15 -11.36
N HIS D 264 -21.47 -3.00 -12.10
CA HIS D 264 -22.10 -4.25 -12.57
C HIS D 264 -21.50 -5.44 -11.83
N GLU D 265 -22.33 -6.45 -11.65
CA GLU D 265 -21.91 -7.71 -11.01
C GLU D 265 -21.75 -8.82 -12.02
N SER D 266 -22.07 -8.54 -13.28
CA SER D 266 -21.97 -9.53 -14.34
C SER D 266 -21.55 -8.82 -15.62
N CYS D 267 -21.53 -9.56 -16.73
CA CYS D 267 -21.16 -9.08 -18.07
C CYS D 267 -21.83 -7.76 -18.42
N VAL D 268 -21.05 -6.84 -18.94
CA VAL D 268 -21.60 -5.57 -19.44
C VAL D 268 -22.01 -5.79 -20.90
N LEU D 269 -23.29 -5.96 -21.14
CA LEU D 269 -23.77 -6.44 -22.45
C LEU D 269 -23.87 -5.45 -23.59
N SER D 270 -24.28 -4.22 -23.28
CA SER D 270 -24.36 -3.13 -24.24
C SER D 270 -24.00 -1.80 -23.55
N LEU D 271 -23.92 -0.77 -24.37
CA LEU D 271 -23.46 0.53 -23.96
C LEU D 271 -23.83 1.52 -25.01
N LYS D 272 -24.17 2.74 -24.63
CA LYS D 272 -24.53 3.78 -25.62
C LYS D 272 -24.37 5.17 -25.05
N PHE D 273 -23.67 6.09 -25.74
CA PHE D 273 -23.62 7.50 -25.27
C PHE D 273 -24.87 8.26 -25.58
N ALA D 274 -25.28 9.22 -24.71
CA ALA D 274 -26.22 10.27 -25.19
C ALA D 274 -25.62 11.02 -26.36
N TYR D 275 -26.47 11.60 -27.23
CA TYR D 275 -25.96 12.40 -28.35
C TYR D 275 -25.13 13.60 -27.89
N CYS D 276 -25.47 14.21 -26.74
CA CYS D 276 -24.71 15.39 -26.25
C CYS D 276 -23.34 14.95 -25.73
N GLY D 277 -23.17 13.65 -25.54
CA GLY D 277 -21.93 13.03 -25.09
C GLY D 277 -21.61 13.14 -23.62
N LYS D 278 -22.47 13.81 -22.84
CA LYS D 278 -22.21 14.18 -21.41
C LYS D 278 -22.47 13.05 -20.42
N TRP D 279 -23.17 12.04 -20.91
CA TRP D 279 -23.48 10.85 -20.14
C TRP D 279 -23.67 9.66 -21.09
N PHE D 280 -23.65 8.45 -20.55
CA PHE D 280 -23.91 7.26 -21.29
C PHE D 280 -24.52 6.25 -20.40
N VAL D 281 -25.02 5.16 -21.00
CA VAL D 281 -25.59 4.07 -20.25
C VAL D 281 -24.84 2.80 -20.58
N SER D 282 -24.83 1.84 -19.65
CA SER D 282 -24.33 0.48 -19.86
C SER D 282 -25.43 -0.45 -19.37
N THR D 283 -25.45 -1.67 -19.90
CA THR D 283 -26.51 -2.59 -19.50
C THR D 283 -25.81 -3.89 -19.10
N GLY D 284 -26.34 -4.54 -18.05
CA GLY D 284 -25.76 -5.78 -17.60
C GLY D 284 -26.59 -7.05 -17.67
N LYS D 285 -25.84 -8.15 -17.67
CA LYS D 285 -26.37 -9.46 -17.44
C LYS D 285 -26.93 -9.53 -16.02
N ASP D 286 -26.50 -8.61 -15.15
CA ASP D 286 -27.00 -8.56 -13.73
C ASP D 286 -28.35 -7.83 -13.57
N ASN D 287 -29.02 -7.52 -14.70
CA ASN D 287 -30.34 -6.85 -14.71
C ASN D 287 -30.23 -5.34 -14.59
N LEU D 288 -29.04 -4.76 -14.69
CA LEU D 288 -28.94 -3.31 -14.42
C LEU D 288 -28.78 -2.47 -15.65
N LEU D 289 -29.45 -1.32 -15.63
CA LEU D 289 -29.20 -0.24 -16.55
C LEU D 289 -28.55 0.82 -15.71
N ASN D 290 -27.32 1.17 -16.02
CA ASN D 290 -26.64 2.16 -15.23
C ASN D 290 -26.42 3.41 -16.07
N ALA D 291 -26.62 4.61 -15.51
CA ALA D 291 -26.31 5.87 -16.26
C ALA D 291 -25.02 6.46 -15.66
N TRP D 292 -24.15 6.96 -16.52
CA TRP D 292 -22.80 7.34 -16.12
C TRP D 292 -22.49 8.70 -16.65
N ARG D 293 -21.83 9.52 -15.86
CA ARG D 293 -21.30 10.81 -16.31
C ARG D 293 -19.98 10.60 -17.08
N THR D 294 -19.84 11.30 -18.22
CA THR D 294 -18.65 11.28 -19.02
C THR D 294 -17.65 12.34 -18.43
N PRO D 295 -16.36 12.00 -18.32
CA PRO D 295 -15.75 10.67 -18.56
C PRO D 295 -15.55 9.78 -17.35
N TYR D 296 -15.65 10.35 -16.15
CA TYR D 296 -15.15 9.69 -14.96
C TYR D 296 -16.20 8.79 -14.33
N GLY D 297 -17.44 8.80 -14.85
CA GLY D 297 -18.39 7.78 -14.41
C GLY D 297 -19.06 7.94 -13.05
N ALA D 298 -19.31 9.18 -12.61
CA ALA D 298 -20.28 9.37 -11.53
C ALA D 298 -21.61 8.71 -11.92
N SER D 299 -22.26 8.06 -10.97
CA SER D 299 -23.47 7.31 -11.21
C SER D 299 -24.69 8.22 -11.15
N ILE D 300 -25.28 8.50 -12.31
CA ILE D 300 -26.38 9.49 -12.48
C ILE D 300 -27.76 8.88 -12.13
N PHE D 301 -27.98 7.63 -12.49
CA PHE D 301 -29.14 6.82 -12.01
C PHE D 301 -28.79 5.36 -12.21
N GLN D 302 -29.59 4.49 -11.62
CA GLN D 302 -29.48 3.09 -11.85
C GLN D 302 -30.92 2.62 -11.90
N SER D 303 -31.20 1.69 -12.80
CA SER D 303 -32.51 1.09 -12.84
C SER D 303 -32.35 -0.41 -12.86
N LYS D 304 -32.99 -1.12 -11.94
CA LYS D 304 -32.89 -2.60 -11.92
C LYS D 304 -34.11 -3.24 -12.59
N GLU D 305 -33.90 -3.93 -13.70
CA GLU D 305 -35.01 -4.56 -14.41
C GLU D 305 -35.25 -6.01 -14.00
N SER D 306 -36.30 -6.64 -14.55
CA SER D 306 -36.64 -7.99 -14.16
C SER D 306 -35.68 -9.09 -14.62
N SER D 307 -34.84 -8.79 -15.60
CA SER D 307 -33.96 -9.82 -16.18
C SER D 307 -32.72 -9.15 -16.76
N SER D 308 -31.84 -9.99 -17.29
CA SER D 308 -30.67 -9.59 -18.06
C SER D 308 -30.98 -8.46 -19.08
N VAL D 309 -30.11 -7.45 -19.21
CA VAL D 309 -30.38 -6.34 -20.12
C VAL D 309 -29.33 -6.42 -21.23
N LEU D 310 -29.76 -6.92 -22.39
CA LEU D 310 -28.89 -7.35 -23.52
C LEU D 310 -28.55 -6.26 -24.49
N SER D 311 -29.37 -5.21 -24.50
CA SER D 311 -29.25 -4.18 -25.50
C SER D 311 -29.87 -2.86 -25.10
N CYS D 312 -29.49 -1.80 -25.79
CA CYS D 312 -30.06 -0.48 -25.55
C CYS D 312 -29.88 0.46 -26.75
N ASP D 313 -30.71 1.51 -26.76
CA ASP D 313 -30.50 2.66 -27.62
C ASP D 313 -30.96 3.91 -26.90
N ILE D 314 -30.37 5.02 -27.27
CA ILE D 314 -30.82 6.33 -26.84
C ILE D 314 -31.29 7.08 -28.06
N SER D 315 -32.44 7.76 -27.96
CA SER D 315 -32.94 8.52 -29.10
C SER D 315 -32.04 9.73 -29.42
N VAL D 316 -32.11 10.21 -30.65
CA VAL D 316 -31.25 11.29 -31.15
C VAL D 316 -31.51 12.59 -30.38
N ASP D 317 -32.72 12.74 -29.84
CA ASP D 317 -33.11 13.91 -29.09
C ASP D 317 -32.74 13.77 -27.63
N ASP D 318 -32.14 12.63 -27.26
CA ASP D 318 -31.74 12.32 -25.87
C ASP D 318 -32.91 12.23 -24.84
N LYS D 319 -34.14 12.14 -25.34
CA LYS D 319 -35.34 12.05 -24.50
C LYS D 319 -35.75 10.62 -24.10
N TYR D 320 -35.25 9.59 -24.80
CA TYR D 320 -35.68 8.22 -24.55
C TYR D 320 -34.54 7.23 -24.57
N ILE D 321 -34.67 6.25 -23.68
CA ILE D 321 -33.81 5.08 -23.66
C ILE D 321 -34.70 3.86 -23.88
N VAL D 322 -34.28 2.98 -24.79
CA VAL D 322 -34.96 1.68 -24.95
C VAL D 322 -33.96 0.63 -24.54
N THR D 323 -34.36 -0.34 -23.73
CA THR D 323 -33.46 -1.48 -23.43
C THR D 323 -34.14 -2.77 -23.91
N GLY D 324 -33.34 -3.77 -24.31
CA GLY D 324 -33.84 -5.10 -24.64
C GLY D 324 -33.65 -6.10 -23.53
N SER D 325 -34.64 -6.97 -23.33
CA SER D 325 -34.60 -7.81 -22.12
C SER D 325 -34.47 -9.34 -22.28
N GLY D 326 -33.78 -9.98 -21.32
CA GLY D 326 -33.82 -11.48 -21.22
C GLY D 326 -35.20 -11.99 -20.83
N ASP D 327 -36.08 -11.09 -20.44
CA ASP D 327 -37.47 -11.50 -20.20
C ASP D 327 -38.32 -11.28 -21.42
N LYS D 328 -37.73 -11.26 -22.62
CA LYS D 328 -38.50 -11.36 -23.86
C LYS D 328 -39.39 -10.14 -24.12
N LYS D 329 -38.84 -8.96 -23.79
CA LYS D 329 -39.51 -7.65 -23.86
C LYS D 329 -38.43 -6.55 -24.09
N ALA D 330 -38.87 -5.36 -24.47
CA ALA D 330 -38.05 -4.13 -24.39
C ALA D 330 -38.82 -3.13 -23.49
N THR D 331 -38.10 -2.18 -22.92
CA THR D 331 -38.67 -1.19 -22.02
C THR D 331 -38.31 0.15 -22.62
N VAL D 332 -39.30 1.05 -22.64
CA VAL D 332 -39.09 2.40 -23.07
C VAL D 332 -39.05 3.29 -21.82
N TYR D 333 -38.01 4.12 -21.74
CA TYR D 333 -37.87 5.02 -20.61
C TYR D 333 -37.94 6.41 -21.15
N GLU D 334 -38.67 7.26 -20.47
CA GLU D 334 -38.56 8.66 -20.67
C GLU D 334 -37.45 9.26 -19.78
N VAL D 335 -36.53 9.98 -20.40
CA VAL D 335 -35.46 10.68 -19.65
C VAL D 335 -35.93 12.04 -19.08
N ILE D 336 -35.99 12.12 -17.75
CA ILE D 336 -36.54 13.32 -17.07
C ILE D 336 -35.39 14.23 -16.71
N TYR D 337 -35.41 15.44 -17.23
CA TYR D 337 -34.28 16.36 -17.02
C TYR D 337 -34.71 17.36 -15.94
N MET E 1 10.94 -9.66 40.68
CA MET E 1 11.98 -8.75 40.08
C MET E 1 11.98 -8.83 38.57
N TRP E 2 11.96 -7.69 37.87
CA TRP E 2 12.03 -7.77 36.40
C TRP E 2 13.41 -8.23 35.89
N ARG E 3 13.43 -9.30 35.08
CA ARG E 3 14.65 -9.87 34.54
C ARG E 3 14.39 -10.25 33.10
N PRO E 4 14.93 -9.49 32.14
CA PRO E 4 14.56 -9.68 30.72
C PRO E 4 15.13 -10.92 29.98
N TRP E 5 16.08 -11.62 30.59
CA TRP E 5 16.79 -12.71 29.91
C TRP E 5 16.10 -14.08 30.07
N MET F 1 -48.17 10.54 31.17
CA MET F 1 -47.24 11.54 30.51
C MET F 1 -47.37 11.42 29.02
N TRP F 2 -47.35 12.54 28.31
CA TRP F 2 -47.32 12.46 26.87
C TRP F 2 -45.92 12.00 26.42
N ARG F 3 -45.90 10.92 25.62
CA ARG F 3 -44.68 10.31 25.09
C ARG F 3 -44.97 9.88 23.66
N PRO F 4 -44.38 10.60 22.69
CA PRO F 4 -44.73 10.47 21.27
C PRO F 4 -44.15 9.25 20.47
N TRP F 5 -43.25 8.49 21.09
CA TRP F 5 -42.43 7.51 20.35
C TRP F 5 -43.00 6.09 20.16
#